data_9FVQ
#
_entry.id   9FVQ
#
_cell.length_a   83.836
_cell.length_b   84.662
_cell.length_c   86.965
_cell.angle_alpha   89.959
_cell.angle_beta   118.666
_cell.angle_gamma   113.585
#
_symmetry.space_group_name_H-M   'P 1'
#
loop_
_entity.id
_entity.type
_entity.pdbx_description
1 polymer 'Ferric-mycobactin receptor, FemA'
2 non-polymer 'PYOCHELIN FE(III)'
3 non-polymer 'Pyochelin Fe(III) isomer'
4 non-polymer 1,2-ETHANEDIOL
5 non-polymer (HYDROXYETHYLOXY)TRI(ETHYLOXY)OCTANE
6 non-polymer pentane-2,4-dione
7 non-polymer 'POTASSIUM ION'
8 non-polymer 'DIMETHYL SULFOXIDE'
9 water water
#
_entity_poly.entity_id   1
_entity_poly.type   'polypeptide(L)'
_entity_poly.pdbx_seq_one_letter_code
;GAETLPAEYAGGQVARGARLGMLGNADVMDAPFSITSYTARTIEQQQARSVADLLQANDPSVRVVGGRGDLVDSYTIRGF
SVQNADVAFNGLYGLLPFWRVPIEFAERVEVLKGPNALLGGISPGGSVGGTINLVPKRADDQPLTRVSVDWTQRGQLGTH
LDIGRRFGENNAFGVRFNGVYRNGDTAVDHQSREFPMLSLGLDFRGERLRLSSDLLYQKESLEGVVRPLLTGPGTTHIPH
APDSKTRFGLRDSYLDQEDYSMVNRGEYDLADNLTAFASIGGRQSNYETIAANSILVGNQGDIVNSLARQRGDRRTYSAE
VGLRGNFDTGPLRHDWTLSANRLHERLGMVYAFTGMQSGNLYQTSPHTPLPDFSSLDGSIPKTNETDLGGVALADRLSFL
EDRVQVTLGVRRQQIESRNYDQTSGARTSHDKRHVWTPMASVLVKPLQDLSLYANYIQGLSQGEAAPMTAANAGQVLAPY
KAEQYEIGAKYDLGGFTTTLALFEIRKPNAYTDASNVFRADGEQRNRGVELSLYGEPLDGVRVMAGATYIKPEQNKTGDP
ASEGKDAPGVARRQANLGVSWDTPFVDGLTLDSRWIYTGSAYVDSANALAVPHWNRVDLGAAYAFQVAGKPLVARANLEN
ALGKDYWTAANGYLSISSPRTLSLSLTADF
;
_entity_poly.pdbx_strand_id   A,B
#
# COMPACT_ATOMS: atom_id res chain seq x y z
N GLY A 1 -11.65 4.38 23.79
CA GLY A 1 -10.37 3.65 23.64
C GLY A 1 -9.21 4.61 23.47
N ALA A 2 -8.00 4.10 23.75
CA ALA A 2 -6.78 4.88 23.73
C ALA A 2 -6.61 5.51 22.37
N GLU A 3 -6.98 4.81 21.30
CA GLU A 3 -6.63 5.19 19.94
C GLU A 3 -7.84 5.76 19.20
N THR A 4 -8.99 5.96 19.85
CA THR A 4 -10.15 6.55 19.16
C THR A 4 -9.86 8.02 18.81
N LEU A 5 -10.05 8.37 17.53
CA LEU A 5 -9.96 9.74 17.09
C LEU A 5 -10.87 10.67 17.91
N PRO A 6 -10.34 11.68 18.63
CA PRO A 6 -11.23 12.59 19.34
C PRO A 6 -12.15 13.30 18.35
N ALA A 7 -13.40 13.54 18.77
CA ALA A 7 -14.34 14.24 17.92
C ALA A 7 -13.96 15.71 17.79
N GLU A 8 -14.54 16.28 16.74
CA GLU A 8 -14.41 17.71 16.50
C GLU A 8 -15.19 18.49 17.57
N TYR A 9 -14.64 19.62 17.98
CA TYR A 9 -15.34 20.54 18.86
C TYR A 9 -16.28 21.38 17.99
N ALA A 10 -17.15 22.10 18.70
CA ALA A 10 -18.12 22.99 18.09
C ALA A 10 -17.37 23.86 17.09
N GLY A 11 -17.84 23.87 15.88
CA GLY A 11 -17.23 24.70 14.88
C GLY A 11 -16.36 23.88 13.94
N GLY A 12 -15.77 22.78 14.42
CA GLY A 12 -15.14 21.90 13.47
C GLY A 12 -13.70 22.34 13.16
N GLN A 13 -13.22 23.41 13.77
CA GLN A 13 -11.89 23.92 13.45
C GLN A 13 -10.84 23.34 14.39
N VAL A 14 -11.25 22.92 15.58
CA VAL A 14 -10.40 22.25 16.51
C VAL A 14 -11.14 21.01 17.00
N ALA A 15 -10.39 20.11 17.61
CA ALA A 15 -10.91 18.87 18.19
C ALA A 15 -10.99 18.91 19.72
N ARG A 16 -11.72 17.94 20.31
N ARG A 16 -11.73 17.95 20.32
CA ARG A 16 -12.13 17.89 21.72
CA ARG A 16 -12.10 17.91 21.75
C ARG A 16 -11.08 17.15 22.56
C ARG A 16 -11.01 17.24 22.59
N GLY A 17 -10.03 16.65 21.89
CA GLY A 17 -8.97 15.88 22.55
C GLY A 17 -7.72 15.66 21.68
N ALA A 18 -6.69 15.09 22.30
CA ALA A 18 -5.42 14.94 21.63
C ALA A 18 -4.64 13.86 22.39
N ARG A 19 -3.56 13.44 21.80
CA ARG A 19 -2.76 12.36 22.35
C ARG A 19 -1.84 12.84 23.46
N LEU A 20 -1.73 12.04 24.50
CA LEU A 20 -0.82 12.29 25.61
C LEU A 20 0.22 11.15 25.63
N GLY A 21 0.97 11.00 24.52
CA GLY A 21 2.00 9.98 24.37
C GLY A 21 1.47 8.60 24.74
N MET A 22 2.19 7.89 25.61
CA MET A 22 1.82 6.55 26.05
C MET A 22 0.42 6.47 26.66
N LEU A 23 -0.06 7.52 27.28
CA LEU A 23 -1.43 7.45 27.78
C LEU A 23 -2.52 7.38 26.70
N GLY A 24 -2.19 7.50 25.43
CA GLY A 24 -3.24 7.59 24.42
C GLY A 24 -4.01 8.91 24.42
N ASN A 25 -5.12 8.93 23.69
CA ASN A 25 -5.94 10.12 23.52
C ASN A 25 -6.70 10.48 24.79
N ALA A 26 -6.79 11.79 25.06
CA ALA A 26 -7.60 12.27 26.16
C ALA A 26 -8.39 13.49 25.73
N ASP A 27 -9.62 13.60 26.22
CA ASP A 27 -10.37 14.84 26.08
C ASP A 27 -9.63 16.02 26.75
N VAL A 28 -9.77 17.20 26.14
CA VAL A 28 -9.25 18.44 26.70
C VAL A 28 -9.60 18.53 28.18
N MET A 29 -10.87 18.19 28.54
CA MET A 29 -11.37 18.39 29.89
C MET A 29 -10.80 17.35 30.84
N ASP A 30 -10.19 16.26 30.35
CA ASP A 30 -9.49 15.28 31.17
C ASP A 30 -7.98 15.30 30.97
N ALA A 31 -7.46 16.28 30.26
CA ALA A 31 -6.02 16.39 30.09
C ALA A 31 -5.46 17.46 31.02
N PRO A 32 -4.56 17.06 31.93
CA PRO A 32 -3.88 18.02 32.79
C PRO A 32 -2.65 18.65 32.14
N PHE A 33 -2.78 18.98 30.85
CA PHE A 33 -1.82 19.69 30.03
C PHE A 33 -2.57 20.66 29.13
N SER A 34 -1.84 21.56 28.51
CA SER A 34 -2.40 22.45 27.53
C SER A 34 -2.26 21.79 26.16
N ILE A 35 -3.39 21.37 25.58
CA ILE A 35 -3.40 20.67 24.32
C ILE A 35 -4.39 21.38 23.42
N THR A 36 -3.98 21.52 22.15
CA THR A 36 -4.85 22.00 21.08
C THR A 36 -4.75 21.03 19.93
N SER A 37 -5.83 20.77 19.23
CA SER A 37 -5.76 19.95 18.05
C SER A 37 -6.48 20.67 16.91
N TYR A 38 -5.81 20.95 15.80
CA TYR A 38 -6.38 21.60 14.61
C TYR A 38 -6.86 20.50 13.65
N THR A 39 -8.00 20.71 13.00
CA THR A 39 -8.59 19.70 12.14
C THR A 39 -8.19 19.90 10.68
N ALA A 40 -8.42 18.83 9.92
CA ALA A 40 -8.34 18.82 8.45
C ALA A 40 -9.19 19.94 7.85
N ARG A 41 -10.38 20.21 8.43
CA ARG A 41 -11.21 21.24 7.85
C ARG A 41 -10.49 22.60 7.90
N THR A 42 -9.84 22.92 9.02
CA THR A 42 -9.07 24.15 9.18
C THR A 42 -7.90 24.17 8.20
N ILE A 43 -7.14 23.05 8.14
CA ILE A 43 -6.12 22.88 7.12
C ILE A 43 -6.61 23.25 5.71
N GLU A 44 -7.78 22.71 5.31
CA GLU A 44 -8.25 22.81 3.94
C GLU A 44 -8.81 24.22 3.69
N GLN A 45 -9.39 24.81 4.74
CA GLN A 45 -9.98 26.15 4.61
C GLN A 45 -8.92 27.25 4.43
N GLN A 46 -7.77 27.07 5.09
CA GLN A 46 -6.67 28.02 5.05
C GLN A 46 -5.64 27.71 3.97
N GLN A 47 -5.87 26.65 3.22
CA GLN A 47 -4.91 26.22 2.24
C GLN A 47 -3.49 26.10 2.80
N ALA A 48 -3.38 25.63 4.07
CA ALA A 48 -2.11 25.34 4.73
C ALA A 48 -1.44 24.07 4.21
N ARG A 49 -0.14 24.14 3.88
CA ARG A 49 0.54 23.02 3.22
C ARG A 49 1.50 22.32 4.19
N SER A 50 2.03 23.09 5.15
CA SER A 50 3.00 22.59 6.13
C SER A 50 2.54 22.84 7.56
N VAL A 51 3.18 22.12 8.50
CA VAL A 51 2.95 22.33 9.92
C VAL A 51 3.11 23.82 10.22
N ALA A 52 4.18 24.43 9.70
CA ALA A 52 4.43 25.83 9.96
C ALA A 52 3.31 26.77 9.50
N ASP A 53 2.79 26.52 8.29
CA ASP A 53 1.73 27.33 7.71
C ASP A 53 0.57 27.38 8.68
N LEU A 54 0.29 26.20 9.22
CA LEU A 54 -0.84 26.08 10.12
C LEU A 54 -0.63 26.76 11.47
N LEU A 55 0.47 26.40 12.17
CA LEU A 55 0.68 26.80 13.54
C LEU A 55 0.93 28.29 13.61
N GLN A 56 1.71 28.83 12.66
CA GLN A 56 1.97 30.25 12.71
C GLN A 56 0.65 31.01 12.58
N ALA A 57 -0.29 30.52 11.75
CA ALA A 57 -1.45 31.32 11.44
C ALA A 57 -2.41 31.34 12.60
N ASN A 58 -2.45 30.27 13.43
CA ASN A 58 -3.50 30.09 14.37
C ASN A 58 -3.05 30.06 15.82
N ASP A 59 -1.88 29.53 16.15
CA ASP A 59 -1.61 29.17 17.53
C ASP A 59 -0.83 30.30 18.21
N PRO A 60 -1.32 30.77 19.37
CA PRO A 60 -0.64 31.83 20.14
C PRO A 60 0.67 31.41 20.79
N SER A 61 0.86 30.10 20.92
CA SER A 61 2.02 29.54 21.58
C SER A 61 3.14 29.18 20.62
N VAL A 62 2.85 29.01 19.35
CA VAL A 62 3.87 28.53 18.46
C VAL A 62 4.26 29.66 17.53
N ARG A 63 5.58 29.85 17.34
CA ARG A 63 6.13 30.76 16.34
C ARG A 63 7.21 30.02 15.55
N VAL A 64 7.20 30.27 14.26
CA VAL A 64 8.06 29.65 13.27
C VAL A 64 9.35 30.43 13.00
N VAL A 65 10.45 29.67 12.92
CA VAL A 65 11.74 30.12 12.46
C VAL A 65 12.10 29.36 11.17
N GLY A 66 12.68 30.11 10.19
CA GLY A 66 13.08 29.63 8.89
C GLY A 66 12.08 30.07 7.84
N GLY A 67 10.93 29.36 7.80
CA GLY A 67 9.82 29.68 6.92
C GLY A 67 9.95 28.97 5.56
N ARG A 68 8.93 29.13 4.71
CA ARG A 68 8.73 28.27 3.58
C ARG A 68 9.79 28.44 2.50
N GLY A 69 10.52 29.59 2.48
CA GLY A 69 11.57 29.87 1.51
C GLY A 69 12.89 29.15 1.86
N ASP A 70 13.02 28.75 3.12
CA ASP A 70 14.17 28.05 3.69
C ASP A 70 13.96 26.55 3.51
N LEU A 71 14.99 25.76 3.71
CA LEU A 71 14.85 24.30 3.60
C LEU A 71 14.24 23.67 4.84
N VAL A 72 14.27 24.46 5.91
CA VAL A 72 13.81 23.95 7.21
C VAL A 72 12.92 24.97 7.92
N ASP A 73 11.92 24.46 8.63
CA ASP A 73 11.21 25.17 9.66
C ASP A 73 11.55 24.60 11.03
N SER A 74 11.74 25.49 12.01
CA SER A 74 11.69 25.09 13.43
C SER A 74 10.63 25.94 14.12
N TYR A 75 10.38 25.58 15.41
CA TYR A 75 9.22 26.07 16.14
C TYR A 75 9.73 26.56 17.51
N THR A 76 9.17 27.63 18.01
CA THR A 76 9.43 27.94 19.42
C THR A 76 8.11 27.82 20.17
N ILE A 77 8.19 27.17 21.34
CA ILE A 77 7.02 26.89 22.19
C ILE A 77 7.46 27.02 23.66
N ARG A 78 6.75 27.87 24.40
CA ARG A 78 7.05 28.19 25.78
C ARG A 78 8.51 28.64 25.94
N GLY A 79 8.99 29.44 24.99
CA GLY A 79 10.36 29.94 24.98
C GLY A 79 11.45 28.87 24.89
N PHE A 80 11.15 27.74 24.25
CA PHE A 80 12.19 26.80 23.86
C PHE A 80 11.99 26.40 22.39
N SER A 81 13.07 25.92 21.79
CA SER A 81 13.10 25.52 20.41
C SER A 81 12.52 24.11 20.30
N VAL A 82 11.76 23.93 19.24
CA VAL A 82 11.25 22.63 18.88
C VAL A 82 11.58 22.39 17.41
N GLN A 83 12.39 21.36 17.20
CA GLN A 83 12.86 20.99 15.88
C GLN A 83 11.74 20.34 15.08
N ASN A 84 11.67 20.59 13.78
CA ASN A 84 10.75 19.80 12.95
C ASN A 84 10.95 18.28 13.08
N ALA A 85 12.21 17.83 13.26
CA ALA A 85 12.56 16.42 13.40
C ALA A 85 11.88 15.84 14.64
N ASP A 86 11.46 16.73 15.56
CA ASP A 86 10.84 16.28 16.78
C ASP A 86 9.31 16.26 16.68
N VAL A 87 8.74 16.42 15.49
CA VAL A 87 7.30 16.28 15.36
C VAL A 87 6.90 14.79 15.38
N ALA A 88 5.93 14.43 16.23
CA ALA A 88 5.52 13.02 16.37
C ALA A 88 4.43 12.63 15.36
N PHE A 89 4.25 11.32 15.24
CA PHE A 89 3.32 10.74 14.30
C PHE A 89 2.57 9.67 15.09
N ASN A 90 1.29 9.92 15.40
CA ASN A 90 0.54 9.10 16.34
C ASN A 90 1.37 8.82 17.59
N GLY A 91 2.08 9.87 18.04
CA GLY A 91 2.78 9.75 19.30
C GLY A 91 4.23 9.22 19.16
N LEU A 92 4.62 8.75 17.96
CA LEU A 92 5.98 8.21 17.70
C LEU A 92 6.92 9.18 16.97
N TYR A 93 8.20 9.23 17.40
CA TYR A 93 9.23 10.07 16.82
C TYR A 93 9.93 9.33 15.68
N GLY A 94 10.45 10.11 14.76
CA GLY A 94 11.46 9.66 13.80
C GLY A 94 10.87 9.27 12.46
N LEU A 95 9.59 9.53 12.23
CA LEU A 95 8.88 8.94 11.10
C LEU A 95 8.36 9.96 10.10
N LEU A 96 8.58 11.24 10.34
CA LEU A 96 8.04 12.27 9.44
C LEU A 96 9.15 13.02 8.80
N PRO A 97 8.90 13.76 7.72
CA PRO A 97 9.97 14.35 6.92
C PRO A 97 10.80 15.28 7.81
N PHE A 98 12.11 15.15 7.73
CA PHE A 98 12.97 15.64 8.79
C PHE A 98 12.95 17.17 8.90
N TRP A 99 13.00 17.87 7.76
CA TRP A 99 13.16 19.33 7.81
C TRP A 99 11.81 20.04 7.84
N ARG A 100 10.82 19.48 7.16
CA ARG A 100 9.55 20.20 7.02
C ARG A 100 8.45 19.18 6.83
N VAL A 101 7.52 19.11 7.77
CA VAL A 101 6.43 18.12 7.71
C VAL A 101 5.31 18.68 6.84
N PRO A 102 4.93 18.04 5.74
CA PRO A 102 3.71 18.41 5.01
C PRO A 102 2.44 17.90 5.71
N ILE A 103 1.30 18.60 5.48
CA ILE A 103 0.09 18.26 6.21
C ILE A 103 -1.12 18.01 5.33
N GLU A 104 -0.96 17.94 3.99
CA GLU A 104 -2.09 17.70 3.11
C GLU A 104 -2.61 16.24 3.22
N PHE A 105 -1.93 15.40 4.01
CA PHE A 105 -2.45 14.08 4.38
C PHE A 105 -2.91 13.95 5.83
N ALA A 106 -2.94 15.03 6.59
CA ALA A 106 -3.19 15.02 8.02
C ALA A 106 -4.69 15.16 8.32
N GLU A 107 -5.19 14.39 9.28
CA GLU A 107 -6.50 14.61 9.85
C GLU A 107 -6.40 15.57 11.03
N ARG A 108 -5.30 15.54 11.76
CA ARG A 108 -5.13 16.49 12.85
C ARG A 108 -3.68 16.88 12.91
N VAL A 109 -3.49 18.08 13.40
CA VAL A 109 -2.18 18.51 13.91
C VAL A 109 -2.42 18.99 15.34
N GLU A 110 -1.70 18.39 16.31
CA GLU A 110 -1.92 18.63 17.72
C GLU A 110 -0.67 19.24 18.33
N VAL A 111 -0.89 20.03 19.39
CA VAL A 111 0.22 20.69 20.08
C VAL A 111 0.03 20.43 21.56
N LEU A 112 0.96 19.70 22.16
CA LEU A 112 1.08 19.58 23.62
C LEU A 112 2.19 20.51 24.12
N LYS A 113 1.79 21.53 24.88
CA LYS A 113 2.71 22.59 25.30
C LYS A 113 3.54 22.09 26.49
N GLY A 114 4.85 22.36 26.43
CA GLY A 114 5.74 21.99 27.52
C GLY A 114 6.34 20.62 27.33
N PRO A 115 7.41 20.32 28.10
CA PRO A 115 8.11 19.04 27.96
C PRO A 115 7.22 17.90 28.40
N ASN A 116 7.51 16.70 27.86
CA ASN A 116 6.66 15.55 28.06
C ASN A 116 7.45 14.23 27.99
N ALA A 117 8.67 14.18 28.59
CA ALA A 117 9.54 13.01 28.51
C ALA A 117 8.88 11.76 29.07
N LEU A 118 8.13 11.92 30.19
CA LEU A 118 7.46 10.74 30.73
C LEU A 118 6.56 10.13 29.66
N LEU A 119 5.80 10.99 28.94
CA LEU A 119 4.71 10.53 28.07
C LEU A 119 5.27 9.82 26.81
N GLY A 120 6.32 10.37 26.21
CA GLY A 120 6.77 9.88 24.90
C GLY A 120 8.22 9.48 24.85
N GLY A 121 9.00 9.75 25.93
CA GLY A 121 10.44 9.55 25.89
C GLY A 121 11.09 10.83 25.40
N ILE A 122 12.42 10.80 25.34
CA ILE A 122 13.16 11.86 24.71
C ILE A 122 12.85 11.95 23.20
N SER A 123 12.84 13.19 22.74
CA SER A 123 12.68 13.51 21.34
C SER A 123 14.03 13.31 20.72
N PRO A 124 14.10 12.85 19.47
CA PRO A 124 15.39 12.72 18.80
C PRO A 124 16.24 13.98 18.76
N GLY A 125 15.60 15.18 18.66
CA GLY A 125 16.30 16.43 18.48
C GLY A 125 16.59 17.11 19.84
N GLY A 126 16.17 16.49 20.95
CA GLY A 126 16.30 17.03 22.29
C GLY A 126 15.30 18.15 22.64
N SER A 127 14.23 18.35 21.83
CA SER A 127 13.33 19.50 22.07
C SER A 127 12.57 19.28 23.37
N VAL A 128 12.32 20.37 24.11
CA VAL A 128 11.55 20.35 25.33
C VAL A 128 10.42 21.39 25.39
N GLY A 129 10.28 22.24 24.33
CA GLY A 129 9.30 23.30 24.35
C GLY A 129 7.86 22.77 24.34
N GLY A 130 7.66 21.58 23.77
CA GLY A 130 6.36 21.07 23.44
C GLY A 130 6.42 19.95 22.37
N THR A 131 5.36 19.18 22.18
CA THR A 131 5.44 18.13 21.16
C THR A 131 4.31 18.38 20.20
N ILE A 132 4.62 18.42 18.90
CA ILE A 132 3.58 18.61 17.88
C ILE A 132 3.28 17.22 17.35
N ASN A 133 2.02 16.83 17.23
CA ASN A 133 1.71 15.45 16.84
C ASN A 133 0.78 15.47 15.64
N LEU A 134 1.08 14.70 14.61
CA LEU A 134 0.22 14.62 13.45
C LEU A 134 -0.53 13.30 13.56
N VAL A 135 -1.84 13.38 13.25
CA VAL A 135 -2.68 12.22 13.11
C VAL A 135 -2.98 12.08 11.61
N PRO A 136 -2.75 10.88 11.04
CA PRO A 136 -3.04 10.64 9.62
C PRO A 136 -4.54 10.46 9.32
N LYS A 137 -4.89 10.80 8.10
CA LYS A 137 -6.22 10.57 7.61
C LYS A 137 -6.48 9.08 7.56
N ARG A 138 -7.73 8.76 7.75
CA ARG A 138 -8.31 7.43 7.61
C ARG A 138 -9.52 7.54 6.67
N ALA A 139 -9.88 6.44 6.00
CA ALA A 139 -11.10 6.44 5.22
C ALA A 139 -12.31 6.46 6.16
N ASP A 140 -13.19 7.41 5.86
CA ASP A 140 -14.56 7.51 6.36
C ASP A 140 -15.44 6.48 5.68
N ASP A 141 -16.57 6.19 6.33
CA ASP A 141 -17.55 5.28 5.75
C ASP A 141 -18.03 5.77 4.37
N GLN A 142 -18.41 7.05 4.27
CA GLN A 142 -18.83 7.62 3.00
C GLN A 142 -17.63 7.68 2.05
N PRO A 143 -17.72 7.16 0.79
CA PRO A 143 -16.61 7.18 -0.15
C PRO A 143 -16.21 8.59 -0.50
N LEU A 144 -14.90 8.80 -0.73
CA LEU A 144 -14.38 10.13 -1.00
C LEU A 144 -13.59 9.99 -2.28
N THR A 145 -14.03 10.75 -3.29
CA THR A 145 -13.25 10.93 -4.49
C THR A 145 -13.14 12.43 -4.70
N ARG A 146 -12.07 12.99 -4.15
CA ARG A 146 -11.87 14.43 -4.07
C ARG A 146 -10.66 14.80 -4.91
N VAL A 147 -10.85 15.83 -5.76
CA VAL A 147 -9.79 16.43 -6.55
C VAL A 147 -9.78 17.91 -6.28
N SER A 148 -8.59 18.46 -6.08
CA SER A 148 -8.55 19.91 -6.06
C SER A 148 -7.41 20.35 -6.96
N VAL A 149 -7.51 21.58 -7.47
CA VAL A 149 -6.41 22.22 -8.19
C VAL A 149 -6.14 23.55 -7.53
N ASP A 150 -4.87 23.97 -7.57
CA ASP A 150 -4.50 25.19 -6.89
C ASP A 150 -3.43 25.97 -7.67
N TRP A 151 -3.32 27.24 -7.23
CA TRP A 151 -2.38 28.21 -7.77
C TRP A 151 -1.89 29.01 -6.57
N THR A 152 -0.57 29.20 -6.49
CA THR A 152 -0.04 30.11 -5.52
C THR A 152 1.00 31.02 -6.23
N GLN A 153 0.93 32.27 -5.89
CA GLN A 153 1.88 33.23 -6.45
C GLN A 153 3.33 32.77 -6.29
N ARG A 154 4.18 33.02 -7.30
CA ARG A 154 3.85 33.71 -8.52
C ARG A 154 3.30 32.77 -9.55
N GLY A 155 3.73 31.50 -9.61
CA GLY A 155 3.24 30.58 -10.62
C GLY A 155 3.34 29.11 -10.18
N GLN A 156 3.02 28.80 -8.94
CA GLN A 156 2.97 27.42 -8.50
C GLN A 156 1.60 26.84 -8.76
N LEU A 157 1.56 25.76 -9.56
CA LEU A 157 0.33 25.10 -9.91
C LEU A 157 0.35 23.75 -9.23
N GLY A 158 -0.75 23.41 -8.60
CA GLY A 158 -0.83 22.13 -7.96
C GLY A 158 -2.12 21.39 -8.13
N THR A 159 -2.01 20.11 -7.78
CA THR A 159 -3.13 19.18 -7.79
C THR A 159 -3.07 18.29 -6.56
N HIS A 160 -4.21 18.05 -5.94
CA HIS A 160 -4.30 17.18 -4.79
C HIS A 160 -5.49 16.26 -4.91
N LEU A 161 -5.21 14.96 -4.86
CA LEU A 161 -6.21 13.90 -4.88
C LEU A 161 -6.30 13.31 -3.50
N ASP A 162 -7.51 13.16 -2.99
CA ASP A 162 -7.78 12.54 -1.71
C ASP A 162 -8.90 11.55 -1.97
N ILE A 163 -8.54 10.29 -1.89
CA ILE A 163 -9.45 9.20 -2.23
C ILE A 163 -9.54 8.23 -1.07
N GLY A 164 -10.76 7.95 -0.65
CA GLY A 164 -10.96 7.06 0.47
C GLY A 164 -12.09 6.09 0.20
N ARG A 165 -11.91 4.88 0.65
CA ARG A 165 -12.99 3.90 0.67
C ARG A 165 -12.86 2.98 1.89
N ARG A 166 -13.99 2.64 2.53
CA ARG A 166 -14.05 1.56 3.48
C ARG A 166 -14.70 0.33 2.87
N PHE A 167 -14.30 -0.83 3.33
CA PHE A 167 -14.83 -2.07 2.72
C PHE A 167 -14.98 -3.13 3.79
N GLY A 168 -15.68 -4.22 3.42
CA GLY A 168 -15.85 -5.41 4.24
C GLY A 168 -17.06 -5.22 5.14
N GLU A 169 -17.44 -6.27 5.86
CA GLU A 169 -18.54 -6.18 6.80
C GLU A 169 -18.26 -5.07 7.82
N ASN A 170 -19.31 -4.31 8.14
CA ASN A 170 -19.26 -3.19 9.07
C ASN A 170 -18.14 -2.19 8.69
N ASN A 171 -17.72 -2.18 7.43
CA ASN A 171 -16.70 -1.25 6.97
C ASN A 171 -15.42 -1.42 7.78
N ALA A 172 -15.05 -2.68 8.04
CA ALA A 172 -13.89 -3.00 8.84
C ALA A 172 -12.57 -2.49 8.22
N PHE A 173 -12.46 -2.38 6.91
CA PHE A 173 -11.20 -2.04 6.25
C PHE A 173 -11.31 -0.62 5.71
N GLY A 174 -10.18 0.09 5.71
CA GLY A 174 -10.16 1.45 5.21
C GLY A 174 -8.91 1.65 4.39
N VAL A 175 -9.03 2.39 3.31
CA VAL A 175 -7.91 2.75 2.46
C VAL A 175 -8.07 4.22 2.10
N ARG A 176 -7.07 5.06 2.39
CA ARG A 176 -7.13 6.48 2.08
C ARG A 176 -5.78 6.88 1.46
N PHE A 177 -5.88 7.36 0.23
CA PHE A 177 -4.72 7.78 -0.55
C PHE A 177 -4.76 9.28 -0.76
N ASN A 178 -3.60 9.95 -0.63
CA ASN A 178 -3.47 11.35 -0.96
C ASN A 178 -2.28 11.46 -1.89
N GLY A 179 -2.47 12.16 -3.00
CA GLY A 179 -1.38 12.50 -3.87
C GLY A 179 -1.41 13.98 -4.16
N VAL A 180 -0.22 14.61 -4.16
CA VAL A 180 -0.08 16.04 -4.45
C VAL A 180 1.06 16.16 -5.44
N TYR A 181 0.87 17.04 -6.40
CA TYR A 181 2.00 17.51 -7.20
C TYR A 181 1.80 19.02 -7.34
N ARG A 182 2.82 19.75 -6.88
CA ARG A 182 2.79 21.21 -6.86
C ARG A 182 4.12 21.73 -7.40
N ASN A 183 4.06 22.62 -8.39
CA ASN A 183 5.31 23.09 -8.97
C ASN A 183 5.25 24.49 -9.52
N GLY A 184 6.31 25.28 -9.28
CA GLY A 184 6.52 26.50 -10.04
C GLY A 184 7.14 27.62 -9.20
N ASP A 185 7.03 28.86 -9.74
CA ASP A 185 7.74 29.96 -9.10
C ASP A 185 7.07 30.35 -7.79
N THR A 186 7.87 30.59 -6.72
CA THR A 186 7.30 31.07 -5.46
C THR A 186 7.13 32.59 -5.46
N ALA A 187 6.71 33.13 -4.31
CA ALA A 187 6.49 34.55 -4.11
C ALA A 187 7.81 35.27 -4.03
N VAL A 188 8.88 34.51 -3.78
CA VAL A 188 10.16 35.11 -3.56
C VAL A 188 10.99 35.18 -4.84
N ASP A 189 11.88 36.20 -4.88
CA ASP A 189 12.65 36.45 -6.09
C ASP A 189 13.55 35.27 -6.43
N HIS A 190 13.51 34.96 -7.73
CA HIS A 190 14.31 33.93 -8.37
C HIS A 190 14.19 32.61 -7.60
N GLN A 191 12.99 32.27 -7.15
CA GLN A 191 12.83 30.99 -6.47
C GLN A 191 11.74 30.18 -7.11
N SER A 192 11.97 28.85 -7.23
CA SER A 192 10.92 27.96 -7.70
C SER A 192 10.95 26.67 -6.86
N ARG A 193 9.81 25.97 -6.84
CA ARG A 193 9.70 24.85 -5.95
C ARG A 193 8.89 23.75 -6.62
N GLU A 194 9.39 22.54 -6.46
CA GLU A 194 8.65 21.33 -6.83
C GLU A 194 8.33 20.40 -5.63
N PHE A 195 7.09 19.91 -5.58
CA PHE A 195 6.67 19.17 -4.42
C PHE A 195 5.71 18.04 -4.79
N PRO A 196 6.23 16.84 -4.94
CA PRO A 196 5.42 15.61 -4.97
C PRO A 196 5.24 14.97 -3.61
N MET A 197 4.05 14.45 -3.33
CA MET A 197 3.74 13.79 -2.09
C MET A 197 2.75 12.66 -2.39
N LEU A 198 2.99 11.51 -1.81
CA LEU A 198 2.08 10.36 -1.85
C LEU A 198 1.94 9.84 -0.41
N SER A 199 0.70 9.58 0.01
CA SER A 199 0.42 8.95 1.27
C SER A 199 -0.60 7.83 1.12
N LEU A 200 -0.47 6.86 2.00
CA LEU A 200 -1.57 5.91 2.15
C LEU A 200 -1.81 5.66 3.64
N GLY A 201 -3.09 5.67 4.07
CA GLY A 201 -3.52 5.32 5.41
C GLY A 201 -4.42 4.06 5.30
N LEU A 202 -3.97 2.92 5.88
CA LEU A 202 -4.67 1.65 5.77
C LEU A 202 -5.06 1.21 7.16
N ASP A 203 -6.30 0.76 7.34
CA ASP A 203 -6.70 0.32 8.64
C ASP A 203 -7.64 -0.89 8.51
N PHE A 204 -7.60 -1.69 9.57
CA PHE A 204 -8.53 -2.78 9.79
C PHE A 204 -9.07 -2.54 11.18
N ARG A 205 -10.41 -2.55 11.34
CA ARG A 205 -11.02 -2.53 12.65
C ARG A 205 -11.78 -3.83 12.87
N GLY A 206 -11.27 -4.68 13.76
CA GLY A 206 -12.00 -5.89 14.10
C GLY A 206 -12.53 -5.87 15.53
N GLU A 207 -13.07 -7.03 15.92
CA GLU A 207 -13.64 -7.24 17.25
C GLU A 207 -12.61 -6.92 18.34
N ARG A 208 -11.50 -7.61 18.33
CA ARG A 208 -10.50 -7.49 19.38
C ARG A 208 -9.18 -6.98 18.79
N LEU A 209 -9.10 -6.95 17.45
CA LEU A 209 -7.89 -6.67 16.70
C LEU A 209 -8.08 -5.42 15.83
N ARG A 210 -7.17 -4.46 16.04
CA ARG A 210 -7.16 -3.22 15.31
C ARG A 210 -5.74 -3.01 14.74
N LEU A 211 -5.67 -2.76 13.42
CA LEU A 211 -4.40 -2.64 12.72
C LEU A 211 -4.45 -1.37 11.87
N SER A 212 -3.26 -0.82 11.60
CA SER A 212 -3.10 0.25 10.64
C SER A 212 -1.67 0.27 10.10
N SER A 213 -1.58 0.88 8.92
CA SER A 213 -0.33 1.08 8.22
C SER A 213 -0.41 2.48 7.58
N ASP A 214 0.63 3.24 7.78
CA ASP A 214 0.78 4.58 7.18
C ASP A 214 2.07 4.60 6.39
N LEU A 215 1.92 5.00 5.15
CA LEU A 215 3.05 5.24 4.28
C LEU A 215 3.00 6.65 3.73
N LEU A 216 4.19 7.22 3.58
CA LEU A 216 4.41 8.57 3.10
C LEU A 216 5.67 8.65 2.24
N TYR A 217 5.54 9.26 1.08
CA TYR A 217 6.67 9.72 0.29
C TYR A 217 6.51 11.22 0.09
N GLN A 218 7.58 11.99 0.18
CA GLN A 218 7.50 13.38 -0.16
C GLN A 218 8.87 13.81 -0.66
N LYS A 219 8.87 14.83 -1.54
CA LYS A 219 10.12 15.50 -1.85
C LYS A 219 9.85 17.00 -1.98
N GLU A 220 10.82 17.77 -1.49
CA GLU A 220 10.84 19.22 -1.65
C GLU A 220 12.10 19.60 -2.39
N SER A 221 11.90 20.17 -3.60
CA SER A 221 13.04 20.64 -4.36
C SER A 221 12.92 22.17 -4.52
N LEU A 222 13.96 22.87 -4.11
CA LEU A 222 14.06 24.31 -4.22
C LEU A 222 15.19 24.64 -5.19
N GLU A 223 14.89 25.58 -6.10
CA GLU A 223 15.84 26.41 -6.81
C GLU A 223 15.74 27.77 -6.17
N GLY A 224 16.83 28.06 -5.45
CA GLY A 224 16.91 29.20 -4.56
C GLY A 224 16.47 28.80 -3.14
N VAL A 225 17.37 28.98 -2.18
CA VAL A 225 17.13 28.62 -0.79
C VAL A 225 17.40 29.83 0.10
N VAL A 226 16.34 30.35 0.71
CA VAL A 226 16.46 31.42 1.70
C VAL A 226 17.07 30.81 2.97
N ARG A 227 17.99 31.59 3.59
CA ARG A 227 18.64 31.14 4.78
C ARG A 227 18.63 32.29 5.78
N PRO A 228 18.84 31.99 7.06
CA PRO A 228 18.97 33.03 8.09
C PRO A 228 20.08 34.08 7.97
N LEU A 229 19.86 35.22 8.67
CA LEU A 229 20.83 36.28 8.88
C LEU A 229 21.47 36.07 10.26
N LEU A 230 22.79 35.86 10.29
CA LEU A 230 23.53 35.68 11.51
C LEU A 230 24.04 37.03 11.95
N THR A 231 24.01 37.23 13.26
CA THR A 231 24.66 38.39 13.81
C THR A 231 26.19 38.15 13.77
N GLY A 232 26.98 39.22 13.56
CA GLY A 232 28.45 39.16 13.57
C GLY A 232 29.06 39.83 14.80
N PRO A 233 30.32 39.47 15.15
CA PRO A 233 30.91 39.79 16.46
C PRO A 233 30.62 41.21 16.93
N GLY A 234 30.72 42.18 16.00
CA GLY A 234 30.43 43.57 16.32
C GLY A 234 29.20 44.11 15.56
N THR A 235 28.14 43.33 15.46
CA THR A 235 26.84 43.89 15.17
C THR A 235 26.43 44.79 16.34
N THR A 236 26.02 46.02 16.08
CA THR A 236 25.54 46.85 17.16
C THR A 236 24.07 47.15 16.96
N HIS A 237 23.54 46.92 15.75
CA HIS A 237 22.10 47.07 15.56
C HIS A 237 21.62 46.20 14.40
N ILE A 238 20.36 45.75 14.51
CA ILE A 238 19.75 44.91 13.49
C ILE A 238 19.10 45.84 12.47
N PRO A 239 19.49 45.77 11.19
CA PRO A 239 18.89 46.63 10.17
C PRO A 239 17.43 46.31 10.02
N HIS A 240 16.71 47.24 9.41
CA HIS A 240 15.30 47.07 9.19
C HIS A 240 15.16 45.95 8.15
N ALA A 241 14.11 45.13 8.32
CA ALA A 241 13.86 44.02 7.42
C ALA A 241 13.65 44.53 6.00
N PRO A 242 14.25 43.84 5.01
CA PRO A 242 14.03 44.16 3.60
C PRO A 242 12.68 43.68 3.11
N ASP A 243 12.26 44.20 1.96
CA ASP A 243 11.15 43.68 1.19
C ASP A 243 11.27 42.16 1.22
N SER A 244 10.22 41.47 1.68
CA SER A 244 10.22 40.01 1.83
C SER A 244 10.34 39.21 0.50
N LYS A 245 10.16 39.88 -0.64
CA LYS A 245 10.44 39.24 -1.92
C LYS A 245 11.93 39.22 -2.25
N THR A 246 12.72 40.13 -1.68
CA THR A 246 14.15 40.13 -1.94
C THR A 246 14.73 38.78 -1.48
N ARG A 247 15.68 38.26 -2.23
CA ARG A 247 16.40 37.08 -1.79
C ARG A 247 17.89 37.35 -1.74
N PHE A 248 18.43 37.56 -0.52
CA PHE A 248 19.73 38.16 -0.34
C PHE A 248 20.80 37.12 -0.01
N GLY A 249 20.43 35.82 -0.02
CA GLY A 249 21.45 34.79 0.11
C GLY A 249 22.04 34.43 -1.24
N LEU A 250 22.41 33.13 -1.40
CA LEU A 250 23.11 32.61 -2.57
C LEU A 250 22.11 32.39 -3.72
N ARG A 251 22.36 33.04 -4.86
CA ARG A 251 21.38 33.05 -5.94
C ARG A 251 21.22 31.61 -6.45
N ASP A 252 22.33 30.88 -6.64
CA ASP A 252 22.20 29.56 -7.24
C ASP A 252 22.18 28.47 -6.19
N SER A 253 21.51 28.73 -5.08
CA SER A 253 21.36 27.70 -4.06
C SER A 253 20.32 26.70 -4.54
N TYR A 254 20.40 25.47 -4.07
CA TYR A 254 19.35 24.51 -4.32
C TYR A 254 19.21 23.63 -3.09
N LEU A 255 18.04 23.02 -3.04
CA LEU A 255 17.81 21.90 -2.16
C LEU A 255 17.10 20.81 -2.96
N ASP A 256 17.49 19.56 -2.69
CA ASP A 256 16.65 18.39 -2.92
C ASP A 256 16.56 17.60 -1.63
N GLN A 257 15.31 17.46 -1.13
CA GLN A 257 15.07 16.80 0.14
C GLN A 257 13.95 15.78 -0.03
N GLU A 258 14.25 14.51 0.29
CA GLU A 258 13.28 13.45 0.08
C GLU A 258 13.15 12.67 1.37
N ASP A 259 11.92 12.45 1.77
CA ASP A 259 11.65 11.66 2.94
C ASP A 259 10.58 10.65 2.58
N TYR A 260 10.79 9.43 3.04
CA TYR A 260 9.70 8.47 3.00
C TYR A 260 9.76 7.53 4.17
N SER A 261 8.58 7.01 4.52
CA SER A 261 8.41 6.27 5.75
C SER A 261 7.21 5.37 5.66
N MET A 262 7.22 4.41 6.59
CA MET A 262 6.14 3.50 6.80
C MET A 262 6.08 3.15 8.28
N VAL A 263 4.88 3.07 8.81
CA VAL A 263 4.73 2.57 10.18
C VAL A 263 3.49 1.69 10.27
N ASN A 264 3.65 0.55 10.93
CA ASN A 264 2.57 -0.39 11.15
C ASN A 264 2.25 -0.37 12.63
N ARG A 265 0.96 -0.43 12.94
CA ARG A 265 0.51 -0.25 14.31
C ARG A 265 -0.58 -1.28 14.58
N GLY A 266 -0.69 -1.71 15.83
CA GLY A 266 -1.71 -2.69 16.16
C GLY A 266 -2.09 -2.64 17.63
N GLU A 267 -3.32 -3.12 17.91
CA GLU A 267 -3.81 -3.39 19.24
C GLU A 267 -4.50 -4.75 19.25
N TYR A 268 -4.44 -5.47 20.36
CA TYR A 268 -5.28 -6.64 20.45
C TYR A 268 -5.82 -6.70 21.89
N ASP A 269 -7.13 -6.84 22.01
CA ASP A 269 -7.76 -6.89 23.33
C ASP A 269 -7.69 -8.31 23.87
N LEU A 270 -6.77 -8.51 24.81
CA LEU A 270 -6.56 -9.82 25.39
C LEU A 270 -7.66 -10.15 26.39
N ALA A 271 -8.34 -9.15 26.94
CA ALA A 271 -9.46 -9.41 27.82
C ALA A 271 -10.21 -8.10 27.86
N ASP A 272 -11.33 -8.06 28.57
CA ASP A 272 -12.11 -6.84 28.62
C ASP A 272 -11.33 -5.74 29.30
N ASN A 273 -10.32 -6.06 30.12
CA ASN A 273 -9.61 -5.01 30.82
C ASN A 273 -8.10 -5.07 30.51
N LEU A 274 -7.72 -5.63 29.37
CA LEU A 274 -6.31 -5.75 29.04
C LEU A 274 -6.13 -5.67 27.52
N THR A 275 -5.24 -4.75 27.08
CA THR A 275 -4.97 -4.58 25.66
C THR A 275 -3.47 -4.50 25.40
N ALA A 276 -3.01 -5.29 24.42
CA ALA A 276 -1.63 -5.21 23.93
C ALA A 276 -1.55 -4.28 22.71
N PHE A 277 -0.42 -3.59 22.55
CA PHE A 277 -0.19 -2.74 21.41
C PHE A 277 1.27 -2.81 21.03
N ALA A 278 1.50 -2.54 19.76
CA ALA A 278 2.84 -2.40 19.22
C ALA A 278 2.78 -1.55 17.95
N SER A 279 3.91 -0.95 17.65
CA SER A 279 4.19 -0.24 16.42
C SER A 279 5.62 -0.55 15.99
N ILE A 280 5.84 -0.68 14.68
CA ILE A 280 7.17 -0.72 14.07
C ILE A 280 7.11 0.16 12.81
N GLY A 281 8.09 1.02 12.68
CA GLY A 281 8.24 1.85 11.51
C GLY A 281 9.68 2.21 11.19
N GLY A 282 9.88 2.80 10.00
CA GLY A 282 11.13 3.48 9.68
C GLY A 282 11.01 4.52 8.57
N ARG A 283 12.08 5.24 8.39
CA ARG A 283 12.17 6.47 7.58
C ARG A 283 13.54 6.50 6.94
N GLN A 284 13.51 6.82 5.66
CA GLN A 284 14.67 7.20 4.89
C GLN A 284 14.56 8.67 4.54
N SER A 285 15.70 9.37 4.65
CA SER A 285 15.72 10.83 4.46
C SER A 285 16.99 11.16 3.72
N ASN A 286 16.81 11.73 2.52
CA ASN A 286 17.91 12.04 1.59
C ASN A 286 17.93 13.54 1.40
N TYR A 287 19.11 14.11 1.56
CA TYR A 287 19.31 15.53 1.57
C TYR A 287 20.50 15.94 0.73
N GLU A 288 20.27 16.94 -0.11
CA GLU A 288 21.35 17.49 -0.94
C GLU A 288 21.11 18.98 -1.05
N THR A 289 22.18 19.78 -0.84
CA THR A 289 22.05 21.22 -0.81
C THR A 289 23.41 21.89 -1.07
N ILE A 290 23.34 23.00 -1.78
CA ILE A 290 24.30 24.09 -1.67
C ILE A 290 23.48 25.36 -1.35
N ALA A 291 23.88 26.01 -0.27
CA ALA A 291 23.31 27.30 0.02
C ALA A 291 24.28 28.12 0.90
N ALA A 292 23.82 29.26 1.38
CA ALA A 292 24.62 30.15 2.18
C ALA A 292 23.78 30.80 3.27
N ASN A 293 24.38 30.87 4.46
CA ASN A 293 23.87 31.71 5.53
C ASN A 293 24.40 33.12 5.28
N SER A 294 23.58 34.11 5.58
CA SER A 294 23.92 35.53 5.39
C SER A 294 24.41 36.05 6.75
N ILE A 295 25.63 36.60 6.77
CA ILE A 295 26.19 37.21 7.98
C ILE A 295 26.24 38.74 7.88
N LEU A 296 25.69 39.36 8.90
CA LEU A 296 25.69 40.81 9.04
C LEU A 296 27.13 41.28 9.17
N VAL A 297 27.52 42.23 8.32
CA VAL A 297 28.82 42.87 8.45
C VAL A 297 28.60 44.39 8.44
N GLY A 298 29.16 45.11 9.42
CA GLY A 298 28.77 46.50 9.65
C GLY A 298 27.31 46.60 10.09
N ASN A 299 26.65 47.75 9.82
CA ASN A 299 25.35 47.98 10.42
C ASN A 299 24.38 48.68 9.45
N GLN A 300 24.76 48.82 8.18
CA GLN A 300 23.85 49.40 7.19
C GLN A 300 23.28 48.37 6.21
N GLY A 301 23.34 47.07 6.52
CA GLY A 301 22.70 46.13 5.62
C GLY A 301 23.68 45.30 4.78
N ASP A 302 24.99 45.62 4.81
CA ASP A 302 25.94 44.79 4.09
C ASP A 302 25.98 43.42 4.74
N ILE A 303 26.18 42.40 3.90
CA ILE A 303 26.32 41.04 4.44
C ILE A 303 27.46 40.31 3.74
N VAL A 304 27.87 39.18 4.33
CA VAL A 304 28.70 38.19 3.69
C VAL A 304 27.93 36.87 3.73
N ASN A 305 27.78 36.27 2.56
CA ASN A 305 27.15 34.96 2.43
C ASN A 305 28.25 33.90 2.56
N SER A 306 28.06 33.02 3.54
CA SER A 306 28.95 31.91 3.85
C SER A 306 28.32 30.65 3.28
N LEU A 307 28.95 30.14 2.22
CA LEU A 307 28.46 29.06 1.38
C LEU A 307 28.83 27.70 1.98
N ALA A 308 27.96 26.70 1.73
CA ALA A 308 28.18 25.32 2.14
C ALA A 308 27.47 24.36 1.19
N ARG A 309 28.08 23.21 0.97
CA ARG A 309 27.41 22.01 0.49
C ARG A 309 27.14 21.10 1.69
N GLN A 310 25.95 20.49 1.71
CA GLN A 310 25.57 19.53 2.75
C GLN A 310 24.93 18.38 2.00
N ARG A 311 25.26 17.15 2.38
CA ARG A 311 24.63 15.94 1.90
C ARG A 311 24.34 15.03 3.08
N GLY A 312 23.15 14.49 3.09
CA GLY A 312 22.67 13.64 4.18
C GLY A 312 21.91 12.41 3.70
N ASP A 313 22.27 11.29 4.35
CA ASP A 313 21.58 10.02 4.20
C ASP A 313 21.21 9.52 5.59
N ARG A 314 19.91 9.57 5.90
CA ARG A 314 19.51 9.30 7.26
C ARG A 314 18.50 8.17 7.33
N ARG A 315 18.76 7.21 8.20
CA ARG A 315 17.97 5.94 8.21
C ARG A 315 17.53 5.66 9.62
N THR A 316 16.22 5.74 9.84
CA THR A 316 15.68 5.72 11.18
C THR A 316 14.71 4.52 11.28
N TYR A 317 14.73 3.86 12.45
CA TYR A 317 13.79 2.82 12.86
C TYR A 317 13.15 3.26 14.18
N SER A 318 11.85 3.00 14.34
CA SER A 318 11.13 3.50 15.50
C SER A 318 10.03 2.51 15.83
N ALA A 319 9.91 2.13 17.11
CA ALA A 319 9.06 1.03 17.53
C ALA A 319 8.57 1.29 18.96
N GLU A 320 7.51 0.58 19.34
CA GLU A 320 6.96 0.61 20.68
C GLU A 320 6.21 -0.70 20.89
N VAL A 321 6.07 -1.10 22.15
CA VAL A 321 5.26 -2.26 22.49
C VAL A 321 4.75 -2.03 23.89
N GLY A 322 3.55 -2.51 24.19
CA GLY A 322 3.11 -2.29 25.57
C GLY A 322 1.78 -2.95 25.85
N LEU A 323 1.35 -2.74 27.09
CA LEU A 323 0.10 -3.17 27.66
C LEU A 323 -0.55 -2.00 28.36
N ARG A 324 -1.86 -1.95 28.22
CA ARG A 324 -2.68 -1.08 29.06
C ARG A 324 -3.88 -1.88 29.59
N GLY A 325 -4.21 -1.61 30.83
CA GLY A 325 -5.40 -2.19 31.45
C GLY A 325 -6.03 -1.30 32.52
N ASN A 326 -6.96 -1.93 33.24
CA ASN A 326 -7.73 -1.23 34.23
C ASN A 326 -8.19 -2.24 35.28
N PHE A 327 -8.15 -1.84 36.54
CA PHE A 327 -8.78 -2.58 37.63
C PHE A 327 -9.27 -1.60 38.69
N ASP A 328 -9.99 -2.12 39.70
CA ASP A 328 -10.40 -1.31 40.86
C ASP A 328 -9.78 -1.81 42.14
N THR A 329 -9.18 -0.91 42.94
CA THR A 329 -8.90 -1.18 44.33
C THR A 329 -9.91 -0.42 45.19
N GLY A 330 -11.17 -0.90 45.16
CA GLY A 330 -12.22 -0.37 46.00
C GLY A 330 -12.99 0.76 45.31
N PRO A 331 -12.93 2.01 45.83
CA PRO A 331 -13.58 3.17 45.19
C PRO A 331 -12.69 3.88 44.14
N LEU A 332 -11.56 3.26 43.85
CA LEU A 332 -10.58 3.87 42.99
C LEU A 332 -10.37 3.00 41.75
N ARG A 333 -10.42 3.62 40.59
CA ARG A 333 -10.09 2.95 39.35
C ARG A 333 -8.66 3.30 38.91
N HIS A 334 -7.94 2.24 38.55
CA HIS A 334 -6.62 2.30 37.96
C HIS A 334 -6.71 2.10 36.44
N ASP A 335 -6.18 3.08 35.68
CA ASP A 335 -5.96 2.90 34.25
C ASP A 335 -4.47 2.99 33.99
N TRP A 336 -3.85 1.83 33.80
CA TRP A 336 -2.39 1.77 33.85
C TRP A 336 -1.89 1.51 32.44
N THR A 337 -0.65 1.96 32.18
CA THR A 337 0.05 1.66 30.94
C THR A 337 1.49 1.29 31.24
N LEU A 338 1.94 0.21 30.61
CA LEU A 338 3.36 -0.17 30.65
C LEU A 338 3.84 -0.28 29.20
N SER A 339 4.88 0.50 28.89
CA SER A 339 5.27 0.77 27.52
C SER A 339 6.78 0.66 27.39
N ALA A 340 7.25 0.25 26.24
CA ALA A 340 8.67 0.32 25.94
C ALA A 340 8.87 0.78 24.49
N ASN A 341 9.86 1.66 24.25
CA ASN A 341 10.02 2.24 22.94
C ASN A 341 11.49 2.21 22.55
N ARG A 342 11.76 2.27 21.24
CA ARG A 342 13.12 2.28 20.73
C ARG A 342 13.21 3.14 19.47
N LEU A 343 14.18 4.09 19.38
CA LEU A 343 14.48 4.76 18.13
C LEU A 343 15.94 4.43 17.77
N HIS A 344 16.20 3.90 16.57
CA HIS A 344 17.57 3.64 16.17
C HIS A 344 17.86 4.40 14.88
N GLU A 345 18.98 5.13 14.74
CA GLU A 345 19.26 5.89 13.54
C GLU A 345 20.72 5.75 13.15
N ARG A 346 20.94 5.58 11.85
CA ARG A 346 22.26 5.75 11.25
C ARG A 346 22.21 6.91 10.27
N LEU A 347 23.15 7.84 10.41
CA LEU A 347 23.19 9.03 9.61
C LEU A 347 24.54 9.15 8.97
N GLY A 348 24.57 9.50 7.69
CA GLY A 348 25.79 10.12 7.18
C GLY A 348 25.47 11.56 6.83
N MET A 349 26.21 12.51 7.39
CA MET A 349 25.95 13.91 7.12
C MET A 349 27.32 14.57 6.88
N VAL A 350 27.57 14.94 5.65
CA VAL A 350 28.83 15.58 5.29
C VAL A 350 28.56 17.02 4.93
N TYR A 351 29.58 17.87 5.15
CA TYR A 351 29.46 19.23 4.73
C TYR A 351 30.83 19.83 4.49
N ALA A 352 30.83 20.94 3.76
CA ALA A 352 32.02 21.81 3.63
C ALA A 352 31.57 23.25 3.48
N PHE A 353 32.08 24.12 4.35
CA PHE A 353 31.82 25.54 4.28
C PHE A 353 32.98 26.14 3.51
N THR A 354 32.74 26.54 2.29
CA THR A 354 33.73 27.24 1.49
C THR A 354 33.05 28.40 0.75
N GLY A 355 33.69 29.57 0.76
CA GLY A 355 33.14 30.73 0.07
C GLY A 355 32.55 31.74 1.05
N MET A 356 32.96 33.00 0.87
CA MET A 356 32.50 34.16 1.62
C MET A 356 32.23 35.23 0.56
N GLN A 357 30.97 35.59 0.27
CA GLN A 357 30.69 36.44 -0.87
C GLN A 357 29.84 37.61 -0.40
N SER A 358 30.30 38.84 -0.70
N SER A 358 30.21 38.80 -0.90
CA SER A 358 29.66 40.07 -0.23
CA SER A 358 29.62 40.08 -0.56
C SER A 358 28.31 40.28 -0.91
C SER A 358 28.15 40.10 -0.96
N GLY A 359 27.31 40.72 -0.12
CA GLY A 359 25.96 41.01 -0.63
C GLY A 359 25.37 42.15 0.18
N ASN A 360 24.07 42.41 -0.01
CA ASN A 360 23.35 43.36 0.81
C ASN A 360 21.91 42.85 1.03
N LEU A 361 21.38 43.00 2.27
CA LEU A 361 20.00 42.67 2.68
C LEU A 361 18.94 43.17 1.72
N TYR A 362 19.16 44.40 1.23
CA TYR A 362 18.18 45.11 0.41
C TYR A 362 18.36 44.71 -1.04
N GLN A 363 19.25 43.78 -1.36
CA GLN A 363 19.41 43.47 -2.78
C GLN A 363 19.30 41.95 -3.01
N THR A 364 18.52 41.56 -4.02
CA THR A 364 18.46 40.19 -4.46
C THR A 364 19.80 39.82 -5.12
N SER A 365 20.49 38.77 -4.62
CA SER A 365 21.85 38.52 -5.03
C SER A 365 21.89 38.07 -6.49
N PRO A 366 22.93 38.49 -7.21
CA PRO A 366 23.21 37.98 -8.55
C PRO A 366 23.77 36.58 -8.51
N HIS A 367 23.84 35.94 -9.65
CA HIS A 367 24.62 34.72 -9.80
C HIS A 367 26.05 35.00 -9.41
N THR A 368 26.54 34.15 -8.52
CA THR A 368 27.90 34.20 -7.97
C THR A 368 28.52 32.83 -8.07
N PRO A 369 29.85 32.71 -7.92
CA PRO A 369 30.53 31.40 -8.02
C PRO A 369 30.00 30.35 -7.07
N LEU A 370 29.94 29.10 -7.56
CA LEU A 370 29.75 27.95 -6.70
C LEU A 370 31.11 27.29 -6.50
N PRO A 371 31.72 27.34 -5.31
CA PRO A 371 33.00 26.67 -5.09
C PRO A 371 32.94 25.23 -5.53
N ASP A 372 34.12 24.67 -5.67
CA ASP A 372 34.28 23.28 -6.03
C ASP A 372 34.11 22.45 -4.76
N PHE A 373 32.98 21.73 -4.68
CA PHE A 373 32.66 20.91 -3.53
C PHE A 373 32.77 19.42 -3.86
N SER A 374 33.68 19.05 -4.78
CA SER A 374 33.67 17.70 -5.31
C SER A 374 34.32 16.74 -4.30
N SER A 375 34.90 17.26 -3.20
CA SER A 375 35.44 16.42 -2.15
C SER A 375 34.32 15.74 -1.36
N LEU A 376 33.06 16.20 -1.51
CA LEU A 376 31.94 15.52 -0.90
C LEU A 376 31.30 14.55 -1.90
N ASP A 377 31.80 14.43 -3.16
CA ASP A 377 31.16 13.52 -4.09
C ASP A 377 31.29 12.08 -3.61
N GLY A 378 30.42 11.23 -4.08
CA GLY A 378 30.55 9.80 -3.88
C GLY A 378 29.62 9.37 -2.77
N SER A 379 29.89 8.21 -2.20
CA SER A 379 29.03 7.65 -1.19
C SER A 379 29.21 8.45 0.11
N ILE A 380 28.17 8.59 0.92
CA ILE A 380 28.20 9.43 2.10
C ILE A 380 28.59 8.50 3.24
N PRO A 381 29.72 8.67 3.93
CA PRO A 381 30.03 7.80 5.05
C PRO A 381 29.06 8.03 6.21
N LYS A 382 29.00 7.02 7.07
CA LYS A 382 28.37 7.15 8.38
C LYS A 382 29.11 8.12 9.30
N THR A 383 28.36 9.08 9.83
CA THR A 383 28.91 10.07 10.74
C THR A 383 28.27 9.96 12.13
N ASN A 384 27.09 9.29 12.26
CA ASN A 384 26.43 9.14 13.55
C ASN A 384 25.56 7.90 13.59
N GLU A 385 25.49 7.29 14.77
CA GLU A 385 24.59 6.19 15.06
C GLU A 385 24.01 6.50 16.42
N THR A 386 22.67 6.41 16.55
CA THR A 386 21.98 6.77 17.77
C THR A 386 21.01 5.67 18.12
N ASP A 387 20.89 5.40 19.43
CA ASP A 387 19.89 4.46 19.93
C ASP A 387 19.32 5.03 21.24
N LEU A 388 17.99 5.28 21.21
CA LEU A 388 17.18 5.83 22.28
C LEU A 388 16.15 4.74 22.59
N GLY A 389 16.10 4.33 23.83
CA GLY A 389 15.24 3.22 24.24
C GLY A 389 14.76 3.50 25.64
N GLY A 390 13.50 3.17 25.94
CA GLY A 390 13.02 3.45 27.26
C GLY A 390 11.94 2.46 27.63
N VAL A 391 11.65 2.44 28.95
CA VAL A 391 10.57 1.66 29.48
C VAL A 391 9.85 2.53 30.50
N ALA A 392 8.53 2.49 30.43
CA ALA A 392 7.74 3.37 31.26
C ALA A 392 6.56 2.62 31.83
N LEU A 393 6.19 3.16 32.98
CA LEU A 393 5.01 2.73 33.69
C LEU A 393 4.24 3.94 34.19
N ALA A 394 2.97 3.98 33.84
CA ALA A 394 2.08 5.02 34.34
C ALA A 394 0.74 4.47 34.84
N ASP A 395 0.15 5.18 35.80
CA ASP A 395 -1.19 4.82 36.27
C ASP A 395 -2.00 6.09 36.47
N ARG A 396 -3.17 6.13 35.87
CA ARG A 396 -4.14 7.17 36.15
C ARG A 396 -5.13 6.63 37.17
N LEU A 397 -5.11 7.27 38.33
CA LEU A 397 -6.00 6.92 39.43
C LEU A 397 -7.24 7.79 39.37
N SER A 398 -8.36 7.16 39.19
CA SER A 398 -9.57 7.93 39.09
C SER A 398 -10.43 7.71 40.36
N PHE A 399 -10.79 8.81 41.01
CA PHE A 399 -11.57 8.78 42.25
C PHE A 399 -12.87 9.55 42.10
N LEU A 400 -13.83 9.23 42.98
CA LEU A 400 -14.99 10.07 43.22
C LEU A 400 -15.69 10.28 41.89
N GLU A 401 -16.10 9.18 41.27
CA GLU A 401 -16.80 9.23 40.01
C GLU A 401 -16.01 9.87 38.90
N ASP A 402 -14.69 9.71 38.89
CA ASP A 402 -13.87 10.29 37.83
C ASP A 402 -13.79 11.83 37.92
N ARG A 403 -14.09 12.45 39.07
CA ARG A 403 -14.04 13.91 39.10
C ARG A 403 -12.72 14.38 39.66
N VAL A 404 -11.97 13.46 40.26
CA VAL A 404 -10.60 13.64 40.64
C VAL A 404 -9.80 12.55 39.94
N GLN A 405 -8.71 12.99 39.32
CA GLN A 405 -7.89 12.09 38.53
C GLN A 405 -6.44 12.40 38.83
N VAL A 406 -5.69 11.40 39.33
CA VAL A 406 -4.32 11.60 39.69
C VAL A 406 -3.48 10.69 38.79
N THR A 407 -2.52 11.28 38.05
CA THR A 407 -1.71 10.47 37.16
C THR A 407 -0.28 10.52 37.66
N LEU A 408 0.29 9.32 37.77
CA LEU A 408 1.69 9.14 38.12
C LEU A 408 2.39 8.25 37.10
N GLY A 409 3.68 8.51 36.84
CA GLY A 409 4.42 7.74 35.86
C GLY A 409 5.90 7.74 36.12
N VAL A 410 6.61 6.69 35.74
CA VAL A 410 8.05 6.89 35.66
C VAL A 410 8.57 6.17 34.44
N ARG A 411 9.61 6.78 33.84
CA ARG A 411 10.25 6.19 32.68
C ARG A 411 11.75 6.15 32.90
N ARG A 412 12.37 5.03 32.52
CA ARG A 412 13.82 4.95 32.42
C ARG A 412 14.19 5.18 30.95
N GLN A 413 14.88 6.31 30.69
CA GLN A 413 15.29 6.65 29.35
C GLN A 413 16.77 6.31 29.14
N GLN A 414 17.09 5.44 28.17
CA GLN A 414 18.48 5.19 27.73
C GLN A 414 18.83 6.07 26.51
N ILE A 415 20.05 6.60 26.47
CA ILE A 415 20.55 7.31 25.31
C ILE A 415 21.92 6.74 24.92
N GLU A 416 22.12 6.51 23.60
CA GLU A 416 23.45 6.19 23.14
C GLU A 416 23.66 6.76 21.75
N SER A 417 24.85 7.31 21.55
CA SER A 417 25.24 7.85 20.28
C SER A 417 26.74 7.63 20.07
N ARG A 418 27.09 7.32 18.83
CA ARG A 418 28.46 7.33 18.41
C ARG A 418 28.60 8.22 17.20
N ASN A 419 29.69 8.99 17.18
CA ASN A 419 30.05 9.84 16.08
C ASN A 419 31.41 9.47 15.49
N TYR A 420 31.54 9.68 14.17
CA TYR A 420 32.72 9.40 13.37
C TYR A 420 33.06 10.61 12.52
N ASP A 421 34.38 10.89 12.38
CA ASP A 421 34.79 12.09 11.66
C ASP A 421 34.43 11.90 10.19
N GLN A 422 33.89 12.94 9.56
CA GLN A 422 33.42 12.83 8.18
C GLN A 422 34.55 12.58 7.18
N THR A 423 35.79 13.01 7.47
CA THR A 423 36.88 12.84 6.50
C THR A 423 37.62 11.52 6.75
N SER A 424 38.01 11.25 8.03
CA SER A 424 38.90 10.18 8.45
C SER A 424 38.12 8.96 8.83
N GLY A 425 36.85 9.10 9.26
CA GLY A 425 36.14 7.93 9.78
C GLY A 425 36.49 7.63 11.24
N ALA A 426 37.42 8.39 11.81
CA ALA A 426 37.83 8.28 13.20
C ALA A 426 36.63 8.38 14.14
N ARG A 427 36.57 7.48 15.13
CA ARG A 427 35.61 7.61 16.22
C ARG A 427 35.91 8.82 17.06
N THR A 428 34.94 9.75 17.15
CA THR A 428 35.18 11.02 17.83
C THR A 428 34.53 11.05 19.21
N SER A 429 33.26 10.65 19.29
CA SER A 429 32.57 10.62 20.57
C SER A 429 31.64 9.41 20.65
N HIS A 430 31.42 8.94 21.88
CA HIS A 430 30.49 7.85 22.19
C HIS A 430 29.83 8.18 23.55
N ASP A 431 28.56 8.59 23.50
CA ASP A 431 27.80 8.96 24.68
C ASP A 431 26.90 7.79 25.03
N LYS A 432 26.84 7.42 26.30
CA LYS A 432 25.89 6.40 26.74
C LYS A 432 25.46 6.80 28.15
N ARG A 433 24.14 6.99 28.35
CA ARG A 433 23.60 7.53 29.57
C ARG A 433 22.24 6.88 29.84
N HIS A 434 21.78 7.02 31.08
CA HIS A 434 20.36 6.75 31.36
C HIS A 434 19.86 7.75 32.38
N VAL A 435 18.55 8.01 32.37
CA VAL A 435 17.89 8.95 33.27
C VAL A 435 16.54 8.37 33.59
N TRP A 436 16.14 8.43 34.85
CA TRP A 436 14.76 8.21 35.26
C TRP A 436 13.98 9.54 35.24
N THR A 437 12.79 9.55 34.65
CA THR A 437 12.05 10.79 34.48
C THR A 437 10.58 10.51 34.79
N PRO A 438 9.99 11.20 35.80
CA PRO A 438 8.61 10.94 36.24
C PRO A 438 7.64 12.00 35.77
N MET A 439 6.36 11.74 35.99
CA MET A 439 5.38 12.82 36.01
C MET A 439 4.42 12.60 37.18
N ALA A 440 3.73 13.67 37.54
CA ALA A 440 2.63 13.63 38.48
C ALA A 440 1.63 14.69 38.04
N SER A 441 0.36 14.33 38.04
CA SER A 441 -0.63 15.36 37.76
C SER A 441 -1.84 15.07 38.63
N VAL A 442 -2.65 16.13 38.70
CA VAL A 442 -3.95 16.07 39.32
C VAL A 442 -4.90 16.96 38.56
N LEU A 443 -6.12 16.45 38.39
CA LEU A 443 -7.14 17.22 37.70
C LEU A 443 -8.44 17.03 38.48
N VAL A 444 -9.17 18.13 38.69
CA VAL A 444 -10.40 18.10 39.45
C VAL A 444 -11.45 18.78 38.61
N LYS A 445 -12.65 18.20 38.62
CA LYS A 445 -13.74 18.76 37.84
C LYS A 445 -14.83 19.23 38.79
N PRO A 446 -14.72 20.45 39.32
CA PRO A 446 -15.79 21.01 40.13
C PRO A 446 -17.16 21.01 39.46
N LEU A 447 -17.20 21.38 38.19
CA LEU A 447 -18.40 21.34 37.35
C LEU A 447 -18.13 20.41 36.18
N GLN A 448 -19.21 19.93 35.55
CA GLN A 448 -19.10 19.11 34.36
C GLN A 448 -18.24 19.83 33.31
N ASP A 449 -18.42 21.15 33.25
CA ASP A 449 -17.82 22.05 32.31
C ASP A 449 -16.62 22.82 32.85
N LEU A 450 -16.10 22.47 34.02
CA LEU A 450 -14.94 23.17 34.48
C LEU A 450 -13.91 22.17 34.97
N SER A 451 -12.68 22.34 34.48
CA SER A 451 -11.61 21.46 34.91
C SER A 451 -10.46 22.28 35.45
N LEU A 452 -9.86 21.87 36.59
CA LEU A 452 -8.72 22.56 37.13
C LEU A 452 -7.60 21.56 37.22
N TYR A 453 -6.36 21.96 37.03
CA TYR A 453 -5.32 20.92 36.97
C TYR A 453 -3.96 21.45 37.35
N ALA A 454 -3.08 20.51 37.71
CA ALA A 454 -1.67 20.79 37.89
C ALA A 454 -0.84 19.65 37.35
N ASN A 455 0.35 19.97 36.83
CA ASN A 455 1.25 18.87 36.55
C ASN A 455 2.67 19.21 36.89
N TYR A 456 3.46 18.15 37.04
CA TYR A 456 4.91 18.23 37.03
C TYR A 456 5.40 17.20 36.01
N ILE A 457 6.30 17.64 35.13
CA ILE A 457 6.87 16.72 34.17
C ILE A 457 8.21 17.27 33.72
N GLN A 458 9.05 16.37 33.17
CA GLN A 458 10.36 16.81 32.73
C GLN A 458 10.56 16.70 31.21
N GLY A 459 11.63 17.30 30.75
CA GLY A 459 12.09 17.19 29.39
C GLY A 459 13.58 16.87 29.43
N LEU A 460 14.00 16.11 28.43
CA LEU A 460 15.38 15.68 28.35
C LEU A 460 15.98 16.14 27.02
N SER A 461 17.25 16.53 27.07
CA SER A 461 18.11 16.75 25.93
C SER A 461 19.45 16.07 26.21
N GLN A 462 19.96 15.40 25.20
CA GLN A 462 21.34 14.91 25.14
C GLN A 462 22.30 16.08 25.35
N GLY A 463 23.37 15.80 26.07
CA GLY A 463 24.35 16.83 26.33
C GLY A 463 25.07 17.27 25.04
N GLU A 464 25.49 18.53 25.01
CA GLU A 464 26.23 19.06 23.87
C GLU A 464 27.67 18.57 23.97
N ALA A 465 28.36 18.70 22.83
CA ALA A 465 29.80 18.55 22.80
C ALA A 465 30.47 19.93 22.85
N ALA A 466 31.58 19.99 23.56
CA ALA A 466 32.40 21.18 23.72
C ALA A 466 32.99 21.65 22.38
N PRO A 467 32.80 22.94 21.99
CA PRO A 467 33.32 23.43 20.71
C PRO A 467 34.82 23.12 20.62
N MET A 468 35.39 23.13 19.40
CA MET A 468 36.81 22.87 19.24
C MET A 468 37.64 23.95 19.94
N THR A 469 37.12 25.19 20.07
CA THR A 469 37.80 26.26 20.80
C THR A 469 38.06 25.91 22.26
N ALA A 470 37.17 25.13 22.86
CA ALA A 470 37.12 25.11 24.32
C ALA A 470 38.31 24.30 24.84
N ALA A 471 38.61 24.50 26.11
CA ALA A 471 39.54 23.65 26.81
C ALA A 471 39.14 22.17 26.68
N ASN A 472 37.83 21.82 26.66
CA ASN A 472 37.39 20.43 26.69
C ASN A 472 36.74 20.00 25.37
N ALA A 473 37.33 20.47 24.26
CA ALA A 473 36.89 20.22 22.91
C ALA A 473 36.47 18.77 22.77
N GLY A 474 35.26 18.55 22.26
CA GLY A 474 34.86 17.22 21.86
C GLY A 474 34.16 16.47 22.98
N GLN A 475 34.40 16.88 24.23
CA GLN A 475 33.83 16.23 25.40
C GLN A 475 32.31 16.39 25.42
N VAL A 476 31.57 15.29 25.62
CA VAL A 476 30.12 15.33 25.57
C VAL A 476 29.64 15.54 27.00
N LEU A 477 28.73 16.51 27.18
CA LEU A 477 28.24 16.90 28.51
C LEU A 477 27.09 15.95 28.84
N ALA A 478 26.70 15.93 30.11
CA ALA A 478 25.61 15.10 30.62
C ALA A 478 24.27 15.61 30.07
N PRO A 479 23.20 14.78 30.05
CA PRO A 479 21.88 15.23 29.59
C PRO A 479 21.37 16.43 30.38
N TYR A 480 20.57 17.23 29.71
CA TYR A 480 19.95 18.42 30.30
C TYR A 480 18.57 18.02 30.77
N LYS A 481 18.36 18.16 32.10
CA LYS A 481 17.06 17.78 32.60
C LYS A 481 16.21 19.03 32.75
N ALA A 482 15.14 19.13 31.96
CA ALA A 482 14.22 20.24 32.16
C ALA A 482 13.07 19.82 33.07
N GLU A 483 12.57 20.78 33.84
CA GLU A 483 11.50 20.48 34.77
C GLU A 483 10.41 21.53 34.64
N GLN A 484 9.19 21.02 34.46
CA GLN A 484 8.01 21.86 34.35
C GLN A 484 7.06 21.69 35.56
N TYR A 485 6.57 22.84 36.07
CA TYR A 485 5.34 22.85 36.83
C TYR A 485 4.32 23.65 36.06
N GLU A 486 3.08 23.23 36.13
CA GLU A 486 1.99 23.96 35.52
C GLU A 486 0.72 23.78 36.35
N ILE A 487 -0.10 24.80 36.33
CA ILE A 487 -1.48 24.74 36.79
C ILE A 487 -2.36 25.39 35.72
N GLY A 488 -3.62 25.02 35.70
CA GLY A 488 -4.53 25.78 34.85
C GLY A 488 -5.96 25.40 35.04
N ALA A 489 -6.80 25.98 34.17
CA ALA A 489 -8.24 25.94 34.27
C ALA A 489 -8.81 25.93 32.87
N LYS A 490 -9.81 25.08 32.65
CA LYS A 490 -10.49 25.04 31.35
C LYS A 490 -11.99 25.07 31.58
N TYR A 491 -12.70 25.93 30.84
CA TYR A 491 -14.14 26.10 31.05
C TYR A 491 -14.85 26.02 29.69
N ASP A 492 -15.66 24.98 29.54
CA ASP A 492 -16.40 24.67 28.33
C ASP A 492 -17.88 25.01 28.49
N LEU A 493 -18.33 26.07 27.84
CA LEU A 493 -19.71 26.52 27.95
C LEU A 493 -20.54 25.89 26.85
N GLY A 494 -20.13 24.75 26.28
CA GLY A 494 -20.88 24.13 25.21
C GLY A 494 -20.40 24.56 23.83
N GLY A 495 -20.60 25.84 23.50
CA GLY A 495 -20.22 26.35 22.20
C GLY A 495 -18.77 26.86 22.18
N PHE A 496 -18.22 27.35 23.29
CA PHE A 496 -16.83 27.76 23.32
C PHE A 496 -16.22 27.50 24.69
N THR A 497 -14.90 27.44 24.68
CA THR A 497 -14.04 27.06 25.77
C THR A 497 -13.04 28.19 26.01
N THR A 498 -12.77 28.51 27.28
CA THR A 498 -11.67 29.39 27.63
C THR A 498 -10.71 28.62 28.53
N THR A 499 -9.43 28.75 28.23
CA THR A 499 -8.42 28.14 29.09
C THR A 499 -7.43 29.17 29.58
N LEU A 500 -6.83 28.85 30.71
CA LEU A 500 -5.81 29.65 31.32
C LEU A 500 -4.79 28.66 31.84
N ALA A 501 -3.54 29.02 31.78
CA ALA A 501 -2.49 28.19 32.36
C ALA A 501 -1.37 29.09 32.84
N LEU A 502 -0.65 28.59 33.85
CA LEU A 502 0.53 29.28 34.36
C LEU A 502 1.57 28.20 34.34
N PHE A 503 2.76 28.52 33.85
CA PHE A 503 3.80 27.52 33.90
C PHE A 503 5.14 28.15 34.29
N GLU A 504 5.97 27.22 34.72
CA GLU A 504 7.39 27.45 34.78
C GLU A 504 8.15 26.26 34.22
N ILE A 505 9.20 26.57 33.43
CA ILE A 505 10.10 25.52 32.97
C ILE A 505 11.54 25.96 33.22
N ARG A 506 12.25 25.16 34.01
CA ARG A 506 13.65 25.40 34.32
C ARG A 506 14.47 24.39 33.53
N LYS A 507 15.62 24.83 32.99
CA LYS A 507 16.50 24.02 32.15
C LYS A 507 17.93 24.55 32.18
N PRO A 508 18.85 23.59 32.32
CA PRO A 508 20.28 23.86 32.19
C PRO A 508 20.65 24.32 30.80
N ASN A 509 21.63 25.21 30.75
CA ASN A 509 22.24 25.76 29.55
C ASN A 509 23.75 25.56 29.65
N ALA A 510 24.39 25.48 28.50
CA ALA A 510 25.83 25.32 28.45
C ALA A 510 26.44 26.59 27.83
N TYR A 511 27.64 26.91 28.30
CA TYR A 511 28.45 28.02 27.82
C TYR A 511 29.91 27.80 28.26
N THR A 512 30.79 28.54 27.60
CA THR A 512 32.23 28.49 27.85
C THR A 512 32.61 29.53 28.92
N ASP A 513 33.10 29.07 30.06
CA ASP A 513 33.29 29.95 31.19
C ASP A 513 34.51 30.83 30.92
N ALA A 514 34.87 31.71 31.86
CA ALA A 514 35.90 32.68 31.57
C ALA A 514 37.29 32.03 31.57
N SER A 515 37.36 30.73 31.89
CA SER A 515 38.60 29.98 31.76
C SER A 515 38.47 28.92 30.66
N ASN A 516 37.61 29.16 29.66
CA ASN A 516 37.47 28.37 28.44
C ASN A 516 37.06 26.89 28.61
N VAL A 517 36.52 26.51 29.78
CA VAL A 517 35.78 25.25 29.93
C VAL A 517 34.27 25.42 29.69
N PHE A 518 33.77 24.61 28.74
CA PHE A 518 32.37 24.53 28.38
C PHE A 518 31.66 23.66 29.40
N ARG A 519 30.76 24.28 30.15
CA ARG A 519 30.12 23.67 31.28
C ARG A 519 28.62 23.92 31.17
N ALA A 520 27.79 22.98 31.62
CA ALA A 520 26.37 23.24 31.65
C ALA A 520 25.99 23.77 33.04
N ASP A 521 26.56 24.93 33.40
CA ASP A 521 26.24 25.60 34.65
C ASP A 521 25.21 26.69 34.44
N GLY A 522 24.73 26.91 33.22
CA GLY A 522 23.70 27.90 32.98
C GLY A 522 22.34 27.35 33.41
N GLU A 523 21.44 28.24 33.82
CA GLU A 523 20.03 27.88 33.98
C GLU A 523 19.17 28.94 33.28
N GLN A 524 18.17 28.44 32.58
CA GLN A 524 17.08 29.21 32.04
C GLN A 524 15.83 28.89 32.87
N ARG A 525 15.04 29.92 33.11
CA ARG A 525 13.82 29.78 33.90
C ARG A 525 12.73 30.51 33.14
N ASN A 526 11.88 29.74 32.46
CA ASN A 526 10.84 30.35 31.66
C ASN A 526 9.55 30.29 32.47
N ARG A 527 8.89 31.43 32.73
CA ARG A 527 7.64 31.44 33.47
C ARG A 527 6.62 32.19 32.63
N GLY A 528 5.41 31.64 32.53
CA GLY A 528 4.50 32.28 31.58
C GLY A 528 3.05 32.07 31.92
N VAL A 529 2.18 32.78 31.19
CA VAL A 529 0.75 32.64 31.33
C VAL A 529 0.19 32.55 29.92
N GLU A 530 -0.78 31.67 29.79
CA GLU A 530 -1.35 31.44 28.47
C GLU A 530 -2.86 31.57 28.61
N LEU A 531 -3.48 32.27 27.67
CA LEU A 531 -4.93 32.38 27.70
C LEU A 531 -5.50 31.98 26.35
N SER A 532 -6.55 31.16 26.28
CA SER A 532 -7.16 30.87 24.98
C SER A 532 -8.70 30.87 25.04
N LEU A 533 -9.32 31.19 23.88
CA LEU A 533 -10.75 31.15 23.66
C LEU A 533 -10.94 30.53 22.28
N TYR A 534 -11.79 29.50 22.19
CA TYR A 534 -12.01 28.86 20.92
C TYR A 534 -13.42 28.32 20.89
N GLY A 535 -13.97 28.28 19.67
CA GLY A 535 -15.21 27.57 19.42
C GLY A 535 -16.14 28.39 18.54
N GLU A 536 -17.44 28.30 18.83
CA GLU A 536 -18.46 28.84 17.92
C GLU A 536 -19.42 29.63 18.79
N PRO A 537 -19.04 30.84 19.21
CA PRO A 537 -19.79 31.59 20.21
C PRO A 537 -21.16 32.02 19.71
N LEU A 538 -21.31 32.28 18.40
CA LEU A 538 -22.62 32.53 17.78
C LEU A 538 -22.76 31.57 16.63
N ASP A 539 -23.99 31.34 16.19
CA ASP A 539 -24.22 30.56 14.99
C ASP A 539 -23.48 31.16 13.77
N GLY A 540 -22.64 30.33 13.14
CA GLY A 540 -21.87 30.65 11.94
C GLY A 540 -20.67 31.56 12.19
N VAL A 541 -20.24 31.78 13.44
CA VAL A 541 -19.13 32.66 13.79
C VAL A 541 -18.21 31.87 14.71
N ARG A 542 -17.09 31.43 14.11
CA ARG A 542 -16.04 30.65 14.76
C ARG A 542 -14.86 31.54 15.07
N VAL A 543 -14.31 31.37 16.27
CA VAL A 543 -13.25 32.20 16.81
C VAL A 543 -12.19 31.29 17.42
N MET A 544 -10.93 31.61 17.18
CA MET A 544 -9.75 31.01 17.82
C MET A 544 -8.89 32.18 18.24
N ALA A 545 -8.74 32.43 19.55
CA ALA A 545 -7.88 33.50 20.00
C ALA A 545 -7.03 33.04 21.18
N GLY A 546 -6.00 33.81 21.46
CA GLY A 546 -5.19 33.49 22.62
C GLY A 546 -4.05 34.48 22.71
N ALA A 547 -3.39 34.47 23.85
CA ALA A 547 -2.29 35.36 24.13
C ALA A 547 -1.40 34.66 25.11
N THR A 548 -0.07 34.86 24.98
N THR A 548 -0.09 34.92 25.01
CA THR A 548 0.86 34.44 26.01
CA THR A 548 0.88 34.41 25.96
C THR A 548 1.68 35.62 26.51
C THR A 548 1.76 35.55 26.47
N TYR A 549 2.13 35.46 27.75
CA TYR A 549 3.14 36.31 28.30
C TYR A 549 4.17 35.41 28.92
N ILE A 550 5.44 35.62 28.56
CA ILE A 550 6.48 34.81 29.15
C ILE A 550 7.65 35.71 29.59
N LYS A 551 8.25 35.41 30.74
CA LYS A 551 9.52 35.94 31.17
C LYS A 551 10.57 34.84 31.04
N PRO A 552 11.39 34.89 29.99
CA PRO A 552 12.38 33.86 29.69
C PRO A 552 13.76 34.20 30.23
N GLU A 553 13.96 33.91 31.51
CA GLU A 553 15.05 34.53 32.23
C GLU A 553 16.25 33.61 32.08
N GLN A 554 17.38 34.21 31.73
CA GLN A 554 18.65 33.49 31.87
C GLN A 554 19.12 33.68 33.31
N ASN A 555 18.53 32.97 34.27
CA ASN A 555 18.75 33.25 35.69
C ASN A 555 20.13 32.75 36.14
N LYS A 556 20.93 32.07 35.30
CA LYS A 556 22.31 31.79 35.69
C LYS A 556 23.17 31.68 34.45
N THR A 557 24.25 32.50 34.38
CA THR A 557 25.13 32.66 33.22
C THR A 557 26.59 32.85 33.63
N GLY A 558 26.86 33.24 34.89
CA GLY A 558 28.15 33.76 35.28
C GLY A 558 28.32 35.21 34.83
N ASP A 559 28.17 35.46 33.53
CA ASP A 559 28.51 36.74 32.93
C ASP A 559 27.46 37.77 33.32
N PRO A 560 27.87 38.90 33.96
CA PRO A 560 26.94 39.97 34.35
C PRO A 560 26.30 40.69 33.18
N ALA A 561 26.86 40.53 32.00
CA ALA A 561 26.29 41.18 30.83
C ALA A 561 24.95 40.53 30.44
N SER A 562 24.72 39.27 30.88
CA SER A 562 23.57 38.49 30.42
C SER A 562 22.71 38.00 31.59
N GLU A 563 23.27 37.95 32.78
CA GLU A 563 22.63 37.36 33.94
C GLU A 563 21.27 37.97 34.20
N GLY A 564 20.22 37.13 34.33
CA GLY A 564 18.91 37.66 34.58
C GLY A 564 18.32 38.41 33.38
N LYS A 565 19.05 38.48 32.28
CA LYS A 565 18.48 38.94 31.02
C LYS A 565 17.55 37.90 30.35
N ASP A 566 16.93 38.33 29.25
CA ASP A 566 15.99 37.49 28.51
C ASP A 566 16.72 36.56 27.53
N ALA A 567 16.30 35.30 27.47
CA ALA A 567 16.83 34.38 26.48
C ALA A 567 16.58 34.98 25.09
N PRO A 568 17.54 34.92 24.19
CA PRO A 568 17.33 35.43 22.84
C PRO A 568 16.31 34.62 22.05
N GLY A 569 15.63 35.27 21.11
CA GLY A 569 14.69 34.59 20.24
C GLY A 569 13.37 34.21 20.95
N VAL A 570 13.03 34.92 22.05
CA VAL A 570 11.86 34.58 22.83
C VAL A 570 11.14 35.87 23.13
N ALA A 571 10.11 36.21 22.34
CA ALA A 571 9.34 37.42 22.65
C ALA A 571 8.58 37.23 23.96
N ARG A 572 8.41 38.31 24.70
CA ARG A 572 7.66 38.24 25.93
C ARG A 572 6.16 38.10 25.61
N ARG A 573 5.70 38.76 24.56
CA ARG A 573 4.28 38.76 24.29
C ARG A 573 3.99 38.21 22.90
N GLN A 574 2.93 37.39 22.81
CA GLN A 574 2.43 36.86 21.54
C GLN A 574 0.91 36.77 21.59
N ALA A 575 0.26 36.96 20.45
CA ALA A 575 -1.16 36.75 20.39
C ALA A 575 -1.63 36.46 18.96
N ASN A 576 -2.76 35.77 18.92
CA ASN A 576 -3.45 35.42 17.69
C ASN A 576 -4.94 35.69 17.91
N LEU A 577 -5.58 36.10 16.82
CA LEU A 577 -7.03 36.22 16.72
C LEU A 577 -7.42 35.82 15.31
N GLY A 578 -8.30 34.84 15.24
CA GLY A 578 -8.87 34.29 14.02
C GLY A 578 -10.40 34.22 14.14
N VAL A 579 -11.04 34.66 13.06
CA VAL A 579 -12.50 34.65 12.95
C VAL A 579 -12.86 34.03 11.61
N SER A 580 -13.76 33.07 11.65
CA SER A 580 -14.34 32.48 10.47
C SER A 580 -15.88 32.58 10.52
N TRP A 581 -16.43 33.18 9.47
CA TRP A 581 -17.81 33.59 9.46
C TRP A 581 -18.55 33.08 8.25
N ASP A 582 -19.62 32.29 8.45
CA ASP A 582 -20.52 31.89 7.39
C ASP A 582 -21.49 33.04 7.23
N THR A 583 -21.41 33.69 6.08
CA THR A 583 -22.25 34.85 5.84
C THR A 583 -23.70 34.36 5.82
N PRO A 584 -24.63 34.82 6.71
CA PRO A 584 -26.07 34.56 6.49
C PRO A 584 -26.62 35.19 5.21
N PHE A 585 -25.85 36.05 4.52
CA PHE A 585 -26.41 36.78 3.39
C PHE A 585 -25.99 36.16 2.06
N VAL A 586 -25.07 35.19 2.02
CA VAL A 586 -24.84 34.44 0.80
C VAL A 586 -24.61 32.97 1.13
N ASP A 587 -25.37 32.05 0.52
CA ASP A 587 -25.31 30.64 0.89
C ASP A 587 -23.98 30.07 0.45
N GLY A 588 -23.26 29.41 1.38
CA GLY A 588 -22.02 28.72 1.08
C GLY A 588 -20.80 29.65 1.16
N LEU A 589 -21.00 30.91 1.53
CA LEU A 589 -19.87 31.79 1.51
C LEU A 589 -19.38 32.00 2.92
N THR A 590 -18.09 31.72 3.13
CA THR A 590 -17.45 31.92 4.42
C THR A 590 -16.24 32.83 4.25
N LEU A 591 -16.03 33.72 5.24
CA LEU A 591 -14.99 34.72 5.21
C LEU A 591 -14.14 34.59 6.47
N ASP A 592 -12.84 34.60 6.29
CA ASP A 592 -11.88 34.36 7.36
C ASP A 592 -10.97 35.57 7.53
N SER A 593 -10.65 35.90 8.76
CA SER A 593 -9.57 36.82 9.03
C SER A 593 -8.73 36.33 10.21
N ARG A 594 -7.46 36.67 10.16
CA ARG A 594 -6.53 36.33 11.22
C ARG A 594 -5.57 37.48 11.46
N TRP A 595 -5.19 37.63 12.71
CA TRP A 595 -4.21 38.61 13.11
C TRP A 595 -3.21 37.89 14.00
N ILE A 596 -1.93 37.99 13.64
CA ILE A 596 -0.85 37.35 14.39
C ILE A 596 0.08 38.43 14.88
N TYR A 597 0.40 38.42 16.19
CA TYR A 597 1.25 39.41 16.80
C TYR A 597 2.37 38.72 17.55
N THR A 598 3.57 39.30 17.35
CA THR A 598 4.76 38.86 18.05
C THR A 598 5.44 40.09 18.61
N GLY A 599 5.64 40.09 19.93
CA GLY A 599 6.29 41.21 20.60
C GLY A 599 7.78 41.32 20.21
N SER A 600 8.42 42.38 20.72
CA SER A 600 9.82 42.59 20.46
C SER A 600 10.57 41.48 21.15
N ALA A 601 11.77 41.22 20.67
CA ALA A 601 12.65 40.23 21.26
C ALA A 601 14.12 40.62 21.02
N TYR A 602 15.05 39.84 21.55
CA TYR A 602 16.48 40.04 21.32
C TYR A 602 17.11 38.85 20.59
N VAL A 603 18.22 39.15 19.92
CA VAL A 603 18.99 38.15 19.20
C VAL A 603 20.14 37.63 20.05
N ASP A 604 20.53 38.38 21.12
CA ASP A 604 21.78 38.13 21.83
C ASP A 604 21.49 38.00 23.30
N SER A 605 22.37 37.27 24.01
CA SER A 605 22.12 36.99 25.40
C SER A 605 22.43 38.20 26.28
N ALA A 606 23.14 39.19 25.77
CA ALA A 606 23.34 40.43 26.52
C ALA A 606 22.17 41.37 26.33
N ASN A 607 21.28 41.03 25.39
CA ASN A 607 20.11 41.85 25.10
C ASN A 607 20.49 43.25 24.64
N ALA A 608 21.60 43.39 23.93
CA ALA A 608 21.91 44.68 23.26
C ALA A 608 21.27 44.76 21.86
N LEU A 609 20.86 43.60 21.28
CA LEU A 609 20.36 43.57 19.90
C LEU A 609 18.89 43.16 19.89
N ALA A 610 18.02 44.18 19.93
CA ALA A 610 16.57 44.02 19.90
C ALA A 610 16.03 44.11 18.47
N VAL A 611 14.97 43.33 18.23
CA VAL A 611 14.26 43.43 16.98
C VAL A 611 12.81 43.74 17.33
N PRO A 612 12.14 44.50 16.49
CA PRO A 612 10.81 44.96 16.88
C PRO A 612 9.73 43.87 16.88
N HIS A 613 8.60 44.20 17.54
CA HIS A 613 7.36 43.47 17.32
C HIS A 613 6.96 43.46 15.86
N TRP A 614 6.05 42.54 15.56
CA TRP A 614 5.42 42.53 14.27
C TRP A 614 4.00 42.00 14.32
N ASN A 615 3.31 42.31 13.23
CA ASN A 615 1.93 41.96 12.98
C ASN A 615 1.82 41.37 11.56
N ARG A 616 1.08 40.27 11.43
CA ARG A 616 0.67 39.79 10.12
C ARG A 616 -0.86 39.67 10.12
N VAL A 617 -1.45 39.94 8.97
CA VAL A 617 -2.87 39.83 8.76
C VAL A 617 -3.07 38.94 7.57
N ASP A 618 -4.00 37.98 7.75
CA ASP A 618 -4.40 37.06 6.70
C ASP A 618 -5.89 37.28 6.44
N LEU A 619 -6.30 37.08 5.18
CA LEU A 619 -7.68 37.15 4.76
C LEU A 619 -7.99 35.92 3.91
N GLY A 620 -9.17 35.34 4.15
CA GLY A 620 -9.59 34.17 3.40
C GLY A 620 -11.05 34.26 2.97
N ALA A 621 -11.39 33.50 1.92
CA ALA A 621 -12.77 33.36 1.43
C ALA A 621 -12.94 31.95 0.91
N ALA A 622 -14.07 31.34 1.22
CA ALA A 622 -14.42 30.06 0.66
C ALA A 622 -15.84 30.16 0.16
N TYR A 623 -16.07 29.53 -0.99
CA TYR A 623 -17.38 29.57 -1.59
C TYR A 623 -17.80 28.18 -2.07
N ALA A 624 -18.81 27.63 -1.39
CA ALA A 624 -19.29 26.28 -1.63
C ALA A 624 -20.51 26.33 -2.55
N PHE A 625 -20.50 25.54 -3.62
CA PHE A 625 -21.56 25.55 -4.61
C PHE A 625 -21.61 24.15 -5.22
N GLN A 626 -22.69 23.90 -5.98
CA GLN A 626 -22.93 22.66 -6.69
C GLN A 626 -22.81 22.81 -8.20
N VAL A 627 -22.36 21.73 -8.86
CA VAL A 627 -22.33 21.64 -10.31
C VAL A 627 -22.68 20.19 -10.67
N ALA A 628 -23.90 19.97 -11.17
CA ALA A 628 -24.34 18.69 -11.73
C ALA A 628 -24.48 17.63 -10.64
N GLY A 629 -24.98 18.06 -9.48
CA GLY A 629 -25.13 17.16 -8.36
C GLY A 629 -23.93 17.15 -7.41
N LYS A 630 -22.78 17.73 -7.83
CA LYS A 630 -21.49 17.54 -7.15
C LYS A 630 -21.10 18.80 -6.36
N PRO A 631 -20.64 18.65 -5.10
CA PRO A 631 -20.09 19.78 -4.35
C PRO A 631 -18.68 20.29 -4.74
N LEU A 632 -18.59 21.60 -4.96
CA LEU A 632 -17.36 22.27 -5.28
C LEU A 632 -17.16 23.30 -4.18
N VAL A 633 -15.88 23.60 -3.89
CA VAL A 633 -15.53 24.71 -3.04
C VAL A 633 -14.37 25.46 -3.68
N ALA A 634 -14.57 26.77 -3.90
CA ALA A 634 -13.54 27.66 -4.34
C ALA A 634 -13.03 28.41 -3.13
N ARG A 635 -11.70 28.51 -3.03
CA ARG A 635 -11.09 29.20 -1.92
C ARG A 635 -10.06 30.21 -2.36
N ALA A 636 -9.89 31.23 -1.50
CA ALA A 636 -8.82 32.19 -1.58
C ALA A 636 -8.21 32.39 -0.23
N ASN A 637 -6.87 32.42 -0.20
CA ASN A 637 -6.11 32.74 0.98
C ASN A 637 -5.13 33.85 0.68
N LEU A 638 -5.19 34.92 1.48
CA LEU A 638 -4.25 36.02 1.35
C LEU A 638 -3.46 36.14 2.68
N GLU A 639 -2.23 35.65 2.62
CA GLU A 639 -1.37 35.66 3.77
C GLU A 639 -0.53 36.92 3.72
N ASN A 640 -0.38 37.46 4.91
CA ASN A 640 0.35 38.72 5.05
C ASN A 640 -0.23 39.79 4.13
N ALA A 641 -1.53 40.00 4.31
CA ALA A 641 -2.29 40.83 3.39
C ALA A 641 -1.78 42.27 3.29
N LEU A 642 -1.22 42.76 4.41
CA LEU A 642 -0.69 44.09 4.54
C LEU A 642 0.73 44.19 4.02
N GLY A 643 1.36 43.07 3.60
CA GLY A 643 2.69 43.18 2.99
C GLY A 643 3.71 43.73 3.98
N LYS A 644 3.68 43.25 5.21
CA LYS A 644 4.61 43.68 6.23
C LYS A 644 5.90 42.84 6.10
N ASP A 645 7.06 43.49 6.33
CA ASP A 645 8.35 42.81 6.32
C ASP A 645 8.81 42.80 7.75
N TYR A 646 9.23 41.64 8.26
CA TYR A 646 9.65 41.55 9.65
C TYR A 646 10.63 40.40 9.90
N TRP A 647 11.52 40.64 10.88
CA TRP A 647 12.43 39.60 11.34
C TRP A 647 11.76 38.78 12.43
N THR A 648 12.04 37.47 12.41
CA THR A 648 11.77 36.64 13.55
C THR A 648 13.11 36.39 14.25
N ALA A 649 13.21 36.76 15.54
CA ALA A 649 14.42 36.49 16.33
C ALA A 649 14.56 35.03 16.71
N ALA A 650 15.81 34.61 16.63
CA ALA A 650 16.30 33.39 17.20
C ALA A 650 17.60 33.68 17.97
N ASN A 651 18.23 32.61 18.44
CA ASN A 651 19.47 32.75 19.20
C ASN A 651 20.66 32.93 18.27
N GLY A 652 21.00 34.21 18.01
CA GLY A 652 22.19 34.54 17.27
C GLY A 652 21.88 34.67 15.78
N TYR A 653 20.57 34.56 15.46
CA TYR A 653 20.19 34.74 14.08
C TYR A 653 18.71 35.11 13.98
N LEU A 654 18.33 35.51 12.78
CA LEU A 654 16.98 35.95 12.43
C LEU A 654 16.52 35.34 11.10
N SER A 655 15.19 35.17 10.92
CA SER A 655 14.69 34.77 9.62
C SER A 655 13.63 35.73 9.16
N ILE A 656 13.68 35.98 7.87
CA ILE A 656 12.85 36.96 7.20
C ILE A 656 11.45 36.38 7.00
N SER A 657 10.47 37.30 7.00
CA SER A 657 9.08 37.01 6.73
C SER A 657 8.94 36.52 5.29
N SER A 658 7.86 35.78 5.03
CA SER A 658 7.37 35.56 3.68
C SER A 658 6.62 36.81 3.25
N PRO A 659 6.61 37.15 1.94
CA PRO A 659 5.75 38.20 1.41
C PRO A 659 4.26 37.89 1.38
N ARG A 660 3.50 38.93 1.03
CA ARG A 660 2.11 38.80 0.74
C ARG A 660 1.97 37.71 -0.28
N THR A 661 1.09 36.78 0.02
CA THR A 661 1.06 35.58 -0.78
C THR A 661 -0.39 35.17 -0.96
N LEU A 662 -0.82 35.10 -2.22
CA LEU A 662 -2.18 34.67 -2.54
C LEU A 662 -2.19 33.21 -3.04
N SER A 663 -3.11 32.43 -2.48
CA SER A 663 -3.41 31.07 -2.91
C SER A 663 -4.88 30.99 -3.32
N LEU A 664 -5.16 30.34 -4.45
CA LEU A 664 -6.49 30.04 -4.91
C LEU A 664 -6.60 28.53 -5.10
N SER A 665 -7.78 27.98 -4.83
CA SER A 665 -8.02 26.56 -5.09
C SER A 665 -9.46 26.32 -5.46
N LEU A 666 -9.67 25.25 -6.23
CA LEU A 666 -10.99 24.71 -6.39
C LEU A 666 -10.93 23.24 -6.04
N THR A 667 -11.90 22.82 -5.27
CA THR A 667 -12.03 21.44 -4.89
C THR A 667 -13.34 20.89 -5.44
N ALA A 668 -13.31 19.62 -5.89
CA ALA A 668 -14.56 18.96 -6.29
C ALA A 668 -14.62 17.53 -5.74
N ASP A 669 -15.78 17.18 -5.19
CA ASP A 669 -16.05 15.82 -4.75
C ASP A 669 -16.97 15.12 -5.75
N PHE A 670 -16.50 13.96 -6.19
CA PHE A 670 -17.13 13.17 -7.24
C PHE A 670 -17.76 11.94 -6.61
N GLY B 1 16.02 -15.01 -2.84
CA GLY B 1 14.87 -14.42 -2.14
C GLY B 1 13.59 -15.08 -2.61
N ALA B 2 12.69 -15.34 -1.68
CA ALA B 2 11.47 -16.08 -1.95
C ALA B 2 10.67 -15.38 -3.04
N GLU B 3 10.84 -14.06 -3.16
CA GLU B 3 10.00 -13.27 -4.02
C GLU B 3 10.78 -12.82 -5.25
N THR B 4 12.05 -13.22 -5.45
CA THR B 4 12.78 -12.74 -6.61
C THR B 4 12.16 -13.32 -7.88
N LEU B 5 11.89 -12.47 -8.86
CA LEU B 5 11.37 -12.90 -10.13
C LEU B 5 12.35 -13.88 -10.80
N PRO B 6 11.92 -15.10 -11.15
CA PRO B 6 12.86 -16.02 -11.75
C PRO B 6 13.30 -15.48 -13.10
N ALA B 7 14.49 -15.88 -13.53
CA ALA B 7 15.00 -15.39 -14.79
C ALA B 7 14.29 -16.15 -15.91
N GLU B 8 14.32 -15.51 -17.09
CA GLU B 8 13.94 -16.18 -18.31
C GLU B 8 14.91 -17.34 -18.63
N TYR B 9 14.37 -18.42 -19.16
CA TYR B 9 15.16 -19.49 -19.73
C TYR B 9 15.56 -19.08 -21.13
N ALA B 10 16.53 -19.80 -21.67
CA ALA B 10 16.94 -19.68 -23.05
C ALA B 10 15.73 -19.61 -23.97
N GLY B 11 15.74 -18.61 -24.85
CA GLY B 11 14.65 -18.41 -25.80
C GLY B 11 13.64 -17.36 -25.34
N GLY B 12 13.51 -17.17 -24.02
CA GLY B 12 12.78 -16.03 -23.54
C GLY B 12 11.27 -16.30 -23.53
N GLN B 13 10.87 -17.51 -23.82
CA GLN B 13 9.46 -17.79 -23.92
C GLN B 13 8.88 -18.41 -22.64
N VAL B 14 9.74 -19.05 -21.84
CA VAL B 14 9.37 -19.51 -20.54
C VAL B 14 10.46 -19.04 -19.58
N ALA B 15 10.19 -19.16 -18.30
CA ALA B 15 11.12 -18.76 -17.23
C ALA B 15 11.69 -19.98 -16.52
N ARG B 16 12.79 -19.76 -15.76
N ARG B 16 12.81 -19.78 -15.77
CA ARG B 16 13.59 -20.82 -15.13
CA ARG B 16 13.58 -20.85 -15.13
C ARG B 16 13.01 -21.27 -13.78
C ARG B 16 12.98 -21.31 -13.79
N GLY B 17 11.88 -20.67 -13.37
CA GLY B 17 11.33 -20.88 -12.03
C GLY B 17 9.88 -20.39 -11.91
N ALA B 18 9.24 -20.77 -10.82
CA ALA B 18 7.86 -20.40 -10.54
C ALA B 18 7.57 -20.55 -9.04
N ARG B 19 6.38 -20.14 -8.65
CA ARG B 19 6.04 -20.06 -7.27
C ARG B 19 5.56 -21.41 -6.80
N LEU B 20 5.92 -21.80 -5.56
CA LEU B 20 5.38 -23.02 -4.93
C LEU B 20 4.62 -22.59 -3.66
N GLY B 21 3.53 -21.79 -3.82
CA GLY B 21 2.68 -21.32 -2.72
C GLY B 21 3.51 -20.59 -1.64
N MET B 22 3.37 -21.05 -0.40
CA MET B 22 4.03 -20.50 0.77
C MET B 22 5.56 -20.56 0.72
N LEU B 23 6.09 -21.55 -0.01
CA LEU B 23 7.52 -21.71 -0.15
C LEU B 23 8.18 -20.65 -1.02
N GLY B 24 7.42 -19.84 -1.76
CA GLY B 24 8.00 -18.82 -2.58
C GLY B 24 8.53 -19.42 -3.88
N ASN B 25 9.35 -18.65 -4.60
CA ASN B 25 9.78 -19.04 -5.95
C ASN B 25 10.83 -20.15 -5.84
N ALA B 26 10.76 -21.14 -6.71
CA ALA B 26 11.81 -22.13 -6.84
C ALA B 26 12.19 -22.28 -8.34
N ASP B 27 13.49 -22.56 -8.59
CA ASP B 27 13.96 -22.94 -9.91
C ASP B 27 13.31 -24.28 -10.33
N VAL B 28 13.06 -24.44 -11.65
CA VAL B 28 12.59 -25.69 -12.23
C VAL B 28 13.40 -26.86 -11.69
N MET B 29 14.73 -26.69 -11.62
CA MET B 29 15.62 -27.81 -11.25
C MET B 29 15.57 -28.13 -9.75
N ASP B 30 15.00 -27.24 -8.92
CA ASP B 30 14.85 -27.46 -7.50
C ASP B 30 13.40 -27.69 -7.09
N ALA B 31 12.51 -27.75 -8.06
CA ALA B 31 11.12 -27.94 -7.74
C ALA B 31 10.68 -29.41 -7.93
N PRO B 32 10.22 -30.08 -6.85
CA PRO B 32 9.63 -31.43 -6.94
C PRO B 32 8.19 -31.53 -7.40
N PHE B 33 7.89 -30.69 -8.39
CA PHE B 33 6.59 -30.53 -9.01
C PHE B 33 6.80 -30.20 -10.49
N SER B 34 5.75 -30.29 -11.28
CA SER B 34 5.79 -29.96 -12.68
C SER B 34 5.28 -28.52 -12.84
N ILE B 35 6.23 -27.61 -13.02
CA ILE B 35 5.98 -26.19 -13.11
C ILE B 35 6.45 -25.69 -14.47
N THR B 36 5.61 -24.81 -15.01
CA THR B 36 5.87 -24.10 -16.26
C THR B 36 5.55 -22.62 -16.03
N SER B 37 6.41 -21.71 -16.50
CA SER B 37 6.17 -20.28 -16.42
C SER B 37 6.31 -19.64 -17.80
N TYR B 38 5.20 -19.09 -18.31
CA TYR B 38 5.17 -18.41 -19.60
C TYR B 38 5.48 -16.93 -19.35
N THR B 39 6.26 -16.33 -20.21
CA THR B 39 6.69 -14.96 -20.04
C THR B 39 5.80 -13.95 -20.79
N ALA B 40 5.90 -12.68 -20.37
CA ALA B 40 5.36 -11.52 -21.09
C ALA B 40 5.74 -11.56 -22.59
N ARG B 41 6.95 -11.99 -22.91
CA ARG B 41 7.36 -11.98 -24.32
C ARG B 41 6.49 -12.92 -25.13
N THR B 42 6.21 -14.12 -24.61
CA THR B 42 5.34 -15.03 -25.30
C THR B 42 3.92 -14.44 -25.42
N ILE B 43 3.42 -13.88 -24.29
CA ILE B 43 2.13 -13.24 -24.31
C ILE B 43 2.00 -12.24 -25.47
N GLU B 44 2.96 -11.31 -25.57
CA GLU B 44 2.94 -10.22 -26.55
C GLU B 44 3.15 -10.74 -28.00
N GLN B 45 4.01 -11.77 -28.18
CA GLN B 45 4.30 -12.36 -29.49
CA GLN B 45 4.30 -12.39 -29.46
C GLN B 45 3.04 -13.02 -30.08
N GLN B 46 2.21 -13.66 -29.22
CA GLN B 46 1.01 -14.39 -29.66
C GLN B 46 -0.27 -13.54 -29.61
N GLN B 47 -0.12 -12.28 -29.16
CA GLN B 47 -1.29 -11.48 -28.95
C GLN B 47 -2.35 -12.16 -28.05
N ALA B 48 -1.90 -12.87 -27.00
CA ALA B 48 -2.85 -13.50 -26.05
C ALA B 48 -3.42 -12.45 -25.09
N ARG B 49 -4.74 -12.48 -24.88
CA ARG B 49 -5.42 -11.44 -24.12
C ARG B 49 -5.86 -12.00 -22.75
N SER B 50 -6.15 -13.34 -22.71
CA SER B 50 -6.62 -14.03 -21.52
C SER B 50 -5.68 -15.18 -21.16
N VAL B 51 -5.80 -15.65 -19.88
CA VAL B 51 -5.18 -16.89 -19.44
C VAL B 51 -5.52 -18.01 -20.43
N ALA B 52 -6.79 -18.13 -20.78
CA ALA B 52 -7.18 -19.18 -21.72
C ALA B 52 -6.45 -19.07 -23.06
N ASP B 53 -6.32 -17.87 -23.59
CA ASP B 53 -5.72 -17.74 -24.91
C ASP B 53 -4.29 -18.33 -24.93
N LEU B 54 -3.61 -18.06 -23.85
CA LEU B 54 -2.22 -18.45 -23.66
C LEU B 54 -2.08 -19.94 -23.45
N LEU B 55 -2.76 -20.46 -22.44
CA LEU B 55 -2.61 -21.85 -22.02
C LEU B 55 -3.07 -22.82 -23.10
N GLN B 56 -4.21 -22.56 -23.71
CA GLN B 56 -4.68 -23.46 -24.77
C GLN B 56 -3.64 -23.56 -25.91
N ALA B 57 -3.02 -22.43 -26.26
CA ALA B 57 -2.16 -22.39 -27.42
C ALA B 57 -0.85 -23.13 -27.15
N ASN B 58 -0.34 -23.13 -25.89
CA ASN B 58 1.00 -23.52 -25.62
C ASN B 58 1.11 -24.78 -24.74
N ASP B 59 0.17 -25.03 -23.82
CA ASP B 59 0.48 -25.97 -22.75
C ASP B 59 -0.21 -27.31 -23.03
N PRO B 60 0.56 -28.44 -23.09
CA PRO B 60 0.01 -29.79 -23.32
C PRO B 60 -0.86 -30.35 -22.20
N SER B 61 -0.78 -29.77 -21.01
CA SER B 61 -1.59 -30.17 -19.86
C SER B 61 -2.84 -29.35 -19.64
N VAL B 62 -3.07 -28.26 -20.32
CA VAL B 62 -4.19 -27.40 -19.96
C VAL B 62 -5.10 -27.35 -21.19
N ARG B 63 -6.40 -27.61 -21.01
CA ARG B 63 -7.39 -27.38 -22.03
C ARG B 63 -8.52 -26.53 -21.47
N VAL B 64 -9.07 -25.68 -22.34
CA VAL B 64 -10.03 -24.66 -21.99
C VAL B 64 -11.44 -25.12 -22.33
N VAL B 65 -12.38 -24.94 -21.38
CA VAL B 65 -13.82 -25.05 -21.57
C VAL B 65 -14.40 -23.64 -21.50
N GLY B 66 -15.42 -23.36 -22.35
CA GLY B 66 -16.04 -22.03 -22.36
C GLY B 66 -15.61 -21.36 -23.66
N GLY B 67 -14.42 -20.77 -23.59
CA GLY B 67 -13.84 -19.96 -24.66
C GLY B 67 -14.35 -18.52 -24.64
N ARG B 68 -13.69 -17.70 -25.46
CA ARG B 68 -13.72 -16.28 -25.34
C ARG B 68 -15.10 -15.72 -25.74
N GLY B 69 -15.93 -16.51 -26.42
CA GLY B 69 -17.30 -16.08 -26.76
C GLY B 69 -18.30 -16.22 -25.61
N ASP B 70 -17.95 -17.07 -24.62
CA ASP B 70 -18.73 -17.35 -23.42
C ASP B 70 -18.33 -16.33 -22.36
N LEU B 71 -19.06 -16.27 -21.27
CA LEU B 71 -18.73 -15.30 -20.21
C LEU B 71 -17.62 -15.76 -19.27
N VAL B 72 -17.35 -17.06 -19.36
CA VAL B 72 -16.43 -17.73 -18.44
C VAL B 72 -15.51 -18.68 -19.19
N ASP B 73 -14.26 -18.75 -18.80
CA ASP B 73 -13.41 -19.87 -19.10
C ASP B 73 -13.18 -20.70 -17.86
N SER B 74 -13.15 -22.04 -18.04
CA SER B 74 -12.60 -22.93 -17.02
C SER B 74 -11.49 -23.76 -17.69
N TYR B 75 -10.69 -24.47 -16.90
CA TYR B 75 -9.51 -25.19 -17.35
C TYR B 75 -9.56 -26.66 -16.89
N THR B 76 -9.06 -27.58 -17.69
CA THR B 76 -8.86 -28.96 -17.22
CA THR B 76 -8.88 -28.98 -17.26
C THR B 76 -7.36 -29.19 -17.13
N ILE B 77 -6.90 -29.68 -15.96
CA ILE B 77 -5.50 -30.01 -15.72
C ILE B 77 -5.47 -31.33 -14.99
N ARG B 78 -4.62 -32.22 -15.53
CA ARG B 78 -4.51 -33.61 -15.12
C ARG B 78 -5.86 -34.27 -14.87
N GLY B 79 -6.78 -34.03 -15.76
CA GLY B 79 -8.05 -34.71 -15.76
C GLY B 79 -9.00 -34.26 -14.65
N PHE B 80 -8.79 -33.03 -14.12
CA PHE B 80 -9.67 -32.38 -13.15
C PHE B 80 -9.95 -30.93 -13.55
N SER B 81 -11.13 -30.44 -13.16
N SER B 81 -11.12 -30.40 -13.13
CA SER B 81 -11.53 -29.08 -13.51
CA SER B 81 -11.54 -29.06 -13.55
C SER B 81 -10.69 -28.11 -12.68
C SER B 81 -10.91 -28.01 -12.66
N VAL B 82 -10.27 -27.00 -13.27
CA VAL B 82 -9.76 -25.83 -12.56
C VAL B 82 -10.55 -24.59 -12.98
N GLN B 83 -11.17 -23.95 -12.00
CA GLN B 83 -12.03 -22.79 -12.19
C GLN B 83 -11.20 -21.53 -12.43
N ASN B 84 -11.60 -20.63 -13.30
CA ASN B 84 -10.95 -19.33 -13.40
C ASN B 84 -10.89 -18.60 -12.04
N ALA B 85 -11.87 -18.80 -11.16
CA ALA B 85 -11.87 -18.18 -9.85
C ALA B 85 -10.70 -18.72 -9.02
N ASP B 86 -10.11 -19.86 -9.45
CA ASP B 86 -9.06 -20.48 -8.64
C ASP B 86 -7.64 -20.10 -9.12
N VAL B 87 -7.54 -19.13 -10.01
CA VAL B 87 -6.27 -18.59 -10.48
C VAL B 87 -5.67 -17.68 -9.41
N ALA B 88 -4.42 -17.96 -9.07
CA ALA B 88 -3.78 -17.22 -8.00
C ALA B 88 -3.03 -15.98 -8.53
N PHE B 89 -2.73 -15.07 -7.61
CA PHE B 89 -2.08 -13.82 -7.93
C PHE B 89 -0.92 -13.65 -6.94
N ASN B 90 0.29 -13.85 -7.39
CA ASN B 90 1.46 -13.97 -6.52
C ASN B 90 1.20 -14.94 -5.38
N GLY B 91 0.56 -16.06 -5.68
CA GLY B 91 0.32 -17.11 -4.71
C GLY B 91 -1.03 -17.07 -3.98
N LEU B 92 -1.74 -15.92 -4.08
CA LEU B 92 -2.96 -15.66 -3.31
C LEU B 92 -4.21 -15.82 -4.16
N TYR B 93 -5.22 -16.45 -3.56
CA TYR B 93 -6.51 -16.64 -4.16
C TYR B 93 -7.43 -15.44 -3.91
N GLY B 94 -8.44 -15.29 -4.77
CA GLY B 94 -9.57 -14.44 -4.48
C GLY B 94 -9.46 -13.02 -5.04
N LEU B 95 -8.39 -12.73 -5.79
CA LEU B 95 -8.02 -11.36 -6.10
C LEU B 95 -8.04 -11.02 -7.58
N LEU B 96 -8.35 -11.99 -8.47
CA LEU B 96 -8.35 -11.70 -9.92
C LEU B 96 -9.72 -11.85 -10.46
N PRO B 97 -9.97 -11.31 -11.68
CA PRO B 97 -11.32 -11.31 -12.27
C PRO B 97 -11.92 -12.73 -12.28
N PHE B 98 -13.16 -12.83 -11.77
CA PHE B 98 -13.71 -14.08 -11.33
C PHE B 98 -13.96 -15.06 -12.48
N TRP B 99 -14.49 -14.54 -13.58
CA TRP B 99 -14.85 -15.38 -14.72
C TRP B 99 -13.71 -15.61 -15.74
N ARG B 100 -12.89 -14.56 -15.91
CA ARG B 100 -11.90 -14.61 -17.00
C ARG B 100 -10.79 -13.64 -16.64
N VAL B 101 -9.58 -14.19 -16.46
CA VAL B 101 -8.46 -13.38 -16.04
C VAL B 101 -7.82 -12.78 -17.28
N PRO B 102 -7.75 -11.45 -17.40
CA PRO B 102 -6.99 -10.80 -18.50
C PRO B 102 -5.48 -10.89 -18.19
N ILE B 103 -4.62 -10.93 -19.24
CA ILE B 103 -3.19 -11.05 -18.96
C ILE B 103 -2.29 -9.95 -19.58
N GLU B 104 -2.86 -8.90 -20.14
CA GLU B 104 -2.05 -7.86 -20.76
C GLU B 104 -1.26 -7.07 -19.70
N PHE B 105 -1.51 -7.29 -18.39
CA PHE B 105 -0.69 -6.67 -17.33
C PHE B 105 0.25 -7.67 -16.65
N ALA B 106 0.28 -8.91 -17.06
CA ALA B 106 1.04 -9.97 -16.44
C ALA B 106 2.49 -10.02 -16.93
N GLU B 107 3.44 -10.21 -16.01
CA GLU B 107 4.80 -10.58 -16.43
C GLU B 107 4.93 -12.10 -16.61
N ARG B 108 4.19 -12.91 -15.83
CA ARG B 108 4.27 -14.36 -15.95
C ARG B 108 2.90 -14.95 -15.77
N VAL B 109 2.64 -16.04 -16.47
CA VAL B 109 1.56 -16.95 -16.13
C VAL B 109 2.16 -18.31 -15.89
N GLU B 110 2.06 -18.80 -14.66
CA GLU B 110 2.65 -20.04 -14.20
C GLU B 110 1.55 -21.09 -14.02
N VAL B 111 1.98 -22.32 -14.29
CA VAL B 111 1.16 -23.52 -14.10
C VAL B 111 1.89 -24.53 -13.21
N LEU B 112 1.32 -24.78 -12.04
CA LEU B 112 1.78 -25.83 -11.16
C LEU B 112 0.79 -26.99 -11.30
N LYS B 113 1.23 -28.11 -11.93
CA LYS B 113 0.38 -29.25 -12.18
C LYS B 113 0.11 -30.06 -10.91
N GLY B 114 -1.14 -30.54 -10.82
CA GLY B 114 -1.63 -31.32 -9.68
C GLY B 114 -1.99 -30.47 -8.48
N PRO B 115 -2.61 -31.11 -7.46
CA PRO B 115 -3.02 -30.43 -6.25
C PRO B 115 -1.86 -29.92 -5.42
N ASN B 116 -2.22 -28.94 -4.56
CA ASN B 116 -1.20 -28.21 -3.85
C ASN B 116 -1.73 -27.60 -2.56
N ALA B 117 -2.62 -28.31 -1.89
CA ALA B 117 -3.22 -27.75 -0.67
C ALA B 117 -2.20 -27.45 0.43
N LEU B 118 -1.15 -28.24 0.62
CA LEU B 118 -0.20 -27.84 1.64
C LEU B 118 0.38 -26.47 1.32
N LEU B 119 0.63 -26.23 0.02
CA LEU B 119 1.43 -25.11 -0.46
C LEU B 119 0.64 -23.80 -0.34
N GLY B 120 -0.64 -23.79 -0.75
CA GLY B 120 -1.38 -22.51 -0.80
C GLY B 120 -2.73 -22.55 -0.08
N GLY B 121 -3.10 -23.70 0.52
CA GLY B 121 -4.41 -23.91 1.08
C GLY B 121 -5.38 -24.39 0.01
N ILE B 122 -6.61 -24.57 0.44
CA ILE B 122 -7.70 -24.83 -0.46
C ILE B 122 -7.96 -23.64 -1.39
N SER B 123 -8.34 -23.94 -2.62
CA SER B 123 -8.70 -22.89 -3.54
C SER B 123 -10.15 -22.54 -3.27
N PRO B 124 -10.61 -21.31 -3.54
CA PRO B 124 -12.01 -20.98 -3.27
C PRO B 124 -13.02 -21.81 -4.04
N GLY B 125 -12.73 -22.24 -5.29
CA GLY B 125 -13.66 -23.04 -6.08
C GLY B 125 -13.45 -24.55 -5.89
N GLY B 126 -12.57 -24.96 -4.96
CA GLY B 126 -12.26 -26.36 -4.69
C GLY B 126 -11.50 -27.07 -5.82
N SER B 127 -10.86 -26.36 -6.76
CA SER B 127 -10.12 -26.95 -7.86
C SER B 127 -8.95 -27.78 -7.31
N VAL B 128 -8.72 -28.99 -7.86
CA VAL B 128 -7.54 -29.80 -7.48
C VAL B 128 -6.63 -30.21 -8.65
N GLY B 129 -6.97 -29.83 -9.90
CA GLY B 129 -6.18 -30.27 -11.05
C GLY B 129 -4.81 -29.57 -11.12
N GLY B 130 -4.65 -28.41 -10.46
CA GLY B 130 -3.45 -27.59 -10.58
C GLY B 130 -3.75 -26.12 -10.24
N THR B 131 -2.71 -25.30 -10.08
CA THR B 131 -2.88 -23.89 -9.74
C THR B 131 -2.18 -23.07 -10.79
N ILE B 132 -2.89 -22.15 -11.41
CA ILE B 132 -2.35 -21.19 -12.34
C ILE B 132 -2.06 -19.95 -11.53
N ASN B 133 -0.91 -19.31 -11.79
CA ASN B 133 -0.47 -18.21 -10.96
C ASN B 133 -0.04 -17.03 -11.87
N LEU B 134 -0.57 -15.85 -11.61
CA LEU B 134 -0.17 -14.69 -12.38
C LEU B 134 0.81 -13.86 -11.56
N VAL B 135 1.89 -13.40 -12.21
CA VAL B 135 2.82 -12.49 -11.61
C VAL B 135 2.60 -11.15 -12.31
N PRO B 136 2.35 -10.07 -11.54
CA PRO B 136 2.20 -8.74 -12.14
C PRO B 136 3.48 -8.12 -12.66
N LYS B 137 3.33 -7.30 -13.68
CA LYS B 137 4.45 -6.49 -14.11
C LYS B 137 4.90 -5.51 -13.03
N ARG B 138 6.20 -5.24 -13.05
CA ARG B 138 6.86 -4.23 -12.22
C ARG B 138 7.66 -3.29 -13.13
N ALA B 139 7.97 -2.07 -12.65
CA ALA B 139 8.73 -1.09 -13.40
C ALA B 139 10.20 -1.46 -13.35
N ASP B 140 10.80 -1.51 -14.54
CA ASP B 140 12.24 -1.63 -14.68
C ASP B 140 12.90 -0.28 -14.45
N ASP B 141 14.21 -0.27 -14.21
CA ASP B 141 14.92 1.00 -13.98
C ASP B 141 14.82 1.90 -15.21
N GLN B 142 14.92 1.25 -16.39
CA GLN B 142 14.82 1.93 -17.67
C GLN B 142 13.36 2.33 -17.88
N PRO B 143 13.06 3.63 -18.04
CA PRO B 143 11.68 4.08 -18.26
C PRO B 143 11.09 3.36 -19.46
N LEU B 144 9.82 2.94 -19.38
CA LEU B 144 9.13 2.31 -20.49
C LEU B 144 7.94 3.19 -20.86
N THR B 145 7.86 3.53 -22.16
CA THR B 145 6.69 4.25 -22.63
C THR B 145 6.25 3.56 -23.91
N ARG B 146 5.37 2.58 -23.77
CA ARG B 146 5.05 1.65 -24.84
C ARG B 146 3.58 1.83 -25.19
N VAL B 147 3.32 1.92 -26.50
CA VAL B 147 1.97 2.05 -26.97
C VAL B 147 1.77 1.03 -28.09
N SER B 148 0.68 0.24 -28.02
CA SER B 148 0.29 -0.59 -29.12
C SER B 148 -1.17 -0.31 -29.50
N VAL B 149 -1.46 -0.62 -30.79
CA VAL B 149 -2.81 -0.56 -31.35
C VAL B 149 -3.00 -1.89 -32.05
N ASP B 150 -4.25 -2.37 -32.05
CA ASP B 150 -4.58 -3.69 -32.52
C ASP B 150 -5.97 -3.70 -33.16
N TRP B 151 -6.13 -4.73 -34.00
CA TRP B 151 -7.37 -5.05 -34.67
C TRP B 151 -7.51 -6.56 -34.55
N THR B 152 -8.69 -7.02 -34.22
CA THR B 152 -9.01 -8.43 -34.28
C THR B 152 -10.32 -8.58 -35.03
N GLN B 153 -10.37 -9.58 -35.93
CA GLN B 153 -11.61 -9.85 -36.66
C GLN B 153 -12.81 -9.86 -35.73
N ARG B 154 -14.00 -9.42 -36.17
CA ARG B 154 -14.26 -8.73 -37.43
C ARG B 154 -14.00 -7.24 -37.27
N GLY B 155 -14.27 -6.64 -36.11
CA GLY B 155 -14.06 -5.22 -35.97
C GLY B 155 -13.58 -4.76 -34.60
N GLN B 156 -12.79 -5.57 -33.89
CA GLN B 156 -12.43 -5.10 -32.56
C GLN B 156 -11.18 -4.29 -32.70
N LEU B 157 -11.27 -3.03 -32.25
CA LEU B 157 -10.14 -2.12 -32.24
C LEU B 157 -9.67 -1.89 -30.81
N GLY B 158 -8.37 -2.05 -30.59
CA GLY B 158 -7.77 -1.90 -29.28
C GLY B 158 -6.57 -0.97 -29.24
N THR B 159 -6.33 -0.49 -28.02
CA THR B 159 -5.12 0.24 -27.61
C THR B 159 -4.62 -0.28 -26.27
N HIS B 160 -3.30 -0.44 -26.15
CA HIS B 160 -2.64 -0.88 -24.93
C HIS B 160 -1.46 0.03 -24.64
N LEU B 161 -1.55 0.80 -23.52
CA LEU B 161 -0.43 1.56 -22.95
C LEU B 161 0.25 0.70 -21.91
N ASP B 162 1.57 0.62 -22.00
CA ASP B 162 2.38 0.02 -20.95
C ASP B 162 3.47 1.02 -20.63
N ILE B 163 3.40 1.63 -19.43
CA ILE B 163 4.24 2.75 -19.05
C ILE B 163 4.86 2.48 -17.70
N GLY B 164 6.18 2.55 -17.62
CA GLY B 164 6.87 2.26 -16.36
C GLY B 164 7.86 3.36 -16.01
N ARG B 165 7.92 3.74 -14.71
CA ARG B 165 8.94 4.67 -14.24
C ARG B 165 9.37 4.29 -12.83
N ARG B 166 10.66 4.45 -12.51
CA ARG B 166 11.11 4.38 -11.12
C ARG B 166 11.41 5.78 -10.58
N PHE B 167 11.32 5.98 -9.26
CA PHE B 167 11.71 7.29 -8.68
C PHE B 167 12.27 7.05 -7.29
N GLY B 168 12.68 8.16 -6.66
CA GLY B 168 13.28 8.13 -5.34
C GLY B 168 14.77 7.88 -5.52
N GLU B 169 15.63 8.27 -4.55
CA GLU B 169 17.05 7.94 -4.71
C GLU B 169 17.24 6.43 -4.89
N ASN B 170 18.19 6.04 -5.75
CA ASN B 170 18.52 4.66 -6.09
C ASN B 170 17.32 3.89 -6.67
N ASN B 171 16.33 4.62 -7.23
CA ASN B 171 15.18 3.96 -7.85
C ASN B 171 14.43 3.04 -6.87
N ALA B 172 14.31 3.46 -5.62
CA ALA B 172 13.71 2.62 -4.59
C ALA B 172 12.22 2.33 -4.91
N PHE B 173 11.58 3.22 -5.69
CA PHE B 173 10.15 3.14 -5.99
C PHE B 173 9.90 2.92 -7.50
N GLY B 174 8.86 2.15 -7.80
CA GLY B 174 8.47 1.77 -9.15
C GLY B 174 6.95 1.85 -9.33
N VAL B 175 6.56 2.40 -10.48
CA VAL B 175 5.18 2.47 -10.91
C VAL B 175 5.12 1.94 -12.34
N ARG B 176 4.28 0.92 -12.55
CA ARG B 176 3.93 0.47 -13.89
C ARG B 176 2.41 0.46 -14.06
N PHE B 177 1.98 1.16 -15.11
CA PHE B 177 0.59 1.35 -15.49
C PHE B 177 0.33 0.59 -16.81
N ASN B 178 -0.71 -0.19 -16.90
CA ASN B 178 -1.15 -0.78 -18.15
C ASN B 178 -2.60 -0.36 -18.34
N GLY B 179 -2.93 0.14 -19.52
CA GLY B 179 -4.32 0.47 -19.81
C GLY B 179 -4.65 -0.05 -21.19
N VAL B 180 -5.83 -0.63 -21.30
CA VAL B 180 -6.31 -1.27 -22.50
C VAL B 180 -7.72 -0.80 -22.69
N TYR B 181 -8.04 -0.46 -23.93
CA TYR B 181 -9.42 -0.31 -24.30
C TYR B 181 -9.55 -1.01 -25.65
N ARG B 182 -10.42 -2.03 -25.70
CA ARG B 182 -10.67 -2.83 -26.88
C ARG B 182 -12.18 -2.97 -27.07
N ASN B 183 -12.65 -2.70 -28.27
CA ASN B 183 -14.07 -2.69 -28.55
C ASN B 183 -14.41 -3.08 -29.98
N GLY B 184 -15.44 -3.92 -30.18
CA GLY B 184 -16.10 -4.04 -31.46
C GLY B 184 -16.57 -5.47 -31.71
N ASP B 185 -16.95 -5.69 -32.97
CA ASP B 185 -17.56 -6.96 -33.34
C ASP B 185 -16.56 -8.10 -33.27
N THR B 186 -16.95 -9.23 -32.67
CA THR B 186 -16.02 -10.34 -32.60
C THR B 186 -16.13 -11.21 -33.86
N ALA B 187 -15.48 -12.38 -33.84
CA ALA B 187 -15.44 -13.28 -34.99
C ALA B 187 -16.72 -14.10 -35.09
N VAL B 188 -17.51 -14.06 -34.01
CA VAL B 188 -18.75 -14.84 -33.97
C VAL B 188 -19.97 -14.02 -34.38
N ASP B 189 -20.96 -14.70 -34.97
CA ASP B 189 -22.14 -13.99 -35.51
C ASP B 189 -22.85 -13.18 -34.44
N HIS B 190 -23.10 -11.92 -34.77
CA HIS B 190 -23.94 -11.04 -33.98
C HIS B 190 -23.40 -10.94 -32.55
N GLN B 191 -22.08 -10.79 -32.45
CA GLN B 191 -21.48 -10.63 -31.13
C GLN B 191 -20.55 -9.44 -31.18
N SER B 192 -20.60 -8.59 -30.17
CA SER B 192 -19.63 -7.54 -30.07
C SER B 192 -19.15 -7.51 -28.62
N ARG B 193 -18.01 -6.85 -28.36
CA ARG B 193 -17.47 -6.90 -27.02
C ARG B 193 -16.73 -5.62 -26.74
N GLU B 194 -16.88 -5.12 -25.51
CA GLU B 194 -16.11 -3.98 -25.01
C GLU B 194 -15.29 -4.38 -23.76
N PHE B 195 -14.03 -3.92 -23.70
CA PHE B 195 -13.09 -4.32 -22.65
C PHE B 195 -12.16 -3.17 -22.26
N PRO B 196 -12.49 -2.43 -21.19
CA PRO B 196 -11.54 -1.55 -20.52
C PRO B 196 -10.78 -2.25 -19.40
N MET B 197 -9.51 -1.98 -19.32
CA MET B 197 -8.73 -2.46 -18.19
C MET B 197 -7.70 -1.42 -17.77
N LEU B 198 -7.46 -1.32 -16.47
CA LEU B 198 -6.42 -0.44 -15.92
C LEU B 198 -5.69 -1.19 -14.78
N SER B 199 -4.38 -1.18 -14.80
CA SER B 199 -3.61 -1.80 -13.77
C SER B 199 -2.48 -0.88 -13.33
N LEU B 200 -2.15 -0.98 -12.05
CA LEU B 200 -0.91 -0.43 -11.51
C LEU B 200 -0.22 -1.47 -10.69
N GLY B 201 1.06 -1.67 -10.97
CA GLY B 201 2.02 -2.46 -10.19
C GLY B 201 2.98 -1.46 -9.54
N LEU B 202 2.86 -1.26 -8.22
CA LEU B 202 3.72 -0.36 -7.46
C LEU B 202 4.64 -1.15 -6.57
N ASP B 203 5.90 -0.71 -6.42
CA ASP B 203 6.83 -1.40 -5.57
C ASP B 203 7.81 -0.42 -4.93
N PHE B 204 8.33 -0.85 -3.78
CA PHE B 204 9.43 -0.24 -3.07
C PHE B 204 10.46 -1.33 -2.77
N ARG B 205 11.72 -0.99 -3.07
CA ARG B 205 12.89 -1.80 -2.76
C ARG B 205 13.69 -1.06 -1.71
N GLY B 206 13.89 -1.62 -0.53
CA GLY B 206 14.91 -1.03 0.38
C GLY B 206 15.80 -2.09 1.02
N GLU B 207 16.63 -1.68 1.98
CA GLU B 207 17.74 -2.51 2.41
C GLU B 207 17.15 -3.76 3.07
N ARG B 208 16.17 -3.60 3.96
CA ARG B 208 15.65 -4.78 4.66
C ARG B 208 14.12 -4.90 4.50
N LEU B 209 13.56 -4.23 3.52
CA LEU B 209 12.11 -4.13 3.39
C LEU B 209 11.77 -4.03 1.92
N ARG B 210 10.76 -4.80 1.50
CA ARG B 210 10.29 -4.78 0.14
C ARG B 210 8.77 -4.70 0.23
N LEU B 211 8.15 -3.81 -0.56
CA LEU B 211 6.70 -3.67 -0.53
C LEU B 211 6.22 -3.68 -1.96
N SER B 212 4.92 -3.94 -2.09
CA SER B 212 4.25 -3.78 -3.37
C SER B 212 2.75 -3.66 -3.18
N SER B 213 2.14 -3.00 -4.16
CA SER B 213 0.70 -2.85 -4.22
C SER B 213 0.32 -3.07 -5.69
N ASP B 214 -0.62 -3.96 -5.94
CA ASP B 214 -1.25 -4.12 -7.25
C ASP B 214 -2.70 -3.67 -7.20
N LEU B 215 -3.08 -2.89 -8.20
CA LEU B 215 -4.47 -2.46 -8.37
C LEU B 215 -4.90 -2.87 -9.79
N LEU B 216 -6.16 -3.27 -9.93
CA LEU B 216 -6.66 -3.83 -11.17
C LEU B 216 -8.12 -3.46 -11.29
N TYR B 217 -8.49 -2.93 -12.43
CA TYR B 217 -9.86 -2.65 -12.80
C TYR B 217 -10.05 -3.32 -14.14
N GLN B 218 -11.10 -4.10 -14.33
CA GLN B 218 -11.40 -4.57 -15.69
C GLN B 218 -12.89 -4.66 -15.84
N LYS B 219 -13.38 -4.57 -17.05
CA LYS B 219 -14.73 -5.00 -17.31
C LYS B 219 -14.77 -5.68 -18.68
N GLU B 220 -15.63 -6.70 -18.77
CA GLU B 220 -15.95 -7.34 -20.03
C GLU B 220 -17.45 -7.25 -20.26
N SER B 221 -17.80 -6.57 -21.38
CA SER B 221 -19.19 -6.44 -21.80
C SER B 221 -19.37 -7.14 -23.15
N LEU B 222 -20.28 -8.10 -23.17
CA LEU B 222 -20.67 -8.86 -24.33
C LEU B 222 -22.12 -8.53 -24.70
N GLU B 223 -22.34 -8.21 -25.98
CA GLU B 223 -23.63 -8.34 -26.66
C GLU B 223 -23.62 -9.62 -27.50
N GLY B 224 -24.35 -10.59 -27.00
CA GLY B 224 -24.23 -11.95 -27.48
C GLY B 224 -23.28 -12.75 -26.59
N VAL B 225 -23.83 -13.76 -25.93
CA VAL B 225 -23.08 -14.65 -25.08
C VAL B 225 -23.21 -16.10 -25.52
N VAL B 226 -22.11 -16.69 -25.99
CA VAL B 226 -22.06 -18.11 -26.28
C VAL B 226 -22.12 -18.87 -24.96
N ARG B 227 -22.83 -19.99 -24.96
CA ARG B 227 -22.92 -20.85 -23.83
C ARG B 227 -22.76 -22.31 -24.28
N PRO B 228 -22.46 -23.22 -23.34
CA PRO B 228 -22.38 -24.64 -23.60
C PRO B 228 -23.63 -25.30 -24.18
N LEU B 229 -23.38 -26.46 -24.80
CA LEU B 229 -24.44 -27.40 -25.16
C LEU B 229 -24.49 -28.54 -24.14
N LEU B 230 -25.67 -28.78 -23.54
CA LEU B 230 -25.84 -29.82 -22.55
C LEU B 230 -26.43 -31.02 -23.27
N THR B 231 -26.12 -32.21 -22.75
CA THR B 231 -26.78 -33.44 -23.17
C THR B 231 -28.14 -33.52 -22.46
N GLY B 232 -29.17 -34.15 -23.11
CA GLY B 232 -30.49 -34.38 -22.53
C GLY B 232 -30.73 -35.86 -22.23
N PRO B 233 -31.71 -36.21 -21.33
CA PRO B 233 -31.93 -37.61 -20.93
C PRO B 233 -31.80 -38.63 -22.05
N GLY B 234 -32.27 -38.32 -23.28
CA GLY B 234 -32.29 -39.23 -24.41
C GLY B 234 -31.46 -38.73 -25.60
N THR B 235 -30.26 -38.21 -25.31
CA THR B 235 -29.25 -38.00 -26.31
C THR B 235 -28.51 -39.32 -26.52
N THR B 236 -28.35 -39.78 -27.78
CA THR B 236 -27.61 -41.00 -28.02
C THR B 236 -26.44 -40.80 -28.97
N HIS B 237 -26.29 -39.60 -29.57
CA HIS B 237 -25.03 -39.28 -30.21
C HIS B 237 -24.87 -37.75 -30.21
N ILE B 238 -23.62 -37.32 -30.30
CA ILE B 238 -23.36 -35.89 -30.28
C ILE B 238 -23.24 -35.45 -31.73
N PRO B 239 -24.05 -34.48 -32.19
CA PRO B 239 -24.02 -34.11 -33.61
C PRO B 239 -22.68 -33.45 -33.89
N HIS B 240 -22.34 -33.37 -35.17
CA HIS B 240 -21.10 -32.78 -35.64
C HIS B 240 -21.08 -31.27 -35.27
N ALA B 241 -19.92 -30.78 -34.87
CA ALA B 241 -19.83 -29.38 -34.47
C ALA B 241 -20.20 -28.46 -35.64
N PRO B 242 -21.02 -27.43 -35.37
CA PRO B 242 -21.38 -26.45 -36.39
C PRO B 242 -20.21 -25.56 -36.71
N ASP B 243 -20.33 -24.81 -37.82
CA ASP B 243 -19.48 -23.70 -38.14
C ASP B 243 -19.34 -22.90 -36.86
N SER B 244 -18.10 -22.56 -36.52
CA SER B 244 -17.79 -21.92 -35.27
C SER B 244 -18.20 -20.44 -35.27
N LYS B 245 -18.56 -19.89 -36.43
CA LYS B 245 -19.10 -18.55 -36.49
C LYS B 245 -20.60 -18.49 -36.09
N THR B 246 -21.32 -19.61 -36.20
CA THR B 246 -22.75 -19.70 -35.89
C THR B 246 -22.89 -19.39 -34.38
N ARG B 247 -23.95 -18.66 -33.98
CA ARG B 247 -24.22 -18.51 -32.56
C ARG B 247 -25.61 -19.00 -32.26
N PHE B 248 -25.69 -20.23 -31.68
CA PHE B 248 -26.95 -20.97 -31.67
C PHE B 248 -27.66 -20.88 -30.31
N GLY B 249 -27.08 -20.09 -29.38
CA GLY B 249 -27.77 -19.78 -28.13
C GLY B 249 -28.73 -18.60 -28.27
N LEU B 250 -28.86 -17.82 -27.18
CA LEU B 250 -29.83 -16.72 -27.11
C LEU B 250 -29.31 -15.53 -27.91
N ARG B 251 -30.11 -15.02 -28.87
CA ARG B 251 -29.57 -13.96 -29.75
C ARG B 251 -29.27 -12.73 -28.88
N ASP B 252 -30.24 -12.29 -28.07
CA ASP B 252 -30.16 -11.05 -27.32
C ASP B 252 -29.64 -11.26 -25.90
N SER B 253 -28.67 -12.16 -25.76
CA SER B 253 -27.96 -12.34 -24.52
C SER B 253 -27.03 -11.17 -24.28
N TYR B 254 -26.67 -10.92 -23.02
CA TYR B 254 -25.65 -9.93 -22.77
C TYR B 254 -24.92 -10.34 -21.48
N LEU B 255 -23.72 -9.78 -21.35
CA LEU B 255 -22.92 -9.85 -20.12
C LEU B 255 -22.34 -8.46 -19.87
N ASP B 256 -22.44 -8.04 -18.61
CA ASP B 256 -21.58 -7.02 -18.04
C ASP B 256 -20.93 -7.60 -16.79
N GLN B 257 -19.60 -7.78 -16.88
CA GLN B 257 -18.82 -8.30 -15.77
C GLN B 257 -17.70 -7.30 -15.43
N GLU B 258 -17.63 -6.85 -14.17
CA GLU B 258 -16.63 -5.90 -13.72
C GLU B 258 -15.93 -6.53 -12.54
N ASP B 259 -14.61 -6.42 -12.47
CA ASP B 259 -13.85 -6.81 -11.31
C ASP B 259 -12.84 -5.74 -11.01
N TYR B 260 -12.63 -5.48 -9.71
CA TYR B 260 -11.53 -4.59 -9.34
C TYR B 260 -10.96 -4.99 -7.99
N SER B 261 -9.65 -4.85 -7.89
CA SER B 261 -8.94 -5.33 -6.73
C SER B 261 -7.72 -4.50 -6.43
N MET B 262 -7.33 -4.62 -5.17
CA MET B 262 -6.10 -4.07 -4.63
C MET B 262 -5.51 -5.11 -3.66
N VAL B 263 -4.20 -5.29 -3.72
CA VAL B 263 -3.50 -6.23 -2.85
C VAL B 263 -2.18 -5.59 -2.50
N ASN B 264 -1.89 -5.54 -1.22
CA ASN B 264 -0.67 -4.95 -0.73
C ASN B 264 0.13 -6.08 -0.10
N ARG B 265 1.44 -6.05 -0.33
CA ARG B 265 2.33 -7.15 0.02
C ARG B 265 3.61 -6.55 0.60
N GLY B 266 4.22 -7.27 1.55
CA GLY B 266 5.46 -6.80 2.13
C GLY B 266 6.35 -7.93 2.64
N GLU B 267 7.64 -7.65 2.64
CA GLU B 267 8.58 -8.50 3.38
C GLU B 267 9.50 -7.65 4.23
N TYR B 268 9.87 -8.17 5.42
CA TYR B 268 10.80 -7.41 6.25
C TYR B 268 11.88 -8.36 6.76
N ASP B 269 13.13 -8.01 6.53
CA ASP B 269 14.21 -8.91 6.95
C ASP B 269 14.60 -8.60 8.39
N LEU B 270 14.15 -9.43 9.33
CA LEU B 270 14.36 -9.22 10.77
C LEU B 270 15.79 -9.57 11.13
N ALA B 271 16.40 -10.51 10.42
CA ALA B 271 17.78 -10.88 10.64
C ALA B 271 18.27 -11.49 9.34
N ASP B 272 19.54 -11.85 9.30
CA ASP B 272 20.16 -12.50 8.17
C ASP B 272 19.46 -13.81 7.83
N ASN B 273 18.87 -14.45 8.83
CA ASN B 273 18.27 -15.73 8.51
C ASN B 273 16.80 -15.78 8.91
N LEU B 274 16.14 -14.61 8.94
CA LEU B 274 14.70 -14.56 9.25
C LEU B 274 14.01 -13.40 8.53
N THR B 275 12.95 -13.74 7.79
CA THR B 275 12.13 -12.76 7.10
C THR B 275 10.66 -12.89 7.46
N ALA B 276 10.04 -11.74 7.78
CA ALA B 276 8.59 -11.66 7.94
C ALA B 276 7.92 -11.17 6.64
N PHE B 277 6.74 -11.76 6.35
CA PHE B 277 5.95 -11.36 5.22
C PHE B 277 4.49 -11.23 5.60
N ALA B 278 3.78 -10.39 4.83
CA ALA B 278 2.36 -10.30 4.91
C ALA B 278 1.79 -9.72 3.60
N SER B 279 0.54 -10.06 3.35
CA SER B 279 -0.27 -9.60 2.23
C SER B 279 -1.68 -9.41 2.73
N ILE B 280 -2.35 -8.37 2.22
CA ILE B 280 -3.78 -8.23 2.37
C ILE B 280 -4.36 -7.59 1.10
N GLY B 281 -5.43 -8.17 0.60
CA GLY B 281 -6.13 -7.69 -0.57
C GLY B 281 -7.65 -7.82 -0.44
N GLY B 282 -8.33 -7.12 -1.36
CA GLY B 282 -9.76 -7.22 -1.54
C GLY B 282 -10.09 -7.13 -3.03
N ARG B 283 -11.23 -7.70 -3.41
CA ARG B 283 -11.78 -7.74 -4.75
C ARG B 283 -13.28 -7.49 -4.63
N GLN B 284 -13.78 -6.62 -5.50
CA GLN B 284 -15.18 -6.46 -5.82
C GLN B 284 -15.48 -7.01 -7.21
N SER B 285 -16.51 -7.85 -7.33
CA SER B 285 -16.83 -8.48 -8.60
C SER B 285 -18.33 -8.28 -8.82
N ASN B 286 -18.69 -7.67 -9.93
CA ASN B 286 -20.09 -7.38 -10.21
C ASN B 286 -20.48 -8.08 -11.52
N TYR B 287 -21.58 -8.81 -11.52
CA TYR B 287 -22.01 -9.63 -12.66
C TYR B 287 -23.48 -9.39 -12.99
N GLU B 288 -23.74 -9.19 -14.29
CA GLU B 288 -25.10 -9.03 -14.76
C GLU B 288 -25.21 -9.75 -16.09
N THR B 289 -26.24 -10.60 -16.26
CA THR B 289 -26.33 -11.43 -17.46
C THR B 289 -27.77 -11.88 -17.73
N ILE B 290 -28.11 -11.88 -19.03
CA ILE B 290 -29.16 -12.75 -19.52
C ILE B 290 -28.52 -13.56 -20.66
N ALA B 291 -28.68 -14.88 -20.54
CA ALA B 291 -28.20 -15.79 -21.55
C ALA B 291 -28.95 -17.13 -21.46
N ALA B 292 -28.55 -18.11 -22.29
CA ALA B 292 -29.23 -19.40 -22.38
C ALA B 292 -28.20 -20.50 -22.64
N ASN B 293 -28.36 -21.60 -21.91
CA ASN B 293 -27.71 -22.87 -22.18
C ASN B 293 -28.51 -23.58 -23.26
N SER B 294 -27.76 -24.18 -24.19
CA SER B 294 -28.39 -24.88 -25.29
C SER B 294 -28.46 -26.36 -24.91
N ILE B 295 -29.65 -26.96 -25.01
CA ILE B 295 -29.82 -28.36 -24.69
C ILE B 295 -30.18 -29.19 -25.93
N LEU B 296 -29.43 -30.26 -26.17
CA LEU B 296 -29.74 -31.20 -27.23
C LEU B 296 -31.12 -31.82 -27.00
N VAL B 297 -31.97 -31.69 -28.00
CA VAL B 297 -33.22 -32.43 -28.05
C VAL B 297 -33.18 -33.24 -29.35
N GLY B 298 -33.34 -34.58 -29.22
CA GLY B 298 -33.18 -35.47 -30.35
C GLY B 298 -31.70 -35.66 -30.68
N ASN B 299 -31.39 -35.86 -31.97
CA ASN B 299 -30.04 -36.20 -32.39
C ASN B 299 -29.68 -35.56 -33.74
N GLN B 300 -30.54 -34.70 -34.29
CA GLN B 300 -30.36 -34.11 -35.60
C GLN B 300 -29.69 -32.74 -35.55
N GLY B 301 -29.58 -32.12 -34.38
CA GLY B 301 -29.14 -30.74 -34.35
C GLY B 301 -30.09 -29.81 -33.62
N ASP B 302 -31.36 -30.24 -33.43
CA ASP B 302 -32.32 -29.40 -32.72
C ASP B 302 -31.88 -29.19 -31.27
N ILE B 303 -32.12 -27.98 -30.77
CA ILE B 303 -31.82 -27.68 -29.37
C ILE B 303 -33.03 -26.95 -28.80
N VAL B 304 -33.08 -26.87 -27.48
CA VAL B 304 -33.90 -25.89 -26.79
C VAL B 304 -32.95 -25.01 -25.96
N ASN B 305 -33.17 -23.70 -26.05
CA ASN B 305 -32.37 -22.77 -25.31
C ASN B 305 -33.08 -22.51 -23.98
N SER B 306 -32.39 -22.77 -22.86
CA SER B 306 -32.90 -22.55 -21.51
C SER B 306 -32.37 -21.21 -20.95
N LEU B 307 -33.23 -20.18 -20.91
CA LEU B 307 -32.84 -18.81 -20.62
C LEU B 307 -32.73 -18.63 -19.10
N ALA B 308 -31.87 -17.69 -18.72
CA ALA B 308 -31.69 -17.27 -17.32
C ALA B 308 -31.16 -15.86 -17.24
N ARG B 309 -31.58 -15.14 -16.21
CA ARG B 309 -30.91 -13.94 -15.76
C ARG B 309 -30.13 -14.31 -14.50
N GLN B 310 -28.90 -13.84 -14.41
CA GLN B 310 -28.09 -14.04 -13.25
C GLN B 310 -27.51 -12.68 -12.88
N ARG B 311 -27.47 -12.41 -11.59
CA ARG B 311 -26.85 -11.22 -11.07
C ARG B 311 -25.99 -11.59 -9.87
N GLY B 312 -24.80 -10.98 -9.79
CA GLY B 312 -23.79 -11.29 -8.78
C GLY B 312 -23.17 -10.03 -8.20
N ASP B 313 -23.02 -10.02 -6.86
CA ASP B 313 -22.24 -9.02 -6.13
C ASP B 313 -21.35 -9.78 -5.14
N ARG B 314 -20.04 -9.87 -5.44
CA ARG B 314 -19.08 -10.70 -4.72
C ARG B 314 -18.02 -9.80 -4.11
N ARG B 315 -17.75 -10.00 -2.80
CA ARG B 315 -16.84 -9.15 -2.05
C ARG B 315 -15.89 -10.03 -1.26
N THR B 316 -14.63 -10.02 -1.63
CA THR B 316 -13.67 -10.96 -1.16
C THR B 316 -12.53 -10.18 -0.49
N TYR B 317 -12.04 -10.79 0.59
CA TYR B 317 -10.80 -10.38 1.20
C TYR B 317 -9.87 -11.59 1.29
N SER B 318 -8.55 -11.31 1.18
CA SER B 318 -7.58 -12.40 1.11
C SER B 318 -6.25 -11.93 1.67
N ALA B 319 -5.73 -12.65 2.67
CA ALA B 319 -4.60 -12.19 3.44
C ALA B 319 -3.71 -13.39 3.71
N GLU B 320 -2.47 -13.06 4.02
CA GLU B 320 -1.52 -14.04 4.54
C GLU B 320 -0.50 -13.32 5.42
N VAL B 321 0.06 -14.10 6.33
CA VAL B 321 1.14 -13.63 7.16
C VAL B 321 2.08 -14.78 7.50
N GLY B 322 3.38 -14.47 7.62
CA GLY B 322 4.26 -15.52 8.07
C GLY B 322 5.69 -15.10 8.24
N LEU B 323 6.48 -16.11 8.48
CA LEU B 323 7.91 -16.04 8.73
C LEU B 323 8.59 -17.10 7.88
N ARG B 324 9.77 -16.78 7.38
CA ARG B 324 10.63 -17.76 6.72
C ARG B 324 12.00 -17.66 7.39
N GLY B 325 12.68 -18.78 7.58
CA GLY B 325 14.06 -18.74 8.01
C GLY B 325 14.90 -19.94 7.55
N ASN B 326 16.14 -19.97 8.08
CA ASN B 326 17.06 -21.05 7.81
C ASN B 326 18.03 -21.18 8.98
N PHE B 327 18.29 -22.41 9.44
CA PHE B 327 19.41 -22.71 10.32
C PHE B 327 20.07 -24.02 9.85
N ASP B 328 21.18 -24.39 10.52
CA ASP B 328 21.92 -25.64 10.26
C ASP B 328 21.87 -26.55 11.48
N THR B 329 21.30 -27.78 11.36
CA THR B 329 21.55 -28.83 12.35
C THR B 329 22.67 -29.72 11.81
N GLY B 330 23.91 -29.22 11.94
CA GLY B 330 25.11 -29.94 11.59
C GLY B 330 25.35 -29.84 10.09
N PRO B 331 25.31 -30.97 9.35
CA PRO B 331 25.46 -30.96 7.89
C PRO B 331 24.12 -30.85 7.13
N LEU B 332 23.04 -30.56 7.85
CA LEU B 332 21.75 -30.34 7.23
C LEU B 332 21.34 -28.88 7.38
N ARG B 333 20.95 -28.28 6.25
CA ARG B 333 20.35 -26.98 6.28
C ARG B 333 18.82 -27.10 6.21
N HIS B 334 18.18 -26.34 7.11
CA HIS B 334 16.75 -26.14 7.20
C HIS B 334 16.34 -24.82 6.57
N ASP B 335 15.42 -24.87 5.57
CA ASP B 335 14.76 -23.66 5.10
C ASP B 335 13.28 -23.78 5.38
N TRP B 336 12.78 -23.07 6.39
CA TRP B 336 11.48 -23.38 6.97
C TRP B 336 10.57 -22.19 6.68
N THR B 337 9.26 -22.44 6.62
CA THR B 337 8.27 -21.38 6.46
C THR B 337 7.13 -21.63 7.44
N LEU B 338 6.73 -20.63 8.20
CA LEU B 338 5.50 -20.80 8.98
C LEU B 338 4.54 -19.75 8.47
N SER B 339 3.34 -20.15 8.07
CA SER B 339 2.43 -19.10 7.64
C SER B 339 0.99 -19.43 7.92
N ALA B 340 0.18 -18.37 7.77
CA ALA B 340 -1.25 -18.49 7.97
C ALA B 340 -1.92 -17.63 6.90
N ASN B 341 -3.14 -18.00 6.52
CA ASN B 341 -3.83 -17.30 5.47
C ASN B 341 -5.30 -17.24 5.81
N ARG B 342 -6.01 -16.36 5.12
CA ARG B 342 -7.45 -16.29 5.28
C ARG B 342 -8.12 -15.67 4.07
N LEU B 343 -9.19 -16.30 3.61
CA LEU B 343 -10.03 -15.72 2.60
C LEU B 343 -11.42 -15.62 3.19
N HIS B 344 -12.03 -14.46 3.04
CA HIS B 344 -13.39 -14.31 3.47
C HIS B 344 -14.16 -13.65 2.33
N GLU B 345 -15.38 -14.14 2.08
CA GLU B 345 -16.18 -13.61 0.98
C GLU B 345 -17.65 -13.54 1.38
N ARG B 346 -18.25 -12.43 0.98
CA ARG B 346 -19.70 -12.30 0.97
C ARG B 346 -20.15 -12.23 -0.50
N LEU B 347 -21.15 -13.08 -0.83
CA LEU B 347 -21.73 -13.12 -2.14
C LEU B 347 -23.23 -12.94 -2.08
N GLY B 348 -23.73 -12.18 -3.03
CA GLY B 348 -25.12 -12.16 -3.44
C GLY B 348 -25.16 -12.65 -4.88
N MET B 349 -25.79 -13.80 -5.11
CA MET B 349 -25.87 -14.42 -6.41
C MET B 349 -27.34 -14.81 -6.56
N VAL B 350 -28.08 -14.13 -7.44
CA VAL B 350 -29.48 -14.48 -7.71
C VAL B 350 -29.61 -14.97 -9.13
N TYR B 351 -30.59 -15.86 -9.34
CA TYR B 351 -30.90 -16.29 -10.67
C TYR B 351 -32.37 -16.64 -10.84
N ALA B 352 -32.83 -16.65 -12.10
CA ALA B 352 -34.09 -17.25 -12.52
C ALA B 352 -33.92 -17.82 -13.91
N PHE B 353 -34.22 -19.11 -14.02
CA PHE B 353 -34.38 -19.89 -15.23
C PHE B 353 -35.86 -19.89 -15.61
N THR B 354 -36.21 -19.08 -16.60
CA THR B 354 -37.49 -18.98 -17.28
C THR B 354 -37.26 -18.93 -18.80
N GLY B 355 -37.98 -19.72 -19.56
CA GLY B 355 -37.85 -19.68 -21.01
C GLY B 355 -37.15 -20.91 -21.54
N MET B 356 -37.78 -21.50 -22.55
CA MET B 356 -37.32 -22.73 -23.17
C MET B 356 -37.56 -22.55 -24.67
N GLN B 357 -36.58 -22.11 -25.48
CA GLN B 357 -36.87 -21.67 -26.85
C GLN B 357 -36.12 -22.57 -27.85
N SER B 358 -36.84 -22.94 -28.91
CA SER B 358 -36.42 -23.97 -29.84
C SER B 358 -35.34 -23.38 -30.73
N GLY B 359 -34.32 -24.15 -31.10
CA GLY B 359 -33.31 -23.64 -32.01
C GLY B 359 -32.61 -24.82 -32.70
N ASN B 360 -31.51 -24.51 -33.33
CA ASN B 360 -30.78 -25.54 -34.06
C ASN B 360 -29.31 -25.21 -34.01
N LEU B 361 -28.48 -26.23 -33.78
CA LEU B 361 -27.02 -26.05 -33.73
C LEU B 361 -26.46 -25.31 -34.94
N TYR B 362 -27.07 -25.57 -36.11
CA TYR B 362 -26.49 -25.17 -37.39
C TYR B 362 -27.08 -23.84 -37.79
N GLN B 363 -27.85 -23.19 -36.92
CA GLN B 363 -28.44 -21.93 -37.31
C GLN B 363 -28.14 -20.89 -36.25
N THR B 364 -27.78 -19.68 -36.68
CA THR B 364 -27.56 -18.56 -35.77
C THR B 364 -28.93 -18.13 -35.29
N SER B 365 -29.17 -18.09 -33.97
CA SER B 365 -30.51 -17.83 -33.47
C SER B 365 -31.06 -16.48 -33.93
N PRO B 366 -32.39 -16.44 -34.21
CA PRO B 366 -33.10 -15.16 -34.39
C PRO B 366 -33.36 -14.49 -33.04
N HIS B 367 -33.61 -13.19 -33.08
CA HIS B 367 -34.10 -12.44 -31.93
C HIS B 367 -35.34 -13.12 -31.41
N THR B 368 -35.34 -13.44 -30.12
CA THR B 368 -36.42 -14.17 -29.45
C THR B 368 -36.81 -13.39 -28.21
N PRO B 369 -37.98 -13.69 -27.60
CA PRO B 369 -38.43 -12.99 -26.37
C PRO B 369 -37.47 -13.07 -25.20
N LEU B 370 -37.28 -11.93 -24.48
CA LEU B 370 -36.67 -11.98 -23.17
C LEU B 370 -37.80 -12.10 -22.14
N PRO B 371 -37.92 -13.18 -21.35
CA PRO B 371 -38.89 -13.25 -20.27
C PRO B 371 -38.83 -12.05 -19.34
N ASP B 372 -39.88 -11.89 -18.55
CA ASP B 372 -39.91 -10.87 -17.50
C ASP B 372 -39.06 -11.40 -16.35
N PHE B 373 -37.96 -10.71 -16.10
CA PHE B 373 -37.04 -11.07 -15.01
C PHE B 373 -36.96 -9.98 -13.93
N SER B 374 -38.03 -9.19 -13.75
CA SER B 374 -37.98 -8.02 -12.88
C SER B 374 -38.03 -8.43 -11.42
N SER B 375 -38.34 -9.70 -11.15
CA SER B 375 -38.32 -10.18 -9.79
C SER B 375 -36.90 -10.18 -9.21
N LEU B 376 -35.87 -10.00 -10.08
CA LEU B 376 -34.50 -9.92 -9.62
C LEU B 376 -34.05 -8.49 -9.54
N ASP B 377 -34.91 -7.56 -9.96
CA ASP B 377 -34.49 -6.16 -9.87
C ASP B 377 -34.25 -5.75 -8.42
N GLY B 378 -33.49 -4.68 -8.30
CA GLY B 378 -33.20 -4.07 -7.02
C GLY B 378 -31.87 -4.55 -6.48
N SER B 379 -31.76 -4.44 -5.17
CA SER B 379 -30.50 -4.79 -4.56
C SER B 379 -30.41 -6.31 -4.52
N ILE B 380 -29.20 -6.80 -4.64
CA ILE B 380 -28.97 -8.22 -4.67
C ILE B 380 -28.79 -8.67 -3.25
N PRO B 381 -29.60 -9.61 -2.69
CA PRO B 381 -29.42 -10.03 -1.30
C PRO B 381 -28.24 -11.01 -1.18
N LYS B 382 -27.71 -11.06 0.04
CA LYS B 382 -26.71 -12.04 0.41
C LYS B 382 -27.25 -13.46 0.28
N THR B 383 -26.47 -14.30 -0.43
CA THR B 383 -26.84 -15.70 -0.54
C THR B 383 -25.74 -16.61 0.01
N ASN B 384 -24.48 -16.14 0.08
CA ASN B 384 -23.42 -16.98 0.62
C ASN B 384 -22.37 -16.15 1.35
N GLU B 385 -21.78 -16.76 2.36
CA GLU B 385 -20.62 -16.21 3.03
C GLU B 385 -19.68 -17.36 3.27
N THR B 386 -18.40 -17.14 2.99
CA THR B 386 -17.41 -18.20 3.06
C THR B 386 -16.21 -17.65 3.83
N ASP B 387 -15.62 -18.52 4.66
CA ASP B 387 -14.43 -18.20 5.43
C ASP B 387 -13.53 -19.42 5.38
N LEU B 388 -12.33 -19.20 4.85
CA LEU B 388 -11.30 -20.19 4.62
C LEU B 388 -10.06 -19.69 5.32
N GLY B 389 -9.56 -20.48 6.23
CA GLY B 389 -8.35 -20.03 6.94
C GLY B 389 -7.49 -21.20 7.32
N GLY B 390 -6.17 -21.01 7.40
CA GLY B 390 -5.31 -22.12 7.77
C GLY B 390 -3.96 -21.63 8.24
N VAL B 391 -3.26 -22.56 8.88
N VAL B 391 -3.21 -22.56 8.81
CA VAL B 391 -1.90 -22.43 9.36
CA VAL B 391 -1.88 -22.32 9.33
C VAL B 391 -1.04 -23.53 8.76
C VAL B 391 -1.00 -23.48 8.90
N ALA B 392 0.19 -23.17 8.41
CA ALA B 392 1.05 -24.14 7.77
C ALA B 392 2.47 -23.95 8.24
N LEU B 393 3.11 -25.10 8.31
CA LEU B 393 4.54 -25.18 8.65
C LEU B 393 5.19 -26.11 7.64
N ALA B 394 6.27 -25.63 7.01
CA ALA B 394 7.04 -26.49 6.13
C ALA B 394 8.54 -26.34 6.36
N ASP B 395 9.27 -27.43 6.08
CA ASP B 395 10.71 -27.44 6.24
C ASP B 395 11.34 -28.15 5.05
N ARG B 396 12.20 -27.40 4.34
CA ARG B 396 13.05 -27.98 3.32
C ARG B 396 14.44 -28.27 3.93
N LEU B 397 14.72 -29.57 4.00
CA LEU B 397 15.99 -30.11 4.47
C LEU B 397 16.94 -30.31 3.28
N SER B 398 18.03 -29.55 3.28
N SER B 398 18.05 -29.59 3.34
CA SER B 398 19.02 -29.67 2.24
CA SER B 398 19.03 -29.62 2.29
C SER B 398 20.25 -30.37 2.81
C SER B 398 20.26 -30.35 2.81
N PHE B 399 20.69 -31.41 2.11
CA PHE B 399 21.90 -32.11 2.53
C PHE B 399 22.79 -32.38 1.34
N LEU B 400 24.04 -32.82 1.64
CA LEU B 400 24.99 -33.29 0.63
C LEU B 400 25.16 -32.22 -0.43
N GLU B 401 25.49 -31.04 0.08
CA GLU B 401 25.62 -29.78 -0.64
C GLU B 401 24.44 -29.46 -1.52
N ASP B 402 23.24 -29.61 -0.96
CA ASP B 402 22.04 -29.27 -1.72
C ASP B 402 21.73 -30.20 -2.87
N ARG B 403 22.38 -31.37 -2.93
CA ARG B 403 22.12 -32.22 -4.09
C ARG B 403 20.99 -33.16 -3.72
N VAL B 404 20.61 -33.21 -2.43
CA VAL B 404 19.44 -33.92 -1.95
C VAL B 404 18.60 -32.96 -1.10
N GLN B 405 17.33 -32.91 -1.44
CA GLN B 405 16.42 -31.97 -0.79
C GLN B 405 15.13 -32.70 -0.39
N VAL B 406 14.78 -32.69 0.89
CA VAL B 406 13.55 -33.30 1.33
C VAL B 406 12.67 -32.19 1.92
N THR B 407 11.45 -32.09 1.43
CA THR B 407 10.52 -31.08 1.91
C THR B 407 9.36 -31.77 2.61
N LEU B 408 9.09 -31.33 3.84
CA LEU B 408 7.94 -31.80 4.61
C LEU B 408 7.10 -30.62 5.07
N GLY B 409 5.78 -30.81 5.06
CA GLY B 409 4.96 -29.82 5.71
C GLY B 409 3.59 -30.33 6.06
N VAL B 410 2.96 -29.54 6.89
CA VAL B 410 1.58 -29.88 7.20
C VAL B 410 0.83 -28.58 7.38
N ARG B 411 -0.45 -28.65 7.02
CA ARG B 411 -1.30 -27.46 7.10
C ARG B 411 -2.58 -27.90 7.80
N ARG B 412 -3.07 -27.07 8.69
CA ARG B 412 -4.44 -27.20 9.16
C ARG B 412 -5.30 -26.20 8.40
N GLN B 413 -6.26 -26.73 7.62
CA GLN B 413 -7.17 -25.95 6.81
C GLN B 413 -8.59 -25.95 7.41
N GLN B 414 -9.12 -24.74 7.73
CA GLN B 414 -10.49 -24.54 8.14
C GLN B 414 -11.37 -24.04 6.99
N ILE B 415 -12.58 -24.56 6.93
CA ILE B 415 -13.55 -24.31 5.86
C ILE B 415 -14.87 -23.96 6.55
N GLU B 416 -15.48 -22.79 6.20
CA GLU B 416 -16.78 -22.44 6.74
C GLU B 416 -17.57 -21.74 5.65
N SER B 417 -18.84 -22.09 5.51
CA SER B 417 -19.72 -21.33 4.64
C SER B 417 -21.11 -21.32 5.25
N ARG B 418 -21.83 -20.22 5.02
CA ARG B 418 -23.26 -20.14 5.21
C ARG B 418 -23.95 -19.78 3.92
N ASN B 419 -25.12 -20.37 3.72
CA ASN B 419 -25.96 -20.12 2.56
C ASN B 419 -27.30 -19.60 3.05
N TYR B 420 -27.90 -18.77 2.18
CA TYR B 420 -29.22 -18.20 2.42
C TYR B 420 -30.05 -18.33 1.15
N ASP B 421 -31.34 -18.59 1.32
CA ASP B 421 -32.23 -18.72 0.17
C ASP B 421 -32.39 -17.38 -0.55
N GLN B 422 -32.36 -17.40 -1.88
CA GLN B 422 -32.29 -16.11 -2.60
C GLN B 422 -33.64 -15.36 -2.59
N THR B 423 -34.74 -16.07 -2.34
CA THR B 423 -36.07 -15.45 -2.32
C THR B 423 -36.47 -15.12 -0.88
N SER B 424 -36.32 -16.09 0.07
CA SER B 424 -36.79 -15.92 1.44
C SER B 424 -35.75 -15.33 2.35
N GLY B 425 -34.46 -15.54 2.08
CA GLY B 425 -33.50 -15.10 3.07
C GLY B 425 -33.27 -16.15 4.14
N ALA B 426 -34.00 -17.26 4.07
CA ALA B 426 -33.86 -18.28 5.10
C ALA B 426 -32.43 -18.83 5.04
N ARG B 427 -31.91 -19.13 6.22
CA ARG B 427 -30.68 -19.90 6.37
C ARG B 427 -30.84 -21.35 5.95
N THR B 428 -30.05 -21.76 4.95
CA THR B 428 -30.24 -23.07 4.35
C THR B 428 -29.14 -24.02 4.83
N SER B 429 -27.88 -23.63 4.73
CA SER B 429 -26.80 -24.47 5.21
C SER B 429 -25.72 -23.64 5.90
N HIS B 430 -25.02 -24.32 6.84
CA HIS B 430 -23.85 -23.78 7.50
C HIS B 430 -22.80 -24.88 7.71
N ASP B 431 -21.80 -24.92 6.83
CA ASP B 431 -20.80 -25.97 6.80
C ASP B 431 -19.59 -25.45 7.54
N LYS B 432 -19.03 -26.32 8.38
CA LYS B 432 -17.82 -25.94 9.08
C LYS B 432 -16.97 -27.17 9.34
N ARG B 433 -15.70 -27.12 8.95
CA ARG B 433 -14.88 -28.31 8.90
C ARG B 433 -13.43 -27.90 9.06
N HIS B 434 -12.59 -28.85 9.44
CA HIS B 434 -11.13 -28.66 9.41
C HIS B 434 -10.49 -29.96 8.92
N VAL B 435 -9.39 -29.86 8.14
CA VAL B 435 -8.62 -30.99 7.61
C VAL B 435 -7.15 -30.68 7.81
N TRP B 436 -6.39 -31.66 8.27
CA TRP B 436 -4.94 -31.59 8.21
C TRP B 436 -4.45 -32.17 6.89
N THR B 437 -3.63 -31.40 6.18
CA THR B 437 -3.20 -31.74 4.83
C THR B 437 -1.69 -31.56 4.75
N PRO B 438 -0.93 -32.66 4.55
CA PRO B 438 0.55 -32.62 4.45
C PRO B 438 1.13 -32.70 3.03
N MET B 439 2.44 -32.50 2.93
CA MET B 439 3.21 -32.90 1.77
C MET B 439 4.54 -33.49 2.24
N ALA B 440 5.10 -34.26 1.33
CA ALA B 440 6.46 -34.77 1.43
C ALA B 440 6.99 -34.83 0.02
N SER B 441 8.22 -34.39 -0.12
CA SER B 441 8.90 -34.48 -1.40
C SER B 441 10.37 -34.78 -1.19
N VAL B 442 10.97 -35.26 -2.29
CA VAL B 442 12.41 -35.43 -2.33
C VAL B 442 12.93 -35.17 -3.74
N LEU B 443 14.05 -34.47 -3.79
CA LEU B 443 14.67 -34.20 -5.05
C LEU B 443 16.15 -34.49 -4.87
N VAL B 444 16.66 -35.26 -5.82
CA VAL B 444 18.10 -35.56 -5.88
C VAL B 444 18.63 -34.99 -7.17
N LYS B 445 19.88 -34.49 -7.12
CA LYS B 445 20.55 -34.01 -8.33
C LYS B 445 21.80 -34.81 -8.63
N PRO B 446 21.68 -35.90 -9.39
CA PRO B 446 22.85 -36.70 -9.72
C PRO B 446 23.88 -35.94 -10.55
N LEU B 447 23.40 -35.28 -11.62
CA LEU B 447 24.20 -34.34 -12.38
C LEU B 447 23.75 -32.93 -12.05
N GLN B 448 24.68 -31.98 -12.21
CA GLN B 448 24.38 -30.56 -12.02
C GLN B 448 23.08 -30.23 -12.76
N ASP B 449 22.90 -30.78 -13.96
N ASP B 449 22.90 -30.85 -13.93
CA ASP B 449 21.76 -30.47 -14.83
CA ASP B 449 21.83 -30.55 -14.87
C ASP B 449 20.73 -31.60 -14.92
C ASP B 449 20.81 -31.68 -14.97
N LEU B 450 20.69 -32.52 -13.93
CA LEU B 450 19.68 -33.58 -13.95
C LEU B 450 19.01 -33.65 -12.57
N SER B 451 17.70 -33.42 -12.53
CA SER B 451 16.95 -33.51 -11.29
C SER B 451 15.99 -34.70 -11.33
N LEU B 452 15.96 -35.49 -10.23
CA LEU B 452 14.98 -36.55 -10.11
C LEU B 452 14.17 -36.28 -8.86
N TYR B 453 12.86 -36.46 -8.91
CA TYR B 453 12.03 -36.03 -7.78
C TYR B 453 10.81 -36.93 -7.57
N ALA B 454 10.26 -36.82 -6.34
CA ALA B 454 9.01 -37.43 -6.02
C ALA B 454 8.21 -36.50 -5.11
N ASN B 455 6.87 -36.50 -5.22
CA ASN B 455 6.14 -35.81 -4.18
C ASN B 455 4.93 -36.64 -3.77
N TYR B 456 4.40 -36.31 -2.60
CA TYR B 456 3.03 -36.64 -2.22
C TYR B 456 2.37 -35.35 -1.73
N ILE B 457 1.16 -35.07 -2.19
CA ILE B 457 0.51 -33.87 -1.78
C ILE B 457 -0.96 -34.09 -2.02
N GLN B 458 -1.79 -33.28 -1.33
CA GLN B 458 -3.24 -33.41 -1.43
C GLN B 458 -3.90 -32.16 -2.00
N GLY B 459 -5.16 -32.37 -2.34
CA GLY B 459 -6.03 -31.31 -2.82
C GLY B 459 -7.29 -31.43 -1.99
N LEU B 460 -7.96 -30.31 -1.75
CA LEU B 460 -9.19 -30.32 -1.00
C LEU B 460 -10.26 -29.59 -1.78
N SER B 461 -11.49 -30.11 -1.65
CA SER B 461 -12.71 -29.45 -2.07
C SER B 461 -13.73 -29.54 -0.92
N GLN B 462 -14.51 -28.46 -0.75
CA GLN B 462 -15.71 -28.48 0.12
C GLN B 462 -16.70 -29.52 -0.38
N GLY B 463 -17.31 -30.26 0.51
CA GLY B 463 -18.37 -31.15 0.09
C GLY B 463 -19.48 -30.41 -0.66
N GLU B 464 -20.17 -31.16 -1.50
CA GLU B 464 -21.32 -30.70 -2.25
C GLU B 464 -22.57 -30.83 -1.40
N ALA B 465 -23.58 -30.05 -1.82
CA ALA B 465 -24.93 -30.06 -1.26
C ALA B 465 -25.72 -31.16 -1.98
N ALA B 466 -26.37 -32.02 -1.21
CA ALA B 466 -27.22 -33.04 -1.79
C ALA B 466 -28.37 -32.34 -2.54
N PRO B 467 -28.63 -32.74 -3.81
CA PRO B 467 -29.61 -32.00 -4.62
C PRO B 467 -31.04 -32.12 -4.08
N MET B 468 -31.95 -31.28 -4.60
CA MET B 468 -33.16 -30.99 -3.82
C MET B 468 -34.15 -32.13 -3.96
N THR B 469 -33.88 -33.14 -4.81
CA THR B 469 -34.70 -34.33 -4.85
C THR B 469 -34.13 -35.50 -4.05
N ALA B 470 -32.91 -35.41 -3.50
CA ALA B 470 -32.36 -36.59 -2.85
C ALA B 470 -32.93 -36.69 -1.44
N ALA B 471 -32.77 -37.86 -0.80
CA ALA B 471 -33.21 -38.06 0.55
C ALA B 471 -32.57 -37.05 1.52
N ASN B 472 -31.30 -36.66 1.30
CA ASN B 472 -30.56 -35.78 2.19
C ASN B 472 -30.47 -34.39 1.56
N ALA B 473 -31.54 -34.00 0.83
CA ALA B 473 -31.73 -32.70 0.23
C ALA B 473 -31.10 -31.63 1.09
N GLY B 474 -30.14 -30.89 0.51
CA GLY B 474 -29.64 -29.66 1.13
C GLY B 474 -28.43 -29.84 2.05
N GLN B 475 -28.19 -31.06 2.53
CA GLN B 475 -27.03 -31.41 3.32
C GLN B 475 -25.70 -31.40 2.57
N VAL B 476 -24.70 -30.82 3.22
CA VAL B 476 -23.41 -30.58 2.59
C VAL B 476 -22.48 -31.67 3.10
N LEU B 477 -21.94 -32.46 2.15
CA LEU B 477 -21.02 -33.55 2.46
C LEU B 477 -19.70 -33.03 3.03
N ALA B 478 -18.99 -33.96 3.65
CA ALA B 478 -17.69 -33.74 4.20
C ALA B 478 -16.77 -33.36 3.03
N PRO B 479 -15.64 -32.66 3.26
CA PRO B 479 -14.71 -32.29 2.18
C PRO B 479 -14.15 -33.48 1.43
N TYR B 480 -13.80 -33.24 0.14
CA TYR B 480 -13.21 -34.26 -0.68
C TYR B 480 -11.72 -34.11 -0.61
N LYS B 481 -11.06 -35.17 -0.14
CA LYS B 481 -9.61 -35.10 -0.06
C LYS B 481 -8.95 -35.78 -1.23
N ALA B 482 -8.38 -35.03 -2.20
CA ALA B 482 -7.62 -35.64 -3.29
C ALA B 482 -6.18 -35.93 -2.85
N GLU B 483 -5.59 -37.03 -3.38
CA GLU B 483 -4.21 -37.38 -3.02
C GLU B 483 -3.39 -37.62 -4.28
N GLN B 484 -2.25 -36.96 -4.34
CA GLN B 484 -1.33 -37.12 -5.45
C GLN B 484 -0.03 -37.80 -5.00
N TYR B 485 0.44 -38.66 -5.90
CA TYR B 485 1.80 -39.14 -5.94
C TYR B 485 2.36 -38.82 -7.32
N GLU B 486 3.61 -38.35 -7.36
CA GLU B 486 4.26 -38.08 -8.62
C GLU B 486 5.73 -38.42 -8.49
N ILE B 487 6.34 -38.79 -9.61
CA ILE B 487 7.77 -38.90 -9.75
C ILE B 487 8.11 -38.33 -11.12
N GLY B 488 9.31 -37.78 -11.25
CA GLY B 488 9.68 -37.29 -12.56
C GLY B 488 11.16 -37.03 -12.64
N ALA B 489 11.60 -36.50 -13.78
CA ALA B 489 13.00 -36.23 -14.07
C ALA B 489 13.08 -35.00 -14.94
N LYS B 490 14.02 -34.12 -14.69
CA LYS B 490 14.13 -32.94 -15.53
C LYS B 490 15.59 -32.86 -15.97
N TYR B 491 15.84 -32.68 -17.26
CA TYR B 491 17.23 -32.62 -17.74
C TYR B 491 17.47 -31.34 -18.53
N ASP B 492 18.32 -30.48 -18.01
CA ASP B 492 18.59 -29.20 -18.62
C ASP B 492 19.94 -29.23 -19.34
N LEU B 493 19.90 -29.27 -20.68
CA LEU B 493 21.08 -29.35 -21.53
C LEU B 493 21.65 -27.97 -21.82
N GLY B 494 21.31 -26.92 -21.08
CA GLY B 494 21.85 -25.61 -21.42
C GLY B 494 20.83 -24.82 -22.23
N GLY B 495 20.66 -25.19 -23.51
CA GLY B 495 19.74 -24.52 -24.42
C GLY B 495 18.30 -25.08 -24.40
N PHE B 496 18.10 -26.35 -24.05
CA PHE B 496 16.74 -26.84 -23.87
C PHE B 496 16.68 -27.85 -22.74
N THR B 497 15.45 -28.05 -22.26
CA THR B 497 15.11 -28.90 -21.14
C THR B 497 14.09 -29.92 -21.60
N THR B 498 14.26 -31.18 -21.15
CA THR B 498 13.23 -32.22 -21.26
C THR B 498 12.81 -32.67 -19.87
N THR B 499 11.50 -32.86 -19.69
CA THR B 499 10.95 -33.33 -18.42
C THR B 499 10.02 -34.49 -18.72
N LEU B 500 9.87 -35.31 -17.69
CA LEU B 500 9.07 -36.53 -17.72
C LEU B 500 8.45 -36.59 -16.33
N ALA B 501 7.19 -36.92 -16.26
CA ALA B 501 6.55 -37.14 -14.98
C ALA B 501 5.49 -38.22 -15.12
N LEU B 502 5.30 -38.93 -14.01
CA LEU B 502 4.26 -39.92 -13.88
C LEU B 502 3.51 -39.49 -12.64
N PHE B 503 2.21 -39.41 -12.75
CA PHE B 503 1.43 -39.18 -11.55
C PHE B 503 0.24 -40.12 -11.40
N GLU B 504 -0.22 -40.15 -10.16
CA GLU B 504 -1.59 -40.53 -9.92
C GLU B 504 -2.29 -39.55 -8.99
N ILE B 505 -3.55 -39.26 -9.28
CA ILE B 505 -4.40 -38.47 -8.39
C ILE B 505 -5.69 -39.25 -8.14
N ARG B 506 -5.95 -39.50 -6.85
CA ARG B 506 -7.18 -40.14 -6.49
C ARG B 506 -8.05 -39.11 -5.78
N LYS B 507 -9.37 -39.11 -6.08
CA LYS B 507 -10.28 -38.18 -5.46
C LYS B 507 -11.65 -38.81 -5.31
N PRO B 508 -12.31 -38.57 -4.17
CA PRO B 508 -13.69 -39.03 -3.96
C PRO B 508 -14.60 -38.22 -4.86
N ASN B 509 -15.70 -38.77 -5.35
N ASN B 509 -15.68 -38.86 -5.35
CA ASN B 509 -16.75 -37.95 -5.93
CA ASN B 509 -16.75 -38.29 -6.17
C ASN B 509 -18.10 -38.53 -5.49
C ASN B 509 -18.10 -38.55 -5.46
N ALA B 510 -19.12 -37.76 -5.80
CA ALA B 510 -20.41 -37.91 -5.13
C ALA B 510 -21.49 -38.25 -6.15
N TYR B 511 -22.33 -39.23 -5.83
CA TYR B 511 -23.54 -39.54 -6.60
C TYR B 511 -24.69 -39.87 -5.65
N THR B 512 -25.90 -40.00 -6.22
CA THR B 512 -27.10 -40.51 -5.54
C THR B 512 -27.17 -42.04 -5.70
N ASP B 513 -27.10 -42.79 -4.59
CA ASP B 513 -27.10 -44.26 -4.61
C ASP B 513 -28.51 -44.76 -4.97
N ALA B 514 -28.68 -46.09 -5.09
CA ALA B 514 -29.96 -46.69 -5.46
C ALA B 514 -31.05 -46.33 -4.45
N SER B 515 -30.66 -46.40 -3.18
CA SER B 515 -31.42 -45.90 -2.04
C SER B 515 -31.69 -44.38 -2.05
N ASN B 516 -31.42 -43.65 -3.16
CA ASN B 516 -31.60 -42.19 -3.27
C ASN B 516 -30.98 -41.33 -2.14
N VAL B 517 -29.84 -41.78 -1.58
CA VAL B 517 -28.95 -40.90 -0.83
C VAL B 517 -27.70 -40.47 -1.62
N PHE B 518 -27.49 -39.14 -1.61
CA PHE B 518 -26.28 -38.48 -2.10
C PHE B 518 -25.11 -38.75 -1.16
N ARG B 519 -24.19 -39.62 -1.57
CA ARG B 519 -23.03 -39.85 -0.74
C ARG B 519 -21.78 -39.70 -1.62
N ALA B 520 -20.64 -39.48 -0.97
CA ALA B 520 -19.39 -39.37 -1.69
C ALA B 520 -18.66 -40.72 -1.64
N ASP B 521 -19.25 -41.77 -2.18
CA ASP B 521 -18.62 -43.08 -2.18
C ASP B 521 -17.96 -43.33 -3.52
N GLY B 522 -18.04 -42.38 -4.44
CA GLY B 522 -17.38 -42.59 -5.72
C GLY B 522 -15.90 -42.32 -5.56
N GLU B 523 -15.11 -42.93 -6.42
CA GLU B 523 -13.69 -42.64 -6.42
C GLU B 523 -13.27 -42.55 -7.88
N GLN B 524 -12.44 -41.52 -8.15
CA GLN B 524 -11.78 -41.32 -9.41
C GLN B 524 -10.27 -41.50 -9.22
N ARG B 525 -9.64 -42.10 -10.21
CA ARG B 525 -8.21 -42.38 -10.12
C ARG B 525 -7.61 -42.07 -11.46
N ASN B 526 -6.94 -40.92 -11.53
CA ASN B 526 -6.35 -40.41 -12.77
C ASN B 526 -4.84 -40.69 -12.72
N ARG B 527 -4.35 -41.52 -13.66
CA ARG B 527 -2.94 -41.84 -13.72
C ARG B 527 -2.40 -41.33 -15.04
N GLY B 528 -1.25 -40.65 -14.99
CA GLY B 528 -0.80 -40.05 -16.21
C GLY B 528 0.71 -40.02 -16.35
N VAL B 529 1.13 -39.77 -17.59
N VAL B 529 1.13 -39.69 -17.56
CA VAL B 529 2.49 -39.52 -18.00
CA VAL B 529 2.52 -39.49 -17.90
C VAL B 529 2.47 -38.12 -18.60
C VAL B 529 2.59 -38.21 -18.73
N GLU B 530 3.56 -37.38 -18.41
CA GLU B 530 3.70 -36.09 -19.09
C GLU B 530 5.10 -35.98 -19.62
N LEU B 531 5.21 -35.59 -20.89
CA LEU B 531 6.49 -35.33 -21.47
C LEU B 531 6.56 -33.91 -22.02
N SER B 532 7.68 -33.18 -21.76
CA SER B 532 7.91 -31.83 -22.24
C SER B 532 9.33 -31.69 -22.81
N LEU B 533 9.45 -30.79 -23.82
CA LEU B 533 10.69 -30.25 -24.32
C LEU B 533 10.55 -28.74 -24.56
N TYR B 534 11.51 -27.93 -24.15
CA TYR B 534 11.34 -26.50 -24.32
C TYR B 534 12.70 -25.85 -24.35
N GLY B 535 12.79 -24.80 -25.17
CA GLY B 535 13.94 -23.91 -25.11
C GLY B 535 14.29 -23.44 -26.51
N GLU B 536 15.59 -23.28 -26.75
CA GLU B 536 16.11 -22.78 -28.00
C GLU B 536 17.17 -23.74 -28.53
N PRO B 537 16.79 -24.87 -29.13
CA PRO B 537 17.78 -25.88 -29.43
C PRO B 537 18.74 -25.48 -30.53
N LEU B 538 18.36 -24.57 -31.42
CA LEU B 538 19.30 -23.98 -32.38
C LEU B 538 19.15 -22.49 -32.24
N ASP B 539 20.20 -21.74 -32.58
CA ASP B 539 20.11 -20.29 -32.56
C ASP B 539 18.94 -19.80 -33.43
N GLY B 540 18.04 -18.99 -32.87
CA GLY B 540 16.88 -18.46 -33.58
C GLY B 540 15.77 -19.49 -33.80
N VAL B 541 15.79 -20.64 -33.09
CA VAL B 541 14.75 -21.63 -33.27
C VAL B 541 14.29 -22.10 -31.89
N ARG B 542 13.15 -21.55 -31.47
CA ARG B 542 12.58 -21.81 -30.16
C ARG B 542 11.44 -22.82 -30.27
N VAL B 543 11.40 -23.79 -29.36
CA VAL B 543 10.49 -24.93 -29.47
C VAL B 543 9.86 -25.12 -28.09
N MET B 544 8.52 -25.29 -28.03
CA MET B 544 7.81 -25.67 -26.81
C MET B 544 6.89 -26.79 -27.22
N ALA B 545 7.14 -27.99 -26.70
CA ALA B 545 6.42 -29.17 -27.15
C ALA B 545 6.10 -30.03 -25.94
N GLY B 546 5.06 -30.83 -26.06
CA GLY B 546 4.77 -31.81 -25.04
C GLY B 546 3.59 -32.69 -25.40
N ALA B 547 3.44 -33.70 -24.59
CA ALA B 547 2.37 -34.70 -24.70
C ALA B 547 2.05 -35.23 -23.32
N THR B 548 0.76 -35.49 -23.13
CA THR B 548 0.29 -36.16 -21.96
C THR B 548 -0.54 -37.38 -22.37
N TYR B 549 -0.47 -38.41 -21.55
CA TYR B 549 -1.35 -39.54 -21.63
C TYR B 549 -1.95 -39.71 -20.25
N ILE B 550 -3.27 -39.83 -20.20
CA ILE B 550 -3.94 -40.01 -18.94
C ILE B 550 -5.02 -41.08 -19.06
N LYS B 551 -5.16 -41.88 -18.00
CA LYS B 551 -6.21 -42.86 -17.85
C LYS B 551 -7.08 -42.38 -16.72
N PRO B 552 -8.26 -41.82 -17.01
CA PRO B 552 -9.02 -41.19 -15.93
C PRO B 552 -10.16 -42.08 -15.46
N GLU B 553 -9.84 -42.99 -14.56
CA GLU B 553 -10.72 -44.11 -14.29
C GLU B 553 -11.76 -43.71 -13.25
N GLN B 554 -13.04 -43.95 -13.55
CA GLN B 554 -14.03 -44.01 -12.49
C GLN B 554 -13.95 -45.39 -11.81
N ASN B 555 -13.00 -45.55 -10.88
CA ASN B 555 -12.69 -46.85 -10.28
C ASN B 555 -13.78 -47.22 -9.27
N LYS B 556 -14.76 -46.36 -9.01
CA LYS B 556 -15.89 -46.77 -8.20
C LYS B 556 -17.07 -45.86 -8.37
N THR B 557 -18.24 -46.45 -8.76
CA THR B 557 -19.41 -45.69 -9.17
C THR B 557 -20.71 -46.28 -8.62
N GLY B 558 -20.71 -47.55 -8.17
CA GLY B 558 -21.92 -48.26 -7.76
C GLY B 558 -22.77 -48.75 -8.95
N ASP B 559 -22.49 -48.21 -10.14
CA ASP B 559 -23.29 -48.48 -11.31
C ASP B 559 -22.43 -49.20 -12.35
N PRO B 560 -22.79 -50.43 -12.77
CA PRO B 560 -21.93 -51.22 -13.64
C PRO B 560 -21.74 -50.53 -14.97
N ALA B 561 -22.74 -49.73 -15.39
CA ALA B 561 -22.69 -48.97 -16.63
C ALA B 561 -21.52 -47.98 -16.70
N SER B 562 -20.98 -47.56 -15.55
CA SER B 562 -19.97 -46.50 -15.57
C SER B 562 -18.71 -46.94 -14.83
N GLU B 563 -18.75 -48.09 -14.14
CA GLU B 563 -17.67 -48.54 -13.30
C GLU B 563 -16.45 -48.91 -14.15
N GLY B 564 -15.28 -48.36 -13.79
CA GLY B 564 -14.03 -48.55 -14.51
C GLY B 564 -13.98 -47.81 -15.84
N LYS B 565 -15.00 -47.03 -16.17
CA LYS B 565 -14.93 -46.24 -17.38
C LYS B 565 -14.25 -44.90 -17.11
N ASP B 566 -14.13 -44.13 -18.17
CA ASP B 566 -13.35 -42.92 -18.15
C ASP B 566 -14.22 -41.75 -17.71
N ALA B 567 -13.67 -40.93 -16.80
CA ALA B 567 -14.35 -39.69 -16.42
C ALA B 567 -14.65 -38.88 -17.67
N PRO B 568 -15.86 -38.30 -17.75
CA PRO B 568 -16.22 -37.42 -18.84
C PRO B 568 -15.38 -36.14 -18.89
N GLY B 569 -15.13 -35.63 -20.11
CA GLY B 569 -14.40 -34.40 -20.29
C GLY B 569 -12.91 -34.55 -20.13
N VAL B 570 -12.38 -35.77 -20.24
CA VAL B 570 -10.95 -35.93 -20.12
C VAL B 570 -10.42 -36.77 -21.26
N ALA B 571 -9.79 -36.13 -22.23
CA ALA B 571 -9.17 -36.88 -23.31
C ALA B 571 -8.04 -37.70 -22.69
N ARG B 572 -7.77 -38.88 -23.25
CA ARG B 572 -6.65 -39.66 -22.74
C ARG B 572 -5.36 -39.11 -23.29
N ARG B 573 -5.41 -38.49 -24.48
CA ARG B 573 -4.19 -38.03 -25.11
C ARG B 573 -4.31 -36.56 -25.46
N GLN B 574 -3.22 -35.83 -25.27
CA GLN B 574 -3.15 -34.40 -25.62
C GLN B 574 -1.72 -34.12 -26.03
N ALA B 575 -1.54 -33.15 -26.92
CA ALA B 575 -0.22 -32.72 -27.28
C ALA B 575 -0.24 -31.33 -27.89
N ASN B 576 0.91 -30.68 -27.80
CA ASN B 576 1.14 -29.34 -28.29
C ASN B 576 2.54 -29.29 -28.89
N LEU B 577 2.68 -28.57 -30.00
CA LEU B 577 3.99 -28.30 -30.58
C LEU B 577 4.00 -26.87 -31.07
N GLY B 578 4.96 -26.11 -30.55
CA GLY B 578 5.14 -24.71 -30.89
C GLY B 578 6.57 -24.46 -31.38
N VAL B 579 6.68 -23.71 -32.49
CA VAL B 579 7.97 -23.30 -33.02
C VAL B 579 7.91 -21.81 -33.32
N SER B 580 8.99 -21.12 -32.98
CA SER B 580 9.22 -19.72 -33.23
C SER B 580 10.63 -19.61 -33.85
N TRP B 581 10.66 -19.05 -35.04
CA TRP B 581 11.83 -19.04 -35.90
C TRP B 581 12.23 -17.61 -36.32
N ASP B 582 13.47 -17.22 -35.95
CA ASP B 582 13.97 -15.94 -36.40
C ASP B 582 14.62 -16.21 -37.73
N THR B 583 13.95 -15.72 -38.77
CA THR B 583 14.36 -16.09 -40.10
C THR B 583 15.77 -15.50 -40.25
N PRO B 584 16.85 -16.33 -40.40
CA PRO B 584 18.19 -15.80 -40.61
C PRO B 584 18.27 -14.96 -41.91
N PHE B 585 17.18 -14.92 -42.70
CA PHE B 585 17.33 -14.32 -44.01
C PHE B 585 16.52 -13.05 -44.18
N VAL B 586 15.71 -12.65 -43.19
CA VAL B 586 15.16 -11.28 -43.15
C VAL B 586 15.31 -10.68 -41.74
N ASP B 587 15.84 -9.46 -41.62
CA ASP B 587 16.24 -9.00 -40.29
C ASP B 587 15.03 -8.58 -39.45
N GLY B 588 14.93 -9.10 -38.23
CA GLY B 588 13.80 -8.84 -37.36
C GLY B 588 12.51 -9.55 -37.76
N LEU B 589 12.56 -10.56 -38.65
CA LEU B 589 11.33 -11.25 -39.00
C LEU B 589 11.30 -12.59 -38.31
N THR B 590 10.23 -12.84 -37.53
CA THR B 590 10.04 -14.08 -36.79
C THR B 590 8.72 -14.73 -37.17
N LEU B 591 8.69 -16.06 -37.36
CA LEU B 591 7.54 -16.81 -37.79
C LEU B 591 7.31 -17.90 -36.77
N ASP B 592 6.04 -18.04 -36.38
CA ASP B 592 5.58 -18.93 -35.34
C ASP B 592 4.51 -19.84 -35.91
N SER B 593 4.51 -21.08 -35.42
CA SER B 593 3.41 -21.99 -35.69
C SER B 593 3.15 -22.81 -34.44
N ARG B 594 1.90 -23.25 -34.28
CA ARG B 594 1.47 -24.00 -33.14
C ARG B 594 0.57 -25.09 -33.67
N TRP B 595 0.64 -26.24 -33.04
CA TRP B 595 -0.27 -27.31 -33.33
C TRP B 595 -0.75 -27.80 -31.99
N ILE B 596 -2.06 -27.79 -31.81
CA ILE B 596 -2.67 -28.25 -30.57
C ILE B 596 -3.53 -29.46 -30.89
N TYR B 597 -3.40 -30.50 -30.09
CA TYR B 597 -4.08 -31.78 -30.29
C TYR B 597 -4.75 -32.24 -29.02
N THR B 598 -6.04 -32.56 -29.17
CA THR B 598 -6.84 -33.18 -28.14
C THR B 598 -7.48 -34.46 -28.64
N GLY B 599 -7.22 -35.55 -27.91
CA GLY B 599 -7.84 -36.82 -28.23
C GLY B 599 -9.39 -36.81 -28.07
N SER B 600 -9.99 -37.94 -28.42
CA SER B 600 -11.40 -38.16 -28.20
C SER B 600 -11.65 -38.27 -26.71
N ALA B 601 -12.90 -37.99 -26.37
CA ALA B 601 -13.31 -38.10 -24.98
C ALA B 601 -14.82 -38.35 -24.98
N TYR B 602 -15.34 -38.45 -23.76
CA TYR B 602 -16.74 -38.69 -23.53
C TYR B 602 -17.35 -37.56 -22.76
N VAL B 603 -18.67 -37.47 -22.92
CA VAL B 603 -19.44 -36.45 -22.22
C VAL B 603 -20.23 -37.05 -21.07
N ASP B 604 -20.37 -38.40 -21.00
CA ASP B 604 -21.20 -39.06 -20.02
C ASP B 604 -20.38 -40.10 -19.29
N SER B 605 -20.85 -40.47 -18.10
CA SER B 605 -20.09 -41.36 -17.24
C SER B 605 -20.22 -42.78 -17.73
N ALA B 606 -21.24 -43.08 -18.52
CA ALA B 606 -21.37 -44.41 -19.13
C ALA B 606 -20.53 -44.52 -20.39
N ASN B 607 -19.94 -43.40 -20.84
CA ASN B 607 -19.10 -43.44 -22.04
C ASN B 607 -19.93 -43.95 -23.23
N ALA B 608 -21.24 -43.60 -23.31
CA ALA B 608 -22.01 -43.84 -24.54
C ALA B 608 -21.85 -42.70 -25.54
N LEU B 609 -21.41 -41.52 -25.06
CA LEU B 609 -21.44 -40.34 -25.90
C LEU B 609 -20.02 -39.82 -26.10
N ALA B 610 -19.42 -40.22 -27.22
CA ALA B 610 -18.04 -39.89 -27.49
C ALA B 610 -18.01 -38.64 -28.37
N VAL B 611 -16.96 -37.85 -28.19
CA VAL B 611 -16.74 -36.74 -29.08
C VAL B 611 -15.38 -36.95 -29.71
N PRO B 612 -15.24 -36.55 -30.96
CA PRO B 612 -13.99 -36.82 -31.67
C PRO B 612 -12.79 -36.06 -31.09
N HIS B 613 -11.62 -36.53 -31.49
CA HIS B 613 -10.39 -35.77 -31.36
C HIS B 613 -10.50 -34.47 -32.14
N TRP B 614 -9.61 -33.53 -31.84
CA TRP B 614 -9.54 -32.33 -32.66
C TRP B 614 -8.15 -31.77 -32.70
N ASN B 615 -7.92 -30.97 -33.73
CA ASN B 615 -6.64 -30.34 -34.04
C ASN B 615 -6.86 -28.84 -34.27
N ARG B 616 -5.98 -28.01 -33.69
CA ARG B 616 -5.98 -26.61 -34.05
C ARG B 616 -4.55 -26.25 -34.47
N VAL B 617 -4.44 -25.40 -35.50
CA VAL B 617 -3.23 -24.84 -36.00
C VAL B 617 -3.30 -23.32 -35.90
N ASP B 618 -2.23 -22.74 -35.32
CA ASP B 618 -2.05 -21.29 -35.30
C ASP B 618 -0.81 -20.88 -36.08
N LEU B 619 -0.85 -19.72 -36.75
CA LEU B 619 0.27 -19.14 -37.45
C LEU B 619 0.48 -17.71 -36.96
N GLY B 620 1.75 -17.33 -36.80
CA GLY B 620 2.03 -15.97 -36.39
C GLY B 620 3.26 -15.42 -37.10
N ALA B 621 3.35 -14.08 -37.13
CA ALA B 621 4.53 -13.44 -37.63
C ALA B 621 4.71 -12.17 -36.84
N ALA B 622 5.98 -11.84 -36.68
CA ALA B 622 6.33 -10.60 -36.03
C ALA B 622 7.47 -9.94 -36.79
N TYR B 623 7.34 -8.65 -37.00
CA TYR B 623 8.39 -7.94 -37.73
C TYR B 623 8.85 -6.69 -36.97
N ALA B 624 10.14 -6.72 -36.50
CA ALA B 624 10.77 -5.68 -35.70
C ALA B 624 11.56 -4.76 -36.62
N PHE B 625 11.34 -3.45 -36.43
CA PHE B 625 11.97 -2.45 -37.26
C PHE B 625 11.99 -1.12 -36.51
N GLN B 626 12.64 -0.12 -37.10
CA GLN B 626 12.89 1.17 -36.47
C GLN B 626 12.25 2.30 -37.27
N VAL B 627 11.82 3.34 -36.56
CA VAL B 627 11.42 4.60 -37.18
C VAL B 627 11.90 5.71 -36.26
N ALA B 628 12.72 6.64 -36.80
CA ALA B 628 13.14 7.81 -36.05
C ALA B 628 13.88 7.39 -34.80
N GLY B 629 14.66 6.31 -34.88
CA GLY B 629 15.35 5.80 -33.70
C GLY B 629 14.46 4.92 -32.79
N LYS B 630 13.13 4.88 -32.99
CA LYS B 630 12.26 4.19 -32.05
C LYS B 630 12.10 2.75 -32.52
N PRO B 631 12.16 1.73 -31.63
CA PRO B 631 11.72 0.37 -31.99
C PRO B 631 10.20 0.18 -32.14
N LEU B 632 9.82 -0.47 -33.25
CA LEU B 632 8.44 -0.88 -33.48
C LEU B 632 8.44 -2.39 -33.76
N VAL B 633 7.27 -3.00 -33.53
CA VAL B 633 7.04 -4.38 -33.89
C VAL B 633 5.63 -4.48 -34.42
N ALA B 634 5.51 -4.92 -35.70
CA ALA B 634 4.26 -5.35 -36.29
C ALA B 634 4.08 -6.86 -36.11
N ARG B 635 2.88 -7.25 -35.71
CA ARG B 635 2.57 -8.67 -35.50
C ARG B 635 1.23 -9.06 -36.08
N ALA B 636 1.15 -10.35 -36.41
CA ALA B 636 -0.04 -10.98 -36.92
C ALA B 636 -0.16 -12.33 -36.23
N ASN B 637 -1.38 -12.64 -35.80
CA ASN B 637 -1.70 -13.96 -35.26
C ASN B 637 -2.97 -14.49 -35.92
N LEU B 638 -2.85 -15.75 -36.40
CA LEU B 638 -3.93 -16.45 -37.05
C LEU B 638 -4.21 -17.73 -36.27
N GLU B 639 -5.25 -17.65 -35.44
CA GLU B 639 -5.66 -18.75 -34.58
C GLU B 639 -6.65 -19.62 -35.33
N ASN B 640 -6.51 -20.94 -35.18
CA ASN B 640 -7.36 -21.87 -35.90
C ASN B 640 -7.27 -21.59 -37.39
N ALA B 641 -6.02 -21.60 -37.88
CA ALA B 641 -5.78 -21.19 -39.25
C ALA B 641 -6.54 -22.06 -40.26
N LEU B 642 -6.76 -23.32 -39.91
CA LEU B 642 -7.45 -24.23 -40.82
C LEU B 642 -8.97 -24.12 -40.69
N GLY B 643 -9.48 -23.28 -39.79
CA GLY B 643 -10.91 -23.13 -39.59
C GLY B 643 -11.59 -24.45 -39.26
N LYS B 644 -11.07 -25.14 -38.27
CA LYS B 644 -11.68 -26.36 -37.81
C LYS B 644 -12.81 -26.04 -36.81
N ASP B 645 -13.90 -26.83 -36.85
CA ASP B 645 -14.99 -26.71 -35.89
C ASP B 645 -14.91 -27.94 -35.01
N TYR B 646 -14.89 -27.75 -33.68
CA TYR B 646 -14.79 -28.92 -32.81
C TYR B 646 -15.39 -28.65 -31.45
N TRP B 647 -15.97 -29.71 -30.86
CA TRP B 647 -16.43 -29.68 -29.50
C TRP B 647 -15.27 -29.94 -28.54
N THR B 648 -15.30 -29.28 -27.38
CA THR B 648 -14.51 -29.62 -26.22
C THR B 648 -15.45 -30.28 -25.24
N ALA B 649 -15.18 -31.54 -24.86
CA ALA B 649 -16.01 -32.26 -23.91
C ALA B 649 -15.77 -31.78 -22.49
N ALA B 650 -16.87 -31.72 -21.77
CA ALA B 650 -16.87 -31.56 -20.34
C ALA B 650 -17.83 -32.61 -19.76
N ASN B 651 -18.08 -32.51 -18.46
CA ASN B 651 -18.98 -33.42 -17.76
C ASN B 651 -20.45 -33.03 -18.00
N GLY B 652 -21.08 -33.61 -19.03
CA GLY B 652 -22.52 -33.43 -19.26
C GLY B 652 -22.80 -32.24 -20.19
N TYR B 653 -21.70 -31.60 -20.66
CA TYR B 653 -21.85 -30.56 -21.66
C TYR B 653 -20.59 -30.46 -22.54
N LEU B 654 -20.69 -29.65 -23.58
CA LEU B 654 -19.63 -29.35 -24.53
C LEU B 654 -19.53 -27.85 -24.78
N SER B 655 -18.33 -27.36 -25.14
CA SER B 655 -18.28 -26.01 -25.63
C SER B 655 -17.62 -26.00 -26.99
N ILE B 656 -18.16 -25.08 -27.78
CA ILE B 656 -17.80 -24.91 -29.17
C ILE B 656 -16.51 -24.10 -29.25
N SER B 657 -15.78 -24.45 -30.33
CA SER B 657 -14.56 -23.85 -30.78
C SER B 657 -14.81 -22.39 -31.19
N SER B 658 -13.76 -21.59 -31.02
CA SER B 658 -13.63 -20.29 -31.66
C SER B 658 -13.23 -20.49 -33.11
N PRO B 659 -13.75 -19.64 -34.00
CA PRO B 659 -13.45 -19.68 -35.43
C PRO B 659 -12.04 -19.21 -35.72
N ARG B 660 -11.63 -19.32 -36.98
CA ARG B 660 -10.38 -18.79 -37.44
C ARG B 660 -10.39 -17.29 -37.17
N THR B 661 -9.34 -16.80 -36.51
CA THR B 661 -9.39 -15.45 -35.97
C THR B 661 -8.03 -14.79 -36.18
N LEU B 662 -8.02 -13.70 -36.95
CA LEU B 662 -6.82 -12.92 -37.20
C LEU B 662 -6.82 -11.70 -36.28
N SER B 663 -5.66 -11.52 -35.66
CA SER B 663 -5.30 -10.30 -34.91
C SER B 663 -4.06 -9.66 -35.55
N LEU B 664 -4.06 -8.33 -35.61
CA LEU B 664 -2.95 -7.58 -36.12
C LEU B 664 -2.59 -6.54 -35.05
N SER B 665 -1.30 -6.28 -34.85
CA SER B 665 -0.94 -5.24 -33.90
C SER B 665 0.32 -4.51 -34.33
N LEU B 666 0.44 -3.23 -33.92
CA LEU B 666 1.68 -2.47 -33.99
C LEU B 666 2.01 -1.90 -32.62
N THR B 667 3.24 -2.09 -32.21
CA THR B 667 3.74 -1.67 -30.92
C THR B 667 4.88 -0.70 -31.18
N ALA B 668 4.90 0.43 -30.43
CA ALA B 668 6.03 1.32 -30.48
C ALA B 668 6.49 1.68 -29.06
N ASP B 669 7.80 1.79 -28.91
CA ASP B 669 8.41 2.22 -27.67
C ASP B 669 8.98 3.62 -27.85
N PHE B 670 8.58 4.52 -26.96
CA PHE B 670 9.02 5.91 -27.02
C PHE B 670 9.95 6.27 -25.85
#